data_9FP9
#
_entry.id   9FP9
#
_entity_poly.entity_id   1
_entity_poly.type   'polypeptide(L)'
_entity_poly.pdbx_seq_one_letter_code
;MNMDSMDLLGIDPKHVCINTRDIPANAGCFRYDNGNEEWRCLLGYKKNNNTCIEDSNPTCGNNNGGCDPTAGCQTAENRE
NSKKIICTCKEPTPNAYYDGVFCG
;
_entity_poly.pdbx_strand_id   A
#
# COMPACT_ATOMS: atom_id res chain seq x y z
N MET A 1 -0.02 -24.06 7.97
CA MET A 1 0.60 -25.24 7.32
C MET A 1 1.51 -24.81 6.16
N ASN A 2 1.81 -23.52 6.12
CA ASN A 2 2.65 -22.96 5.07
C ASN A 2 3.41 -21.77 5.64
N MET A 3 4.41 -21.30 4.92
CA MET A 3 5.22 -20.18 5.36
C MET A 3 4.97 -18.97 4.47
N ASP A 4 5.76 -17.92 4.65
CA ASP A 4 5.63 -16.71 3.86
C ASP A 4 6.12 -16.92 2.44
N SER A 5 5.29 -16.56 1.49
CA SER A 5 5.60 -16.68 0.07
C SER A 5 4.67 -15.77 -0.73
N MET A 6 5.16 -14.61 -1.10
CA MET A 6 4.35 -13.65 -1.84
C MET A 6 4.89 -13.40 -3.23
N ASP A 7 5.90 -14.16 -3.62
CA ASP A 7 6.49 -14.00 -4.94
C ASP A 7 5.69 -14.78 -5.96
N LEU A 8 4.64 -14.14 -6.43
CA LEU A 8 3.74 -14.71 -7.44
C LEU A 8 2.99 -15.90 -6.86
N LEU A 9 1.88 -15.62 -6.23
CA LEU A 9 1.08 -16.68 -5.63
C LEU A 9 -0.17 -16.91 -6.46
N GLY A 10 -1.10 -15.98 -6.39
CA GLY A 10 -2.35 -16.08 -7.16
C GLY A 10 -3.25 -17.18 -6.65
N ILE A 11 -2.97 -17.67 -5.46
CA ILE A 11 -3.76 -18.73 -4.87
C ILE A 11 -4.93 -18.15 -4.08
N ASP A 12 -5.88 -19.02 -3.73
CA ASP A 12 -7.00 -18.63 -2.88
C ASP A 12 -6.46 -17.98 -1.60
N PRO A 13 -7.21 -17.02 -1.03
CA PRO A 13 -6.80 -16.26 0.18
C PRO A 13 -6.53 -17.12 1.44
N LYS A 14 -5.58 -18.01 1.34
CA LYS A 14 -5.17 -18.85 2.45
C LYS A 14 -4.19 -18.10 3.37
N HIS A 15 -3.53 -17.11 2.79
CA HIS A 15 -2.57 -16.28 3.53
C HIS A 15 -3.04 -14.83 3.56
N VAL A 16 -4.32 -14.64 3.34
CA VAL A 16 -4.88 -13.30 3.30
C VAL A 16 -5.11 -12.77 4.72
N CYS A 17 -5.10 -11.46 4.86
CA CYS A 17 -5.34 -10.85 6.14
C CYS A 17 -6.81 -10.98 6.51
N ILE A 18 -7.08 -11.09 7.81
CA ILE A 18 -8.43 -11.19 8.31
C ILE A 18 -9.16 -9.86 8.17
N ASN A 19 -10.47 -9.89 8.09
CA ASN A 19 -11.24 -8.67 8.04
C ASN A 19 -11.01 -7.91 9.35
N THR A 20 -10.27 -6.82 9.26
CA THR A 20 -9.88 -6.09 10.44
C THR A 20 -10.74 -4.84 10.65
N ARG A 21 -11.04 -4.56 11.89
CA ARG A 21 -11.81 -3.38 12.27
C ARG A 21 -10.89 -2.33 12.85
N ASP A 22 -9.65 -2.70 13.03
CA ASP A 22 -8.64 -1.80 13.58
C ASP A 22 -8.00 -0.99 12.47
N ILE A 23 -7.61 -1.67 11.41
CA ILE A 23 -7.01 -1.01 10.27
C ILE A 23 -8.11 -0.35 9.42
N PRO A 24 -7.92 0.93 9.08
CA PRO A 24 -8.87 1.69 8.26
C PRO A 24 -8.96 1.14 6.83
N ALA A 25 -9.96 1.60 6.10
CA ALA A 25 -10.17 1.17 4.73
C ALA A 25 -9.05 1.73 3.84
N ASN A 26 -8.83 1.05 2.71
CA ASN A 26 -7.79 1.44 1.75
C ASN A 26 -6.40 1.35 2.37
N ALA A 27 -6.22 0.34 3.21
CA ALA A 27 -4.94 0.08 3.84
C ALA A 27 -4.70 -1.42 3.91
N GLY A 28 -3.45 -1.81 3.90
CA GLY A 28 -3.11 -3.22 3.95
C GLY A 28 -2.73 -3.65 5.34
N CYS A 29 -3.33 -4.73 5.80
CA CYS A 29 -3.05 -5.27 7.13
C CYS A 29 -2.21 -6.54 7.02
N PHE A 30 -1.04 -6.52 7.62
CA PHE A 30 -0.18 -7.68 7.62
C PHE A 30 0.05 -8.18 9.03
N ARG A 31 -0.44 -9.36 9.31
CA ARG A 31 -0.23 -9.97 10.60
C ARG A 31 0.70 -11.15 10.46
N TYR A 32 1.82 -11.06 11.13
CA TYR A 32 2.85 -12.05 11.04
C TYR A 32 2.65 -13.16 12.06
N ASP A 33 3.28 -14.29 11.81
CA ASP A 33 3.17 -15.47 12.66
C ASP A 33 3.72 -15.21 14.06
N ASN A 34 4.76 -14.39 14.13
CA ASN A 34 5.40 -14.05 15.40
C ASN A 34 4.50 -13.16 16.26
N GLY A 35 3.42 -12.67 15.67
CA GLY A 35 2.51 -11.81 16.41
C GLY A 35 2.64 -10.37 16.03
N ASN A 36 3.63 -10.09 15.18
CA ASN A 36 3.87 -8.75 14.69
C ASN A 36 2.77 -8.33 13.74
N GLU A 37 2.41 -7.07 13.78
CA GLU A 37 1.37 -6.57 12.91
C GLU A 37 1.80 -5.27 12.24
N GLU A 38 1.63 -5.22 10.95
CA GLU A 38 1.96 -4.05 10.17
C GLU A 38 0.75 -3.58 9.40
N TRP A 39 0.59 -2.29 9.30
CA TRP A 39 -0.49 -1.73 8.54
C TRP A 39 0.07 -0.68 7.60
N ARG A 40 -0.19 -0.85 6.33
CA ARG A 40 0.33 0.04 5.34
C ARG A 40 -0.77 0.75 4.61
N CYS A 41 -0.82 2.04 4.78
CA CYS A 41 -1.81 2.87 4.13
C CYS A 41 -1.43 3.04 2.67
N LEU A 42 -2.39 3.35 1.83
CA LEU A 42 -2.13 3.51 0.42
C LEU A 42 -1.63 4.90 0.08
N LEU A 43 -1.07 5.04 -1.12
CA LEU A 43 -0.51 6.31 -1.57
C LEU A 43 -1.60 7.35 -1.72
N GLY A 44 -1.28 8.57 -1.34
CA GLY A 44 -2.22 9.66 -1.44
C GLY A 44 -3.10 9.79 -0.22
N TYR A 45 -2.99 8.82 0.67
CA TYR A 45 -3.77 8.81 1.88
C TYR A 45 -2.96 9.32 3.05
N LYS A 46 -3.57 10.17 3.82
CA LYS A 46 -2.96 10.78 4.95
C LYS A 46 -3.47 10.13 6.25
N LYS A 47 -2.69 10.25 7.31
CA LYS A 47 -3.09 9.72 8.60
C LYS A 47 -3.95 10.71 9.38
N ASN A 48 -5.23 10.44 9.47
CA ASN A 48 -6.14 11.29 10.21
C ASN A 48 -6.93 10.49 11.20
N ASN A 49 -6.63 10.70 12.48
CA ASN A 49 -7.35 10.05 13.57
C ASN A 49 -7.31 8.54 13.44
N ASN A 50 -6.10 8.00 13.19
CA ASN A 50 -5.90 6.53 13.03
C ASN A 50 -6.64 5.99 11.81
N THR A 51 -7.08 6.88 10.95
CA THR A 51 -7.81 6.50 9.76
C THR A 51 -7.08 7.01 8.52
N CYS A 52 -7.32 6.36 7.39
CA CYS A 52 -6.71 6.74 6.14
C CYS A 52 -7.70 7.50 5.28
N ILE A 53 -7.38 8.74 4.98
CA ILE A 53 -8.24 9.56 4.14
C ILE A 53 -7.44 10.09 2.97
N GLU A 54 -8.10 10.24 1.84
CA GLU A 54 -7.47 10.78 0.66
C GLU A 54 -7.25 12.29 0.87
N ASP A 55 -6.00 12.72 0.82
CA ASP A 55 -5.67 14.11 1.14
C ASP A 55 -5.27 14.90 -0.11
N SER A 56 -5.82 16.11 -0.22
CA SER A 56 -5.56 17.00 -1.35
C SER A 56 -4.12 17.53 -1.35
N ASN A 57 -3.47 17.44 -0.20
CA ASN A 57 -2.08 17.90 -0.06
C ASN A 57 -1.25 16.77 0.51
N PRO A 58 -0.97 15.75 -0.29
CA PRO A 58 -0.26 14.60 0.14
C PRO A 58 1.25 14.74 0.03
N THR A 59 1.88 15.16 1.11
CA THR A 59 3.32 15.21 1.16
C THR A 59 3.84 13.80 1.47
N CYS A 60 3.59 12.92 0.51
CA CYS A 60 3.88 11.49 0.62
C CYS A 60 2.82 10.81 1.50
N GLY A 61 1.89 11.64 2.03
CA GLY A 61 0.74 11.18 2.86
C GLY A 61 1.13 10.45 4.16
N ASN A 62 2.19 9.70 4.11
CA ASN A 62 2.67 8.93 5.22
C ASN A 62 4.18 9.04 5.24
N ASN A 63 4.80 8.80 6.37
CA ASN A 63 6.25 8.87 6.53
C ASN A 63 6.98 8.18 5.37
N ASN A 64 6.44 7.06 4.93
CA ASN A 64 7.03 6.30 3.83
C ASN A 64 6.01 6.13 2.70
N GLY A 65 5.00 7.00 2.71
CA GLY A 65 3.96 6.98 1.69
C GLY A 65 2.97 5.86 1.89
N GLY A 66 3.21 5.06 2.91
CA GLY A 66 2.36 3.92 3.17
C GLY A 66 2.96 2.68 2.55
N CYS A 67 3.93 2.90 1.68
CA CYS A 67 4.65 1.84 1.02
C CYS A 67 5.45 1.03 2.02
N ASP A 68 5.79 -0.20 1.66
CA ASP A 68 6.63 -1.06 2.50
C ASP A 68 7.88 -0.30 2.94
N PRO A 69 8.37 -0.56 4.15
CA PRO A 69 9.58 0.08 4.70
C PRO A 69 10.75 0.14 3.70
N THR A 70 10.87 -0.88 2.86
CA THR A 70 11.96 -0.95 1.91
C THR A 70 11.60 -0.35 0.53
N ALA A 71 10.38 0.17 0.42
CA ALA A 71 9.94 0.83 -0.81
C ALA A 71 10.20 2.33 -0.71
N GLY A 72 10.47 2.96 -1.84
CA GLY A 72 10.81 4.37 -1.85
C GLY A 72 9.64 5.27 -2.20
N CYS A 73 9.42 6.30 -1.41
CA CYS A 73 8.35 7.26 -1.69
C CYS A 73 8.92 8.45 -2.43
N GLN A 74 8.42 8.72 -3.63
CA GLN A 74 8.88 9.84 -4.41
C GLN A 74 7.75 10.81 -4.69
N THR A 75 7.97 12.06 -4.37
CA THR A 75 6.98 13.09 -4.57
C THR A 75 7.29 13.92 -5.81
N ALA A 76 6.32 14.03 -6.70
CA ALA A 76 6.51 14.80 -7.92
C ALA A 76 5.27 15.64 -8.22
N GLU A 77 5.43 16.62 -9.08
CA GLU A 77 4.32 17.49 -9.46
C GLU A 77 3.97 17.29 -10.92
N ASN A 78 5.00 17.21 -11.76
CA ASN A 78 4.81 17.06 -13.21
C ASN A 78 4.36 15.64 -13.56
N ARG A 79 4.41 14.75 -12.57
CA ARG A 79 4.00 13.37 -12.75
C ARG A 79 2.65 13.12 -12.08
N GLU A 80 1.90 14.19 -11.82
CA GLU A 80 0.61 14.07 -11.14
C GLU A 80 -0.40 13.30 -11.99
N ASN A 81 -0.03 13.08 -13.24
CA ASN A 81 -0.83 12.28 -14.17
C ASN A 81 -0.95 10.86 -13.67
N SER A 82 0.14 10.30 -13.17
CA SER A 82 0.11 8.96 -12.63
C SER A 82 -0.35 9.00 -11.18
N LYS A 83 -0.07 10.15 -10.52
CA LYS A 83 -0.48 10.45 -9.15
C LYS A 83 0.44 11.50 -8.57
N LYS A 84 0.07 12.08 -7.45
CA LYS A 84 0.90 13.05 -6.78
C LYS A 84 2.08 12.34 -6.12
N ILE A 85 1.89 11.07 -5.81
CA ILE A 85 2.92 10.26 -5.18
C ILE A 85 3.31 9.10 -6.09
N ILE A 86 4.59 8.98 -6.32
CA ILE A 86 5.11 7.91 -7.13
C ILE A 86 5.98 7.02 -6.25
N CYS A 87 5.50 5.84 -5.93
CA CYS A 87 6.28 4.96 -5.07
C CYS A 87 7.17 4.07 -5.90
N THR A 88 8.34 3.80 -5.37
CA THR A 88 9.31 2.99 -6.04
C THR A 88 9.08 1.50 -5.76
N CYS A 89 8.63 0.80 -6.79
CA CYS A 89 8.40 -0.63 -6.72
C CYS A 89 9.71 -1.35 -6.37
N LYS A 90 9.60 -2.60 -5.97
CA LYS A 90 10.76 -3.36 -5.53
C LYS A 90 11.46 -4.01 -6.72
N GLU A 91 12.47 -4.83 -6.41
CA GLU A 91 13.24 -5.56 -7.42
C GLU A 91 12.31 -6.35 -8.34
N PRO A 92 12.79 -6.73 -9.54
CA PRO A 92 12.01 -7.42 -10.59
C PRO A 92 10.98 -8.41 -10.07
N THR A 93 9.79 -7.90 -9.84
CA THR A 93 8.67 -8.67 -9.37
C THR A 93 7.39 -8.11 -9.97
N PRO A 94 6.93 -8.71 -11.07
CA PRO A 94 5.74 -8.23 -11.79
C PRO A 94 4.43 -8.43 -11.03
N ASN A 95 4.51 -8.84 -9.77
CA ASN A 95 3.31 -9.00 -8.97
C ASN A 95 3.20 -7.88 -7.96
N ALA A 96 2.42 -6.88 -8.29
CA ALA A 96 2.19 -5.76 -7.40
C ALA A 96 0.98 -6.03 -6.53
N TYR A 97 1.21 -6.10 -5.24
CA TYR A 97 0.14 -6.38 -4.31
C TYR A 97 -0.17 -5.13 -3.51
N TYR A 98 -1.39 -5.09 -2.98
CA TYR A 98 -1.85 -3.98 -2.15
C TYR A 98 -1.76 -2.65 -2.89
N ASP A 99 -2.15 -2.68 -4.16
CA ASP A 99 -2.20 -1.48 -5.02
C ASP A 99 -0.80 -0.90 -5.29
N GLY A 100 0.21 -1.75 -5.24
CA GLY A 100 1.56 -1.30 -5.52
C GLY A 100 2.35 -0.98 -4.26
N VAL A 101 1.71 -1.17 -3.11
CA VAL A 101 2.37 -0.94 -1.83
C VAL A 101 3.50 -1.95 -1.60
N PHE A 102 3.36 -3.12 -2.20
CA PHE A 102 4.34 -4.16 -2.06
C PHE A 102 4.47 -4.92 -3.37
N CYS A 103 5.68 -5.04 -3.83
CA CYS A 103 5.97 -5.72 -5.08
C CYS A 103 6.60 -7.08 -4.80
N GLY A 104 6.02 -8.12 -5.36
CA GLY A 104 6.54 -9.47 -5.17
C GLY A 104 6.10 -10.08 -3.87
N MET A 1 -0.72 -24.23 -17.27
CA MET A 1 -0.69 -23.74 -18.67
C MET A 1 -0.49 -22.22 -18.69
N ASN A 2 -1.29 -21.51 -17.92
CA ASN A 2 -1.16 -20.06 -17.81
C ASN A 2 -0.18 -19.73 -16.70
N MET A 3 -0.30 -20.47 -15.58
CA MET A 3 0.56 -20.29 -14.40
C MET A 3 0.29 -18.97 -13.70
N ASP A 4 -0.14 -19.07 -12.45
CA ASP A 4 -0.41 -17.88 -11.65
C ASP A 4 0.89 -17.18 -11.30
N SER A 5 1.14 -16.07 -11.95
CA SER A 5 2.35 -15.30 -11.74
C SER A 5 2.14 -13.84 -12.13
N MET A 6 1.83 -13.62 -13.39
CA MET A 6 1.67 -12.26 -13.89
C MET A 6 0.25 -12.01 -14.34
N ASP A 7 -0.12 -10.72 -14.39
CA ASP A 7 -1.46 -10.31 -14.81
C ASP A 7 -2.55 -10.88 -13.93
N LEU A 8 -2.38 -10.68 -12.62
CA LEU A 8 -3.33 -11.13 -11.59
C LEU A 8 -3.33 -12.66 -11.42
N LEU A 9 -2.96 -13.11 -10.24
CA LEU A 9 -2.93 -14.53 -9.93
C LEU A 9 -4.35 -15.11 -9.89
N GLY A 10 -5.28 -14.38 -9.25
CA GLY A 10 -6.67 -14.82 -9.16
C GLY A 10 -6.82 -16.20 -8.55
N ILE A 11 -5.93 -16.52 -7.63
CA ILE A 11 -5.94 -17.82 -7.00
C ILE A 11 -6.77 -17.82 -5.73
N ASP A 12 -7.04 -19.01 -5.24
CA ASP A 12 -7.79 -19.22 -3.99
C ASP A 12 -7.20 -18.35 -2.89
N PRO A 13 -8.05 -17.97 -1.91
CA PRO A 13 -7.70 -17.02 -0.83
C PRO A 13 -6.59 -17.50 0.12
N LYS A 14 -5.50 -17.95 -0.45
CA LYS A 14 -4.32 -18.37 0.30
C LYS A 14 -3.52 -17.13 0.69
N HIS A 15 -3.72 -16.06 -0.07
CA HIS A 15 -2.97 -14.81 0.14
C HIS A 15 -3.89 -13.67 0.53
N VAL A 16 -5.13 -14.00 0.89
CA VAL A 16 -6.11 -12.99 1.25
C VAL A 16 -5.86 -12.51 2.68
N CYS A 17 -6.14 -11.24 2.92
CA CYS A 17 -6.00 -10.71 4.25
C CYS A 17 -7.26 -11.00 5.06
N ILE A 18 -7.10 -11.10 6.35
CA ILE A 18 -8.21 -11.38 7.24
C ILE A 18 -9.04 -10.12 7.47
N ASN A 19 -10.30 -10.32 7.81
CA ASN A 19 -11.17 -9.20 8.10
C ASN A 19 -10.82 -8.64 9.46
N THR A 20 -10.21 -7.47 9.47
CA THR A 20 -9.78 -6.83 10.68
C THR A 20 -10.73 -5.72 11.10
N ARG A 21 -10.86 -5.54 12.39
CA ARG A 21 -11.67 -4.49 12.95
C ARG A 21 -10.78 -3.42 13.57
N ASP A 22 -9.53 -3.79 13.78
CA ASP A 22 -8.54 -2.91 14.36
C ASP A 22 -7.94 -1.99 13.31
N ILE A 23 -7.54 -2.57 12.18
CA ILE A 23 -6.97 -1.82 11.10
C ILE A 23 -8.06 -1.09 10.31
N PRO A 24 -7.88 0.22 10.07
CA PRO A 24 -8.85 1.02 9.32
C PRO A 24 -8.92 0.62 7.84
N ALA A 25 -9.90 1.16 7.14
CA ALA A 25 -10.07 0.87 5.73
C ALA A 25 -9.01 1.61 4.91
N ASN A 26 -8.68 1.05 3.75
CA ASN A 26 -7.68 1.63 2.85
C ASN A 26 -6.30 1.58 3.48
N ALA A 27 -6.05 0.53 4.23
CA ALA A 27 -4.78 0.31 4.86
C ALA A 27 -4.38 -1.15 4.73
N GLY A 28 -3.10 -1.38 4.52
CA GLY A 28 -2.61 -2.73 4.37
C GLY A 28 -2.58 -3.47 5.68
N CYS A 29 -3.48 -4.41 5.84
CA CYS A 29 -3.60 -5.20 7.05
C CYS A 29 -2.56 -6.32 7.08
N PHE A 30 -1.54 -6.17 7.90
CA PHE A 30 -0.52 -7.19 8.04
C PHE A 30 -0.67 -7.92 9.36
N ARG A 31 -0.94 -9.21 9.29
CA ARG A 31 -1.05 -10.02 10.48
C ARG A 31 0.27 -10.71 10.79
N TYR A 32 0.72 -10.58 12.02
CA TYR A 32 1.93 -11.23 12.44
C TYR A 32 1.60 -12.47 13.24
N ASP A 33 2.38 -13.51 13.05
CA ASP A 33 2.15 -14.78 13.73
C ASP A 33 2.51 -14.68 15.20
N ASN A 34 3.27 -13.64 15.55
CA ASN A 34 3.64 -13.40 16.93
C ASN A 34 2.51 -12.69 17.66
N GLY A 35 1.45 -12.34 16.93
CA GLY A 35 0.31 -11.66 17.53
C GLY A 35 0.37 -10.16 17.35
N ASN A 36 1.36 -9.69 16.61
CA ASN A 36 1.52 -8.26 16.38
C ASN A 36 0.60 -7.79 15.26
N GLU A 37 0.09 -6.58 15.40
CA GLU A 37 -0.80 -5.99 14.41
C GLU A 37 -0.19 -4.71 13.84
N GLU A 38 -0.17 -4.61 12.52
CA GLU A 38 0.40 -3.45 11.84
C GLU A 38 -0.36 -3.18 10.54
N TRP A 39 -0.36 -1.93 10.12
CA TRP A 39 -1.02 -1.57 8.88
C TRP A 39 -0.20 -0.55 8.12
N ARG A 40 -0.38 -0.50 6.82
CA ARG A 40 0.27 0.49 6.01
C ARG A 40 -0.77 1.39 5.42
N CYS A 41 -0.65 2.66 5.67
CA CYS A 41 -1.60 3.61 5.14
C CYS A 41 -1.32 3.81 3.67
N LEU A 42 -2.32 3.64 2.82
CA LEU A 42 -2.15 3.73 1.37
C LEU A 42 -1.65 5.10 0.90
N LEU A 43 -1.23 5.15 -0.36
CA LEU A 43 -0.69 6.37 -0.96
C LEU A 43 -1.72 7.47 -1.01
N GLY A 44 -1.34 8.64 -0.55
CA GLY A 44 -2.23 9.78 -0.55
C GLY A 44 -3.11 9.80 0.68
N TYR A 45 -2.97 8.77 1.50
CA TYR A 45 -3.74 8.66 2.71
C TYR A 45 -2.93 9.03 3.93
N LYS A 46 -3.53 9.84 4.78
CA LYS A 46 -2.90 10.28 5.98
C LYS A 46 -3.61 9.73 7.20
N LYS A 47 -2.86 9.52 8.27
CA LYS A 47 -3.41 8.99 9.50
C LYS A 47 -4.19 10.06 10.25
N ASN A 48 -5.49 9.92 10.27
CA ASN A 48 -6.34 10.86 10.97
C ASN A 48 -7.41 10.12 11.73
N ASN A 49 -7.46 10.36 13.03
CA ASN A 49 -8.45 9.71 13.91
C ASN A 49 -8.25 8.20 13.89
N ASN A 50 -6.98 7.78 13.78
CA ASN A 50 -6.59 6.36 13.75
C ASN A 50 -7.03 5.68 12.42
N THR A 51 -7.65 6.45 11.55
CA THR A 51 -8.11 5.93 10.28
C THR A 51 -7.35 6.59 9.12
N CYS A 52 -7.30 5.92 7.99
CA CYS A 52 -6.63 6.46 6.82
C CYS A 52 -7.61 7.25 5.96
N ILE A 53 -7.34 8.53 5.80
CA ILE A 53 -8.17 9.38 4.98
C ILE A 53 -7.37 9.92 3.81
N GLU A 54 -8.02 10.22 2.71
CA GLU A 54 -7.33 10.79 1.58
C GLU A 54 -7.07 12.27 1.84
N ASP A 55 -5.81 12.64 1.82
CA ASP A 55 -5.43 14.02 2.05
C ASP A 55 -5.36 14.77 0.72
N SER A 56 -5.94 15.96 0.69
CA SER A 56 -6.02 16.75 -0.54
C SER A 56 -4.64 17.29 -0.98
N ASN A 57 -3.66 17.19 -0.11
CA ASN A 57 -2.30 17.57 -0.46
C ASN A 57 -1.40 16.36 -0.31
N PRO A 58 -1.36 15.51 -1.33
CA PRO A 58 -0.64 14.25 -1.29
C PRO A 58 0.87 14.38 -1.41
N THR A 59 1.50 14.86 -0.35
CA THR A 59 2.94 14.87 -0.27
C THR A 59 3.39 13.49 0.17
N CYS A 60 3.13 12.53 -0.71
CA CYS A 60 3.33 11.11 -0.48
C CYS A 60 2.26 10.58 0.48
N GLY A 61 1.39 11.49 0.97
CA GLY A 61 0.29 11.15 1.89
C GLY A 61 0.73 10.59 3.24
N ASN A 62 1.78 9.81 3.21
CA ASN A 62 2.33 9.17 4.38
C ASN A 62 3.82 9.39 4.39
N ASN A 63 4.43 9.30 5.56
CA ASN A 63 5.85 9.52 5.73
C ASN A 63 6.69 8.68 4.75
N ASN A 64 6.17 7.52 4.35
CA ASN A 64 6.88 6.66 3.39
C ASN A 64 6.12 6.57 2.07
N GLY A 65 5.22 7.52 1.84
CA GLY A 65 4.43 7.54 0.61
C GLY A 65 3.31 6.54 0.63
N GLY A 66 3.16 5.89 1.76
CA GLY A 66 2.14 4.89 1.93
C GLY A 66 2.67 3.54 1.54
N CYS A 67 3.75 3.57 0.82
CA CYS A 67 4.46 2.40 0.42
C CYS A 67 5.28 1.85 1.59
N ASP A 68 5.57 0.55 1.56
CA ASP A 68 6.38 -0.10 2.59
C ASP A 68 7.75 0.57 2.68
N PRO A 69 8.34 0.62 3.88
CA PRO A 69 9.70 1.16 4.10
C PRO A 69 10.73 0.65 3.09
N THR A 70 10.52 -0.56 2.58
CA THR A 70 11.41 -1.15 1.60
C THR A 70 11.30 -0.44 0.24
N ALA A 71 10.17 0.20 0.02
CA ALA A 71 9.91 0.93 -1.19
C ALA A 71 10.27 2.40 -1.01
N GLY A 72 10.48 3.10 -2.12
CA GLY A 72 10.87 4.49 -2.05
C GLY A 72 9.73 5.45 -2.33
N CYS A 73 9.66 6.50 -1.54
CA CYS A 73 8.63 7.54 -1.72
C CYS A 73 9.20 8.73 -2.49
N GLN A 74 8.59 9.06 -3.61
CA GLN A 74 9.01 10.19 -4.42
C GLN A 74 7.81 11.06 -4.79
N THR A 75 7.97 12.36 -4.71
CA THR A 75 6.89 13.28 -5.05
C THR A 75 7.34 14.28 -6.10
N ALA A 76 6.70 14.26 -7.25
CA ALA A 76 7.03 15.18 -8.32
C ALA A 76 5.78 15.70 -9.00
N GLU A 77 5.67 17.03 -9.05
CA GLU A 77 4.51 17.68 -9.66
C GLU A 77 4.42 17.40 -11.16
N ASN A 78 5.54 17.54 -11.85
CA ASN A 78 5.58 17.39 -13.30
C ASN A 78 5.67 15.91 -13.70
N ARG A 79 5.51 15.03 -12.73
CA ARG A 79 5.59 13.60 -12.98
C ARG A 79 4.24 12.94 -12.70
N GLU A 80 3.19 13.74 -12.68
CA GLU A 80 1.83 13.25 -12.41
C GLU A 80 1.23 12.60 -13.68
N ASN A 81 2.06 11.84 -14.38
CA ASN A 81 1.61 11.15 -15.59
C ASN A 81 0.75 9.96 -15.24
N SER A 82 1.17 9.21 -14.24
CA SER A 82 0.40 8.08 -13.78
C SER A 82 -0.15 8.36 -12.38
N LYS A 83 0.56 9.20 -11.63
CA LYS A 83 0.16 9.59 -10.29
C LYS A 83 1.14 10.62 -9.75
N LYS A 84 0.70 11.36 -8.74
CA LYS A 84 1.53 12.35 -8.08
C LYS A 84 2.64 11.67 -7.28
N ILE A 85 2.34 10.48 -6.78
CA ILE A 85 3.29 9.75 -5.96
C ILE A 85 4.00 8.71 -6.77
N ILE A 86 5.29 8.80 -6.79
CA ILE A 86 6.10 7.85 -7.48
C ILE A 86 6.80 6.95 -6.47
N CYS A 87 6.33 5.74 -6.35
CA CYS A 87 6.96 4.79 -5.45
C CYS A 87 7.91 3.90 -6.19
N THR A 88 9.05 3.66 -5.60
CA THR A 88 10.03 2.82 -6.19
C THR A 88 9.78 1.37 -5.83
N CYS A 89 9.39 0.59 -6.82
CA CYS A 89 9.14 -0.82 -6.64
C CYS A 89 10.47 -1.55 -6.48
N LYS A 90 10.41 -2.76 -5.99
CA LYS A 90 11.61 -3.53 -5.74
C LYS A 90 12.05 -4.28 -6.99
N GLU A 91 13.05 -5.13 -6.83
CA GLU A 91 13.59 -5.93 -7.92
C GLU A 91 12.47 -6.65 -8.70
N PRO A 92 12.76 -7.04 -9.98
CA PRO A 92 11.79 -7.64 -10.92
C PRO A 92 10.73 -8.51 -10.27
N THR A 93 9.62 -7.88 -9.94
CA THR A 93 8.50 -8.54 -9.36
C THR A 93 7.21 -7.93 -9.90
N PRO A 94 6.65 -8.56 -10.94
CA PRO A 94 5.43 -8.07 -11.60
C PRO A 94 4.16 -8.26 -10.75
N ASN A 95 4.30 -8.16 -9.45
CA ASN A 95 3.17 -8.31 -8.55
C ASN A 95 3.02 -7.10 -7.66
N ALA A 96 2.15 -6.20 -8.05
CA ALA A 96 1.91 -5.01 -7.27
C ALA A 96 0.73 -5.22 -6.34
N TYR A 97 1.02 -5.41 -5.08
CA TYR A 97 0.00 -5.62 -4.09
C TYR A 97 -0.25 -4.35 -3.32
N TYR A 98 -1.48 -4.20 -2.81
CA TYR A 98 -1.85 -3.03 -2.02
C TYR A 98 -1.68 -1.75 -2.83
N ASP A 99 -1.88 -1.87 -4.15
CA ASP A 99 -1.78 -0.74 -5.11
C ASP A 99 -0.33 -0.25 -5.28
N GLY A 100 0.61 -1.06 -4.85
CA GLY A 100 2.00 -0.69 -5.02
C GLY A 100 2.71 -0.55 -3.70
N VAL A 101 1.97 -0.70 -2.61
CA VAL A 101 2.56 -0.62 -1.27
C VAL A 101 3.54 -1.79 -1.04
N PHE A 102 3.33 -2.87 -1.78
CA PHE A 102 4.15 -4.05 -1.65
C PHE A 102 4.36 -4.69 -3.00
N CYS A 103 5.60 -4.91 -3.34
CA CYS A 103 5.95 -5.54 -4.60
C CYS A 103 6.32 -7.00 -4.36
N GLY A 104 5.75 -7.87 -5.16
CA GLY A 104 6.04 -9.29 -5.02
C GLY A 104 5.08 -9.99 -4.08
N MET A 1 3.70 -25.93 -0.97
CA MET A 1 4.54 -27.11 -1.31
C MET A 1 4.74 -27.20 -2.81
N ASN A 2 3.89 -26.51 -3.55
CA ASN A 2 3.97 -26.51 -5.00
C ASN A 2 4.62 -25.24 -5.51
N MET A 3 4.08 -24.09 -5.08
CA MET A 3 4.56 -22.78 -5.53
C MET A 3 4.36 -22.64 -7.03
N ASP A 4 3.28 -21.99 -7.42
CA ASP A 4 2.92 -21.85 -8.82
C ASP A 4 3.96 -21.03 -9.58
N SER A 5 4.10 -21.30 -10.86
CA SER A 5 5.05 -20.61 -11.70
C SER A 5 4.45 -19.36 -12.32
N MET A 6 3.13 -19.22 -12.22
CA MET A 6 2.43 -18.06 -12.75
C MET A 6 2.84 -16.80 -12.00
N ASP A 7 2.85 -15.68 -12.70
CA ASP A 7 3.25 -14.41 -12.12
C ASP A 7 2.04 -13.65 -11.62
N LEU A 8 0.95 -14.36 -11.44
CA LEU A 8 -0.27 -13.76 -10.95
C LEU A 8 -1.15 -14.85 -10.36
N LEU A 9 -1.63 -14.62 -9.15
CA LEU A 9 -2.44 -15.58 -8.46
C LEU A 9 -3.89 -15.24 -8.54
N GLY A 10 -4.43 -15.42 -9.72
CA GLY A 10 -5.85 -15.22 -9.93
C GLY A 10 -6.66 -16.36 -9.34
N ILE A 11 -6.41 -16.62 -8.07
CA ILE A 11 -7.05 -17.69 -7.34
C ILE A 11 -8.02 -17.12 -6.34
N ASP A 12 -8.88 -17.99 -5.80
CA ASP A 12 -9.79 -17.61 -4.72
C ASP A 12 -9.00 -17.00 -3.57
N PRO A 13 -9.59 -16.06 -2.82
CA PRO A 13 -8.93 -15.37 -1.69
C PRO A 13 -8.45 -16.31 -0.57
N LYS A 14 -7.47 -17.14 -0.88
CA LYS A 14 -6.90 -18.08 0.07
C LYS A 14 -5.84 -17.40 0.97
N HIS A 15 -5.16 -16.40 0.43
CA HIS A 15 -4.10 -15.72 1.18
C HIS A 15 -4.42 -14.26 1.44
N VAL A 16 -5.69 -13.91 1.30
CA VAL A 16 -6.15 -12.55 1.54
C VAL A 16 -6.07 -12.23 3.04
N CYS A 17 -5.84 -10.95 3.36
CA CYS A 17 -5.72 -10.52 4.74
C CYS A 17 -6.98 -10.85 5.55
N ILE A 18 -6.81 -11.00 6.84
CA ILE A 18 -7.88 -11.32 7.75
C ILE A 18 -8.81 -10.13 7.93
N ASN A 19 -10.03 -10.40 8.32
CA ASN A 19 -11.00 -9.35 8.54
C ASN A 19 -10.59 -8.52 9.74
N THR A 20 -10.17 -7.31 9.48
CA THR A 20 -9.70 -6.43 10.51
C THR A 20 -10.79 -5.45 10.95
N ARG A 21 -10.67 -4.98 12.17
CA ARG A 21 -11.64 -4.06 12.74
C ARG A 21 -10.97 -2.73 13.08
N ASP A 22 -9.75 -2.80 13.56
CA ASP A 22 -9.00 -1.61 13.98
C ASP A 22 -8.46 -0.85 12.79
N ILE A 23 -8.15 -1.56 11.72
CA ILE A 23 -7.59 -0.96 10.53
C ILE A 23 -8.68 -0.32 9.67
N PRO A 24 -8.46 0.93 9.24
CA PRO A 24 -9.40 1.67 8.39
C PRO A 24 -9.45 1.12 6.98
N ALA A 25 -10.40 1.58 6.18
CA ALA A 25 -10.49 1.17 4.80
C ALA A 25 -9.40 1.84 4.00
N ASN A 26 -8.99 1.19 2.91
CA ASN A 26 -7.92 1.71 2.06
C ASN A 26 -6.59 1.70 2.81
N ALA A 27 -6.33 0.58 3.46
CA ALA A 27 -5.10 0.37 4.20
C ALA A 27 -4.71 -1.10 4.13
N GLY A 28 -3.43 -1.38 4.15
CA GLY A 28 -2.97 -2.73 4.07
C GLY A 28 -2.69 -3.33 5.42
N CYS A 29 -3.31 -4.45 5.71
CA CYS A 29 -3.12 -5.15 6.96
C CYS A 29 -2.23 -6.37 6.77
N PHE A 30 -1.07 -6.36 7.41
CA PHE A 30 -0.15 -7.47 7.29
C PHE A 30 0.03 -8.15 8.64
N ARG A 31 -0.41 -9.39 8.71
CA ARG A 31 -0.32 -10.17 9.93
C ARG A 31 0.72 -11.28 9.77
N TYR A 32 1.82 -11.14 10.47
CA TYR A 32 2.90 -12.12 10.40
C TYR A 32 2.76 -13.15 11.51
N ASP A 33 3.29 -14.35 11.26
CA ASP A 33 3.22 -15.46 12.22
C ASP A 33 3.96 -15.13 13.51
N ASN A 34 4.95 -14.25 13.40
CA ASN A 34 5.73 -13.81 14.55
C ASN A 34 4.89 -12.92 15.48
N GLY A 35 3.69 -12.58 15.02
CA GLY A 35 2.81 -11.74 15.79
C GLY A 35 2.94 -10.30 15.38
N ASN A 36 3.89 -10.06 14.49
CA ASN A 36 4.14 -8.73 13.98
C ASN A 36 3.02 -8.30 13.05
N GLU A 37 2.38 -7.22 13.38
CA GLU A 37 1.34 -6.69 12.55
C GLU A 37 1.74 -5.33 12.04
N GLU A 38 1.78 -5.19 10.75
CA GLU A 38 2.14 -3.95 10.14
C GLU A 38 0.97 -3.44 9.33
N TRP A 39 0.74 -2.15 9.41
CA TRP A 39 -0.36 -1.55 8.69
C TRP A 39 0.16 -0.42 7.83
N ARG A 40 -0.14 -0.51 6.56
CA ARG A 40 0.32 0.48 5.59
C ARG A 40 -0.84 1.23 5.00
N CYS A 41 -0.81 2.54 5.12
CA CYS A 41 -1.86 3.36 4.55
C CYS A 41 -1.68 3.45 3.04
N LEU A 42 -2.73 3.79 2.32
CA LEU A 42 -2.65 3.86 0.88
C LEU A 42 -2.16 5.22 0.39
N LEU A 43 -1.74 5.26 -0.86
CA LEU A 43 -1.20 6.46 -1.46
C LEU A 43 -2.26 7.52 -1.59
N GLY A 44 -1.89 8.75 -1.30
CA GLY A 44 -2.83 9.85 -1.38
C GLY A 44 -3.64 10.03 -0.12
N TYR A 45 -3.51 9.08 0.78
CA TYR A 45 -4.24 9.12 2.04
C TYR A 45 -3.30 9.52 3.16
N LYS A 46 -3.81 10.29 4.09
CA LYS A 46 -3.01 10.79 5.18
C LYS A 46 -3.48 10.23 6.53
N LYS A 47 -2.55 10.16 7.45
CA LYS A 47 -2.76 9.66 8.79
C LYS A 47 -3.59 10.63 9.65
N ASN A 48 -4.82 10.25 9.94
CA ASN A 48 -5.67 11.06 10.79
C ASN A 48 -6.52 10.19 11.67
N ASN A 49 -6.29 10.26 12.97
CA ASN A 49 -7.08 9.51 13.95
C ASN A 49 -6.94 8.00 13.71
N ASN A 50 -5.77 7.60 13.20
CA ASN A 50 -5.46 6.19 12.91
C ASN A 50 -6.27 5.69 11.68
N THR A 51 -7.06 6.56 11.12
CA THR A 51 -7.85 6.24 9.95
C THR A 51 -7.28 6.91 8.71
N CYS A 52 -7.23 6.19 7.61
CA CYS A 52 -6.72 6.73 6.36
C CYS A 52 -7.75 7.63 5.70
N ILE A 53 -7.42 8.91 5.60
CA ILE A 53 -8.30 9.87 4.96
C ILE A 53 -7.66 10.41 3.71
N GLU A 54 -8.45 10.70 2.71
CA GLU A 54 -7.94 11.27 1.47
C GLU A 54 -7.68 12.76 1.68
N ASP A 55 -6.48 13.20 1.34
CA ASP A 55 -6.12 14.59 1.55
C ASP A 55 -5.55 15.23 0.29
N SER A 56 -6.01 16.44 -0.02
CA SER A 56 -5.57 17.18 -1.21
C SER A 56 -4.11 17.69 -1.09
N ASN A 57 -3.41 17.27 -0.05
CA ASN A 57 -2.02 17.64 0.14
C ASN A 57 -1.17 16.38 0.17
N PRO A 58 -0.93 15.77 -0.99
CA PRO A 58 -0.21 14.51 -1.10
C PRO A 58 1.31 14.63 -0.92
N THR A 59 1.75 14.70 0.31
CA THR A 59 3.18 14.61 0.63
C THR A 59 3.48 13.17 0.99
N CYS A 60 3.00 12.28 0.11
CA CYS A 60 3.03 10.85 0.31
C CYS A 60 1.99 10.43 1.36
N GLY A 61 1.29 11.43 1.93
CA GLY A 61 0.25 11.19 2.95
C GLY A 61 0.80 10.61 4.26
N ASN A 62 1.81 9.79 4.13
CA ASN A 62 2.45 9.15 5.24
C ASN A 62 3.95 9.19 5.02
N ASN A 63 4.71 9.07 6.11
CA ASN A 63 6.18 9.15 6.09
C ASN A 63 6.82 8.43 4.91
N ASN A 64 6.24 7.32 4.47
CA ASN A 64 6.79 6.61 3.31
C ASN A 64 5.70 6.38 2.26
N GLY A 65 4.67 7.20 2.32
CA GLY A 65 3.56 7.09 1.37
C GLY A 65 2.64 5.93 1.69
N GLY A 66 3.01 5.16 2.69
CA GLY A 66 2.24 4.00 3.03
C GLY A 66 2.81 2.79 2.36
N CYS A 67 3.73 3.03 1.44
CA CYS A 67 4.40 1.99 0.71
C CYS A 67 5.32 1.18 1.63
N ASP A 68 5.62 -0.06 1.23
CA ASP A 68 6.42 -0.99 2.04
C ASP A 68 7.71 -0.34 2.55
N PRO A 69 8.19 -0.81 3.73
CA PRO A 69 9.37 -0.24 4.42
C PRO A 69 10.59 -0.03 3.53
N THR A 70 10.77 -0.87 2.53
CA THR A 70 11.93 -0.77 1.68
C THR A 70 11.61 -0.04 0.37
N ALA A 71 10.34 0.28 0.17
CA ALA A 71 9.92 1.04 -0.99
C ALA A 71 10.21 2.52 -0.76
N GLY A 72 10.48 3.23 -1.82
CA GLY A 72 10.79 4.65 -1.70
C GLY A 72 9.64 5.54 -2.05
N CYS A 73 9.38 6.55 -1.23
CA CYS A 73 8.31 7.51 -1.50
C CYS A 73 8.89 8.77 -2.15
N GLN A 74 8.30 9.19 -3.25
CA GLN A 74 8.77 10.38 -3.95
C GLN A 74 7.57 11.17 -4.49
N THR A 75 7.49 12.44 -4.14
CA THR A 75 6.45 13.28 -4.65
C THR A 75 6.96 14.10 -5.81
N ALA A 76 6.52 13.75 -7.01
CA ALA A 76 6.93 14.45 -8.20
C ALA A 76 5.73 14.87 -9.00
N GLU A 77 5.61 16.15 -9.23
CA GLU A 77 4.47 16.70 -9.92
C GLU A 77 4.55 16.43 -11.41
N ASN A 78 5.76 16.41 -11.95
CA ASN A 78 5.95 16.14 -13.37
C ASN A 78 5.81 14.64 -13.65
N ARG A 79 5.78 13.86 -12.59
CA ARG A 79 5.72 12.41 -12.70
C ARG A 79 4.34 11.91 -12.28
N GLU A 80 3.36 12.80 -12.28
CA GLU A 80 2.00 12.46 -11.87
C GLU A 80 1.23 11.76 -13.01
N ASN A 81 1.87 10.81 -13.66
CA ASN A 81 1.25 10.09 -14.75
C ASN A 81 0.24 9.06 -14.24
N SER A 82 0.63 8.34 -13.21
CA SER A 82 -0.24 7.33 -12.63
C SER A 82 -0.67 7.75 -11.22
N LYS A 83 0.16 8.55 -10.57
CA LYS A 83 -0.10 8.99 -9.21
C LYS A 83 0.83 10.14 -8.86
N LYS A 84 0.37 11.03 -7.97
CA LYS A 84 1.20 12.13 -7.50
C LYS A 84 2.31 11.59 -6.60
N ILE A 85 2.10 10.39 -6.10
CA ILE A 85 3.06 9.74 -5.25
C ILE A 85 3.71 8.61 -5.99
N ILE A 86 4.99 8.74 -6.22
CA ILE A 86 5.73 7.74 -6.94
C ILE A 86 6.54 6.88 -6.00
N CYS A 87 6.11 5.65 -5.79
CA CYS A 87 6.83 4.75 -4.94
C CYS A 87 7.78 3.88 -5.74
N THR A 88 8.92 3.60 -5.16
CA THR A 88 9.93 2.79 -5.81
C THR A 88 9.67 1.31 -5.55
N CYS A 89 9.47 0.57 -6.62
CA CYS A 89 9.21 -0.86 -6.54
C CYS A 89 10.45 -1.63 -6.10
N LYS A 90 10.23 -2.87 -5.71
CA LYS A 90 11.28 -3.74 -5.23
C LYS A 90 11.92 -4.47 -6.40
N GLU A 91 12.79 -5.42 -6.07
CA GLU A 91 13.50 -6.24 -7.07
C GLU A 91 12.50 -6.83 -8.08
N PRO A 92 12.99 -7.21 -9.30
CA PRO A 92 12.14 -7.73 -10.40
C PRO A 92 11.03 -8.66 -9.97
N THR A 93 9.91 -8.06 -9.68
CA THR A 93 8.73 -8.76 -9.27
C THR A 93 7.52 -8.03 -9.81
N PRO A 94 6.94 -8.53 -10.90
CA PRO A 94 5.76 -7.92 -11.53
C PRO A 94 4.48 -8.08 -10.68
N ASN A 95 4.64 -7.99 -9.36
CA ASN A 95 3.53 -8.15 -8.45
C ASN A 95 3.41 -6.98 -7.50
N ALA A 96 2.55 -6.06 -7.84
CA ALA A 96 2.28 -4.90 -7.02
C ALA A 96 1.01 -5.13 -6.24
N TYR A 97 1.14 -5.43 -4.97
CA TYR A 97 0.02 -5.73 -4.13
C TYR A 97 -0.46 -4.47 -3.42
N TYR A 98 -1.72 -4.45 -3.04
CA TYR A 98 -2.31 -3.35 -2.28
C TYR A 98 -2.20 -2.04 -3.04
N ASP A 99 -2.42 -2.11 -4.36
CA ASP A 99 -2.41 -0.94 -5.25
C ASP A 99 -0.99 -0.37 -5.42
N GLY A 100 0.00 -1.18 -5.14
CA GLY A 100 1.36 -0.76 -5.31
C GLY A 100 2.05 -0.45 -4.01
N VAL A 101 1.30 -0.56 -2.92
CA VAL A 101 1.86 -0.35 -1.59
C VAL A 101 2.99 -1.35 -1.33
N PHE A 102 2.81 -2.56 -1.83
CA PHE A 102 3.81 -3.58 -1.63
C PHE A 102 4.22 -4.18 -2.97
N CYS A 103 5.51 -4.19 -3.22
CA CYS A 103 6.04 -4.72 -4.47
C CYS A 103 6.78 -6.03 -4.17
N GLY A 104 6.37 -7.10 -4.83
CA GLY A 104 6.99 -8.39 -4.59
C GLY A 104 6.61 -8.97 -3.25
N MET A 1 -23.81 -19.65 -18.55
CA MET A 1 -23.57 -18.19 -18.43
C MET A 1 -22.16 -17.90 -17.93
N ASN A 2 -21.25 -17.67 -18.86
CA ASN A 2 -19.86 -17.39 -18.52
C ASN A 2 -19.68 -15.93 -18.18
N MET A 3 -19.39 -15.66 -16.93
CA MET A 3 -19.20 -14.29 -16.46
C MET A 3 -17.73 -13.89 -16.53
N ASP A 4 -17.47 -12.64 -16.85
CA ASP A 4 -16.10 -12.15 -16.92
C ASP A 4 -15.91 -10.95 -15.99
N SER A 5 -15.14 -11.17 -14.95
CA SER A 5 -14.86 -10.14 -13.94
C SER A 5 -13.85 -10.69 -12.95
N MET A 6 -12.75 -11.24 -13.48
CA MET A 6 -11.71 -11.90 -12.68
C MET A 6 -12.23 -13.24 -12.14
N ASP A 7 -11.33 -14.15 -11.82
CA ASP A 7 -11.71 -15.44 -11.29
C ASP A 7 -12.03 -15.30 -9.81
N LEU A 8 -13.24 -14.90 -9.56
CA LEU A 8 -13.72 -14.71 -8.20
C LEU A 8 -13.78 -16.03 -7.46
N LEU A 9 -12.88 -16.20 -6.51
CA LEU A 9 -12.85 -17.40 -5.71
C LEU A 9 -14.06 -17.46 -4.80
N GLY A 10 -14.35 -16.36 -4.14
CA GLY A 10 -15.46 -16.31 -3.21
C GLY A 10 -15.27 -17.28 -2.06
N ILE A 11 -14.03 -17.41 -1.64
CA ILE A 11 -13.68 -18.31 -0.56
C ILE A 11 -13.35 -17.55 0.70
N ASP A 12 -13.30 -18.26 1.81
CA ASP A 12 -12.88 -17.68 3.08
C ASP A 12 -11.45 -17.20 2.96
N PRO A 13 -11.07 -16.13 3.70
CA PRO A 13 -9.71 -15.56 3.66
C PRO A 13 -8.61 -16.55 4.11
N LYS A 14 -8.40 -17.57 3.29
CA LYS A 14 -7.41 -18.60 3.56
C LYS A 14 -6.01 -18.13 3.18
N HIS A 15 -5.94 -17.29 2.15
CA HIS A 15 -4.65 -16.76 1.71
C HIS A 15 -4.60 -15.25 1.83
N VAL A 16 -5.75 -14.65 2.05
CA VAL A 16 -5.85 -13.21 2.13
C VAL A 16 -6.08 -12.77 3.57
N CYS A 17 -5.68 -11.55 3.88
CA CYS A 17 -5.86 -11.01 5.22
C CYS A 17 -7.34 -11.02 5.62
N ILE A 18 -7.59 -11.30 6.88
CA ILE A 18 -8.95 -11.34 7.40
C ILE A 18 -9.55 -9.95 7.44
N ASN A 19 -10.87 -9.86 7.40
CA ASN A 19 -11.52 -8.57 7.45
C ASN A 19 -11.30 -7.96 8.82
N THR A 20 -10.47 -6.95 8.87
CA THR A 20 -10.14 -6.30 10.11
C THR A 20 -10.88 -4.98 10.26
N ARG A 21 -11.36 -4.72 11.46
CA ARG A 21 -12.04 -3.48 11.78
C ARG A 21 -11.05 -2.48 12.36
N ASP A 22 -9.89 -2.99 12.72
CA ASP A 22 -8.83 -2.16 13.29
C ASP A 22 -8.14 -1.36 12.20
N ILE A 23 -7.81 -2.05 11.12
CA ILE A 23 -7.18 -1.42 9.99
C ILE A 23 -8.23 -0.73 9.13
N PRO A 24 -8.05 0.56 8.87
CA PRO A 24 -8.99 1.35 8.06
C PRO A 24 -8.97 0.93 6.59
N ALA A 25 -9.98 1.37 5.86
CA ALA A 25 -10.07 1.08 4.44
C ALA A 25 -8.89 1.69 3.68
N ASN A 26 -8.49 1.04 2.60
CA ASN A 26 -7.36 1.49 1.78
C ASN A 26 -6.06 1.39 2.56
N ALA A 27 -5.86 0.25 3.22
CA ALA A 27 -4.67 -0.01 3.96
C ALA A 27 -4.38 -1.52 3.97
N GLY A 28 -3.15 -1.88 4.27
CA GLY A 28 -2.77 -3.28 4.29
C GLY A 28 -2.63 -3.81 5.70
N CYS A 29 -3.24 -4.96 5.95
CA CYS A 29 -3.19 -5.60 7.26
C CYS A 29 -2.29 -6.84 7.23
N PHE A 30 -1.13 -6.71 7.82
CA PHE A 30 -0.20 -7.83 7.89
C PHE A 30 -0.08 -8.33 9.31
N ARG A 31 -0.09 -9.63 9.47
CA ARG A 31 -0.02 -10.23 10.79
C ARG A 31 1.08 -11.27 10.86
N TYR A 32 1.89 -11.18 11.89
CA TYR A 32 2.98 -12.10 12.09
C TYR A 32 2.62 -13.13 13.15
N ASP A 33 3.13 -14.34 12.99
CA ASP A 33 2.87 -15.42 13.94
C ASP A 33 3.56 -15.15 15.26
N ASN A 34 4.50 -14.22 15.24
CA ASN A 34 5.21 -13.80 16.43
C ASN A 34 4.29 -12.94 17.31
N GLY A 35 3.11 -12.64 16.79
CA GLY A 35 2.16 -11.83 17.52
C GLY A 35 2.24 -10.39 17.11
N ASN A 36 3.27 -10.06 16.35
CA ASN A 36 3.47 -8.71 15.86
C ASN A 36 2.56 -8.41 14.70
N GLU A 37 2.12 -7.19 14.64
CA GLU A 37 1.25 -6.72 13.60
C GLU A 37 1.93 -5.62 12.82
N GLU A 38 1.62 -5.51 11.54
CA GLU A 38 2.19 -4.49 10.70
C GLU A 38 1.13 -3.92 9.78
N TRP A 39 1.12 -2.61 9.62
CA TRP A 39 0.11 -1.95 8.82
C TRP A 39 0.74 -1.03 7.79
N ARG A 40 0.23 -1.08 6.57
CA ARG A 40 0.72 -0.21 5.50
C ARG A 40 -0.45 0.63 4.98
N CYS A 41 -0.37 1.92 5.16
CA CYS A 41 -1.41 2.80 4.64
C CYS A 41 -1.09 3.11 3.18
N LEU A 42 -2.10 3.15 2.33
CA LEU A 42 -1.89 3.41 0.91
C LEU A 42 -1.33 4.78 0.66
N LEU A 43 -0.49 4.87 -0.34
CA LEU A 43 0.18 6.11 -0.67
C LEU A 43 -0.80 7.14 -1.21
N GLY A 44 -0.63 8.36 -0.77
CA GLY A 44 -1.52 9.43 -1.13
C GLY A 44 -2.51 9.68 -0.03
N TYR A 45 -2.65 8.69 0.83
CA TYR A 45 -3.52 8.76 1.97
C TYR A 45 -2.70 9.07 3.21
N LYS A 46 -3.32 9.78 4.12
CA LYS A 46 -2.66 10.22 5.32
C LYS A 46 -3.36 9.66 6.56
N LYS A 47 -2.61 9.47 7.62
CA LYS A 47 -3.12 8.93 8.86
C LYS A 47 -3.85 9.99 9.69
N ASN A 48 -5.15 9.84 9.83
CA ASN A 48 -5.93 10.77 10.62
C ASN A 48 -7.07 10.05 11.29
N ASN A 49 -7.14 10.16 12.61
CA ASN A 49 -8.20 9.54 13.40
C ASN A 49 -8.11 8.00 13.29
N ASN A 50 -6.87 7.50 13.20
CA ASN A 50 -6.59 6.07 13.05
C ASN A 50 -7.16 5.54 11.73
N THR A 51 -7.45 6.45 10.83
CA THR A 51 -8.01 6.12 9.56
C THR A 51 -7.17 6.71 8.44
N CYS A 52 -7.17 6.07 7.30
CA CYS A 52 -6.45 6.57 6.14
C CYS A 52 -7.35 7.43 5.31
N ILE A 53 -7.07 8.72 5.29
CA ILE A 53 -7.87 9.67 4.53
C ILE A 53 -7.08 10.20 3.37
N GLU A 54 -7.76 10.70 2.36
CA GLU A 54 -7.09 11.28 1.23
C GLU A 54 -6.71 12.72 1.57
N ASP A 55 -5.42 12.99 1.54
CA ASP A 55 -4.92 14.32 1.88
C ASP A 55 -4.83 15.18 0.63
N SER A 56 -5.32 16.41 0.72
CA SER A 56 -5.33 17.34 -0.40
C SER A 56 -3.89 17.71 -0.82
N ASN A 57 -2.97 17.62 0.13
CA ASN A 57 -1.57 17.86 -0.15
C ASN A 57 -0.79 16.62 0.15
N PRO A 58 -0.76 15.68 -0.80
CA PRO A 58 -0.14 14.40 -0.62
C PRO A 58 1.39 14.46 -0.69
N THR A 59 2.01 14.76 0.44
CA THR A 59 3.45 14.69 0.54
C THR A 59 3.83 13.24 0.76
N CYS A 60 3.44 12.42 -0.21
CA CYS A 60 3.55 10.98 -0.17
C CYS A 60 2.48 10.41 0.78
N GLY A 61 1.71 11.31 1.40
CA GLY A 61 0.64 10.94 2.33
C GLY A 61 1.13 10.34 3.64
N ASN A 62 2.20 9.59 3.57
CA ASN A 62 2.77 8.93 4.70
C ASN A 62 4.28 9.15 4.72
N ASN A 63 4.89 9.02 5.89
CA ASN A 63 6.33 9.21 6.08
C ASN A 63 7.16 8.55 4.97
N ASN A 64 6.73 7.38 4.53
CA ASN A 64 7.43 6.68 3.44
C ASN A 64 6.46 6.47 2.28
N GLY A 65 5.47 7.35 2.22
CA GLY A 65 4.45 7.28 1.21
C GLY A 65 3.39 6.26 1.52
N GLY A 66 3.78 5.22 2.18
CA GLY A 66 2.88 4.15 2.48
C GLY A 66 3.42 2.90 1.89
N CYS A 67 4.38 3.09 1.01
CA CYS A 67 5.07 2.03 0.34
C CYS A 67 5.92 1.26 1.34
N ASP A 68 6.22 0.01 1.01
CA ASP A 68 7.08 -0.83 1.83
C ASP A 68 8.42 -0.11 2.09
N PRO A 69 9.06 -0.36 3.24
CA PRO A 69 10.36 0.26 3.63
C PRO A 69 11.39 0.28 2.49
N THR A 70 11.50 -0.84 1.77
CA THR A 70 12.47 -0.95 0.69
C THR A 70 11.96 -0.37 -0.64
N ALA A 71 10.80 0.26 -0.61
CA ALA A 71 10.26 0.93 -1.78
C ALA A 71 10.64 2.42 -1.72
N GLY A 72 10.79 3.04 -2.88
CA GLY A 72 11.23 4.44 -2.92
C GLY A 72 10.10 5.44 -3.12
N CYS A 73 9.83 6.24 -2.10
CA CYS A 73 8.79 7.25 -2.16
C CYS A 73 9.33 8.56 -2.76
N GLN A 74 8.69 9.04 -3.81
CA GLN A 74 9.08 10.30 -4.43
C GLN A 74 7.83 11.12 -4.75
N THR A 75 7.90 12.41 -4.51
CA THR A 75 6.79 13.29 -4.75
C THR A 75 7.04 14.21 -5.92
N ALA A 76 6.10 14.27 -6.85
CA ALA A 76 6.20 15.16 -7.98
C ALA A 76 4.86 15.81 -8.27
N GLU A 77 4.77 17.09 -8.05
CA GLU A 77 3.53 17.83 -8.23
C GLU A 77 3.15 17.98 -9.70
N ASN A 78 4.13 17.89 -10.57
CA ASN A 78 3.89 18.04 -12.00
C ASN A 78 3.85 16.70 -12.71
N ARG A 79 3.85 15.62 -11.93
CA ARG A 79 3.81 14.28 -12.50
C ARG A 79 2.65 13.50 -11.91
N GLU A 80 1.49 13.64 -12.52
CA GLU A 80 0.28 12.95 -12.07
C GLU A 80 -0.12 11.87 -13.05
N ASN A 81 0.84 11.42 -13.83
CA ASN A 81 0.59 10.42 -14.86
C ASN A 81 0.09 9.10 -14.26
N SER A 82 0.59 8.75 -13.08
CA SER A 82 0.15 7.54 -12.42
C SER A 82 -0.80 7.86 -11.26
N LYS A 83 -0.65 9.05 -10.69
CA LYS A 83 -1.46 9.48 -9.56
C LYS A 83 -1.11 10.90 -9.16
N LYS A 84 0.04 11.02 -8.53
CA LYS A 84 0.57 12.27 -7.98
C LYS A 84 1.83 11.92 -7.21
N ILE A 85 1.83 10.70 -6.67
CA ILE A 85 2.95 10.15 -5.97
C ILE A 85 3.66 9.15 -6.84
N ILE A 86 4.96 9.26 -6.93
CA ILE A 86 5.74 8.33 -7.70
C ILE A 86 6.52 7.45 -6.74
N CYS A 87 6.10 6.24 -6.58
CA CYS A 87 6.80 5.35 -5.70
C CYS A 87 7.49 4.27 -6.51
N THR A 88 8.68 3.93 -6.10
CA THR A 88 9.45 2.95 -6.78
C THR A 88 9.08 1.57 -6.28
N CYS A 89 8.75 0.68 -7.21
CA CYS A 89 8.46 -0.69 -6.87
C CYS A 89 9.68 -1.33 -6.22
N LYS A 90 9.49 -2.43 -5.58
CA LYS A 90 10.55 -3.08 -4.87
C LYS A 90 11.35 -3.97 -5.83
N GLU A 91 12.26 -4.78 -5.28
CA GLU A 91 13.10 -5.68 -6.08
C GLU A 91 12.24 -6.46 -7.08
N PRO A 92 12.86 -6.93 -8.20
CA PRO A 92 12.16 -7.56 -9.33
C PRO A 92 10.99 -8.47 -8.97
N THR A 93 9.83 -7.86 -8.85
CA THR A 93 8.60 -8.54 -8.57
C THR A 93 7.43 -7.74 -9.16
N PRO A 94 7.00 -8.11 -10.38
CA PRO A 94 5.94 -7.36 -11.10
C PRO A 94 4.54 -7.49 -10.48
N ASN A 95 4.43 -8.26 -9.41
CA ASN A 95 3.14 -8.42 -8.75
C ASN A 95 2.85 -7.22 -7.85
N ALA A 96 2.07 -6.29 -8.35
CA ALA A 96 1.72 -5.10 -7.60
C ALA A 96 0.47 -5.36 -6.77
N TYR A 97 0.66 -5.41 -5.47
CA TYR A 97 -0.44 -5.61 -4.54
C TYR A 97 -0.60 -4.40 -3.67
N TYR A 98 -1.73 -4.34 -2.95
CA TYR A 98 -2.02 -3.24 -2.03
C TYR A 98 -1.92 -1.88 -2.72
N ASP A 99 -2.35 -1.85 -3.98
CA ASP A 99 -2.40 -0.62 -4.80
C ASP A 99 -0.99 -0.10 -5.13
N GLY A 100 0.00 -0.97 -5.06
CA GLY A 100 1.36 -0.57 -5.38
C GLY A 100 2.24 -0.46 -4.15
N VAL A 101 1.62 -0.58 -2.99
CA VAL A 101 2.33 -0.50 -1.71
C VAL A 101 3.27 -1.70 -1.54
N PHE A 102 2.93 -2.81 -2.16
CA PHE A 102 3.68 -4.01 -1.99
C PHE A 102 3.93 -4.65 -3.34
N CYS A 103 5.17 -4.95 -3.58
CA CYS A 103 5.58 -5.61 -4.80
C CYS A 103 5.99 -7.04 -4.49
N GLY A 104 5.46 -7.98 -5.26
CA GLY A 104 5.81 -9.37 -5.06
C GLY A 104 5.01 -10.00 -3.95
N MET A 1 -4.70 -0.78 -10.86
CA MET A 1 -4.81 -2.25 -11.05
C MET A 1 -3.78 -2.75 -12.06
N ASN A 2 -3.65 -2.03 -13.17
CA ASN A 2 -2.69 -2.40 -14.20
C ASN A 2 -1.37 -1.67 -13.96
N MET A 3 -1.33 -0.38 -14.31
CA MET A 3 -0.15 0.46 -14.13
C MET A 3 1.05 -0.10 -14.91
N ASP A 4 2.24 0.35 -14.54
CA ASP A 4 3.46 -0.12 -15.21
C ASP A 4 3.80 -1.55 -14.82
N SER A 5 3.54 -1.89 -13.58
CA SER A 5 3.83 -3.22 -13.07
C SER A 5 3.01 -4.29 -13.82
N MET A 6 1.73 -3.98 -14.06
CA MET A 6 0.82 -4.90 -14.75
C MET A 6 0.78 -6.26 -14.06
N ASP A 7 -0.01 -6.36 -13.01
CA ASP A 7 -0.03 -7.57 -12.24
C ASP A 7 -1.41 -7.85 -11.69
N LEU A 8 -2.05 -8.83 -12.24
CA LEU A 8 -3.35 -9.25 -11.80
C LEU A 8 -3.34 -10.75 -11.59
N LEU A 9 -3.28 -11.15 -10.34
CA LEU A 9 -3.20 -12.56 -9.98
C LEU A 9 -4.53 -13.24 -10.23
N GLY A 10 -5.61 -12.58 -9.84
CA GLY A 10 -6.95 -13.11 -10.09
C GLY A 10 -7.19 -14.44 -9.42
N ILE A 11 -6.68 -14.60 -8.23
CA ILE A 11 -6.84 -15.83 -7.47
C ILE A 11 -7.66 -15.58 -6.23
N ASP A 12 -8.12 -16.65 -5.61
CA ASP A 12 -8.84 -16.57 -4.35
C ASP A 12 -7.99 -15.87 -3.31
N PRO A 13 -8.63 -15.12 -2.39
CA PRO A 13 -7.95 -14.40 -1.30
C PRO A 13 -7.19 -15.34 -0.33
N LYS A 14 -6.17 -16.01 -0.84
CA LYS A 14 -5.39 -16.96 -0.06
C LYS A 14 -4.35 -16.25 0.80
N HIS A 15 -3.86 -15.12 0.32
CA HIS A 15 -2.81 -14.37 1.02
C HIS A 15 -3.31 -13.01 1.45
N VAL A 16 -4.61 -12.85 1.49
CA VAL A 16 -5.20 -11.58 1.88
C VAL A 16 -5.27 -11.50 3.39
N CYS A 17 -5.27 -10.29 3.90
CA CYS A 17 -5.36 -10.07 5.33
C CYS A 17 -6.80 -10.30 5.80
N ILE A 18 -6.94 -10.57 7.07
CA ILE A 18 -8.23 -10.78 7.68
C ILE A 18 -9.00 -9.47 7.78
N ASN A 19 -10.30 -9.58 7.88
CA ASN A 19 -11.12 -8.39 8.00
C ASN A 19 -10.85 -7.71 9.32
N THR A 20 -10.21 -6.58 9.24
CA THR A 20 -9.84 -5.84 10.41
C THR A 20 -10.81 -4.68 10.64
N ARG A 21 -11.11 -4.41 11.89
CA ARG A 21 -11.99 -3.32 12.23
C ARG A 21 -11.20 -2.22 12.90
N ASP A 22 -10.08 -2.59 13.49
CA ASP A 22 -9.22 -1.64 14.17
C ASP A 22 -8.48 -0.78 13.14
N ILE A 23 -8.06 -1.40 12.06
CA ILE A 23 -7.38 -0.72 10.99
C ILE A 23 -8.41 -0.03 10.08
N PRO A 24 -8.18 1.25 9.76
CA PRO A 24 -9.09 2.02 8.90
C PRO A 24 -9.19 1.42 7.50
N ALA A 25 -10.18 1.85 6.75
CA ALA A 25 -10.40 1.35 5.41
C ALA A 25 -9.30 1.83 4.48
N ASN A 26 -8.98 0.97 3.50
CA ASN A 26 -7.94 1.28 2.50
C ASN A 26 -6.56 1.27 3.12
N ALA A 27 -6.29 0.25 3.92
CA ALA A 27 -5.00 0.06 4.55
C ALA A 27 -4.70 -1.43 4.64
N GLY A 28 -3.44 -1.79 4.41
CA GLY A 28 -3.05 -3.18 4.45
C GLY A 28 -2.59 -3.61 5.81
N CYS A 29 -3.13 -4.70 6.30
CA CYS A 29 -2.79 -5.21 7.62
C CYS A 29 -1.93 -6.47 7.53
N PHE A 30 -0.76 -6.43 8.13
CA PHE A 30 0.10 -7.60 8.19
C PHE A 30 0.12 -8.15 9.61
N ARG A 31 -0.41 -9.34 9.76
CA ARG A 31 -0.49 -9.99 11.05
C ARG A 31 0.59 -11.05 11.15
N TYR A 32 1.42 -10.96 12.17
CA TYR A 32 2.52 -11.88 12.35
C TYR A 32 2.21 -12.92 13.41
N ASP A 33 2.79 -14.09 13.24
CA ASP A 33 2.61 -15.24 14.14
C ASP A 33 2.94 -14.86 15.58
N ASN A 34 3.94 -14.01 15.73
CA ASN A 34 4.39 -13.57 17.05
C ASN A 34 3.44 -12.56 17.69
N GLY A 35 2.37 -12.24 17.00
CA GLY A 35 1.40 -11.30 17.54
C GLY A 35 1.68 -9.89 17.08
N ASN A 36 2.80 -9.70 16.42
CA ASN A 36 3.19 -8.41 15.91
C ASN A 36 2.32 -8.03 14.72
N GLU A 37 1.97 -6.78 14.63
CA GLU A 37 1.14 -6.30 13.54
C GLU A 37 1.67 -5.00 13.00
N GLU A 38 1.87 -4.97 11.71
CA GLU A 38 2.31 -3.78 11.04
C GLU A 38 1.32 -3.46 9.94
N TRP A 39 1.02 -2.20 9.76
CA TRP A 39 0.00 -1.82 8.80
C TRP A 39 0.51 -0.76 7.83
N ARG A 40 0.10 -0.89 6.58
CA ARG A 40 0.49 0.03 5.52
C ARG A 40 -0.72 0.78 4.99
N CYS A 41 -0.76 2.07 5.19
CA CYS A 41 -1.85 2.88 4.67
C CYS A 41 -1.64 3.07 3.16
N LEU A 42 -2.71 3.00 2.38
CA LEU A 42 -2.61 3.13 0.93
C LEU A 42 -2.15 4.52 0.50
N LEU A 43 -1.57 4.59 -0.68
CA LEU A 43 -1.07 5.84 -1.20
C LEU A 43 -2.20 6.79 -1.54
N GLY A 44 -1.96 8.06 -1.28
CA GLY A 44 -2.98 9.06 -1.53
C GLY A 44 -3.85 9.30 -0.32
N TYR A 45 -3.58 8.53 0.73
CA TYR A 45 -4.34 8.63 1.95
C TYR A 45 -3.47 9.15 3.07
N LYS A 46 -4.03 10.05 3.83
CA LYS A 46 -3.34 10.66 4.94
C LYS A 46 -3.95 10.19 6.25
N LYS A 47 -3.12 10.13 7.26
CA LYS A 47 -3.54 9.69 8.57
C LYS A 47 -4.20 10.81 9.36
N ASN A 48 -5.49 10.70 9.53
CA ASN A 48 -6.23 11.71 10.27
C ASN A 48 -7.11 11.07 11.30
N ASN A 49 -6.86 11.40 12.56
CA ASN A 49 -7.65 10.89 13.68
C ASN A 49 -7.64 9.36 13.70
N ASN A 50 -6.45 8.79 13.47
CA ASN A 50 -6.23 7.32 13.50
C ASN A 50 -6.80 6.63 12.25
N THR A 51 -7.51 7.37 11.42
CA THR A 51 -8.09 6.80 10.22
C THR A 51 -7.44 7.35 8.94
N CYS A 52 -7.28 6.49 7.95
CA CYS A 52 -6.75 6.90 6.67
C CYS A 52 -7.82 7.55 5.83
N ILE A 53 -7.61 8.82 5.52
CA ILE A 53 -8.56 9.56 4.70
C ILE A 53 -7.92 9.87 3.36
N GLU A 54 -8.73 9.90 2.32
CA GLU A 54 -8.22 10.21 1.00
C GLU A 54 -7.86 11.70 0.94
N ASP A 55 -6.61 11.98 0.68
CA ASP A 55 -6.12 13.35 0.68
C ASP A 55 -5.87 13.82 -0.74
N SER A 56 -6.35 15.02 -1.05
CA SER A 56 -6.18 15.60 -2.37
C SER A 56 -4.75 16.12 -2.58
N ASN A 57 -4.04 16.31 -1.47
CA ASN A 57 -2.66 16.77 -1.50
C ASN A 57 -1.79 15.75 -0.78
N PRO A 58 -1.52 14.62 -1.44
CA PRO A 58 -0.76 13.54 -0.85
C PRO A 58 0.73 13.83 -0.72
N THR A 59 1.16 14.07 0.49
CA THR A 59 2.57 14.24 0.80
C THR A 59 3.18 12.84 1.02
N CYS A 60 2.82 11.94 0.09
CA CYS A 60 3.15 10.51 0.14
C CYS A 60 2.26 9.81 1.17
N GLY A 61 1.41 10.62 1.83
CA GLY A 61 0.47 10.14 2.85
C GLY A 61 1.15 9.60 4.11
N ASN A 62 2.28 8.95 3.93
CA ASN A 62 3.04 8.39 5.02
C ASN A 62 4.52 8.62 4.74
N ASN A 63 5.33 8.59 5.79
CA ASN A 63 6.79 8.78 5.68
C ASN A 63 7.40 7.93 4.56
N ASN A 64 6.86 6.72 4.36
CA ASN A 64 7.36 5.82 3.31
C ASN A 64 6.36 5.73 2.16
N GLY A 65 5.46 6.69 2.11
CA GLY A 65 4.45 6.76 1.06
C GLY A 65 3.38 5.73 1.19
N GLY A 66 3.37 5.02 2.31
CA GLY A 66 2.41 3.97 2.52
C GLY A 66 2.89 2.68 1.91
N CYS A 67 3.90 2.79 1.07
CA CYS A 67 4.53 1.68 0.42
C CYS A 67 5.26 0.83 1.45
N ASP A 68 5.48 -0.43 1.12
CA ASP A 68 6.23 -1.34 1.98
C ASP A 68 7.62 -0.77 2.25
N PRO A 69 8.20 -1.04 3.44
CA PRO A 69 9.55 -0.60 3.83
C PRO A 69 10.61 -0.83 2.73
N THR A 70 10.39 -1.83 1.88
CA THR A 70 11.33 -2.13 0.80
C THR A 70 11.21 -1.13 -0.36
N ALA A 71 10.01 -0.60 -0.54
CA ALA A 71 9.72 0.31 -1.65
C ALA A 71 10.17 1.73 -1.31
N GLY A 72 10.37 2.54 -2.35
CA GLY A 72 10.85 3.90 -2.16
C GLY A 72 9.80 4.97 -2.45
N CYS A 73 9.54 5.82 -1.46
CA CYS A 73 8.57 6.93 -1.62
C CYS A 73 9.25 8.14 -2.27
N GLN A 74 8.55 8.78 -3.19
CA GLN A 74 9.05 9.98 -3.83
C GLN A 74 7.90 10.91 -4.16
N THR A 75 8.00 12.15 -3.73
CA THR A 75 6.98 13.13 -3.98
C THR A 75 7.46 14.22 -4.95
N ALA A 76 6.74 14.39 -6.05
CA ALA A 76 7.07 15.40 -7.03
C ALA A 76 5.81 16.10 -7.50
N GLU A 77 5.80 17.42 -7.42
CA GLU A 77 4.63 18.20 -7.81
C GLU A 77 4.47 18.20 -9.33
N ASN A 78 5.58 18.29 -10.03
CA ASN A 78 5.58 18.32 -11.48
C ASN A 78 5.55 16.90 -12.07
N ARG A 79 4.89 16.00 -11.37
CA ARG A 79 4.82 14.62 -11.81
C ARG A 79 3.39 14.09 -11.69
N GLU A 80 2.42 15.01 -11.66
CA GLU A 80 1.00 14.63 -11.54
C GLU A 80 0.49 13.93 -12.81
N ASN A 81 1.31 13.91 -13.83
CA ASN A 81 0.96 13.23 -15.07
C ASN A 81 0.98 11.71 -14.87
N SER A 82 1.96 11.25 -14.08
CA SER A 82 2.06 9.83 -13.79
C SER A 82 1.13 9.48 -12.62
N LYS A 83 0.90 10.47 -11.75
CA LYS A 83 0.03 10.32 -10.57
C LYS A 83 0.18 11.55 -9.69
N LYS A 84 1.24 11.53 -8.90
CA LYS A 84 1.61 12.57 -7.94
C LYS A 84 2.62 11.98 -6.99
N ILE A 85 2.32 10.77 -6.55
CA ILE A 85 3.22 10.01 -5.72
C ILE A 85 3.96 9.02 -6.57
N ILE A 86 5.26 9.06 -6.49
CA ILE A 86 6.07 8.13 -7.24
C ILE A 86 6.67 7.15 -6.29
N CYS A 87 6.17 5.94 -6.27
CA CYS A 87 6.74 4.96 -5.42
C CYS A 87 7.56 3.99 -6.24
N THR A 88 8.71 3.65 -5.73
CA THR A 88 9.63 2.83 -6.43
C THR A 88 9.34 1.35 -6.20
N CYS A 89 8.96 0.67 -7.27
CA CYS A 89 8.75 -0.76 -7.23
C CYS A 89 10.10 -1.43 -7.04
N LYS A 90 10.10 -2.68 -6.66
CA LYS A 90 11.34 -3.35 -6.37
C LYS A 90 11.93 -3.95 -7.64
N GLU A 91 13.12 -4.53 -7.50
CA GLU A 91 13.84 -5.11 -8.62
C GLU A 91 13.01 -6.15 -9.37
N PRO A 92 13.35 -6.43 -10.67
CA PRO A 92 12.59 -7.25 -11.63
C PRO A 92 11.60 -8.25 -11.04
N THR A 93 10.51 -7.72 -10.54
CA THR A 93 9.41 -8.49 -10.02
C THR A 93 8.15 -7.67 -10.21
N PRO A 94 7.44 -7.89 -11.31
CA PRO A 94 6.26 -7.10 -11.66
C PRO A 94 5.02 -7.52 -10.91
N ASN A 95 5.17 -7.85 -9.65
CA ASN A 95 4.06 -8.27 -8.82
C ASN A 95 3.63 -7.16 -7.91
N ALA A 96 2.50 -6.57 -8.22
CA ALA A 96 1.97 -5.47 -7.45
C ALA A 96 0.88 -5.94 -6.51
N TYR A 97 1.20 -6.02 -5.24
CA TYR A 97 0.24 -6.44 -4.25
C TYR A 97 -0.22 -5.26 -3.44
N TYR A 98 -1.41 -5.37 -2.85
CA TYR A 98 -1.98 -4.31 -2.02
C TYR A 98 -2.11 -3.01 -2.80
N ASP A 99 -2.44 -3.14 -4.09
CA ASP A 99 -2.64 -1.99 -4.99
C ASP A 99 -1.35 -1.24 -5.29
N GLY A 100 -0.23 -1.94 -5.14
CA GLY A 100 1.06 -1.33 -5.46
C GLY A 100 1.87 -1.04 -4.23
N VAL A 101 1.25 -1.18 -3.07
CA VAL A 101 1.93 -0.95 -1.80
C VAL A 101 3.11 -1.92 -1.62
N PHE A 102 2.98 -3.11 -2.17
CA PHE A 102 4.03 -4.11 -2.08
C PHE A 102 4.43 -4.60 -3.47
N CYS A 103 5.72 -4.65 -3.73
CA CYS A 103 6.23 -5.05 -5.03
C CYS A 103 7.09 -6.32 -4.91
N GLY A 104 6.60 -7.40 -5.46
CA GLY A 104 7.34 -8.65 -5.42
C GLY A 104 6.64 -9.73 -4.62
N MET A 1 -3.68 9.19 -5.48
CA MET A 1 -5.17 9.25 -5.47
C MET A 1 -5.76 8.12 -6.32
N ASN A 2 -5.39 8.08 -7.60
CA ASN A 2 -5.91 7.05 -8.51
C ASN A 2 -5.23 5.71 -8.26
N MET A 3 -5.98 4.64 -8.46
CA MET A 3 -5.46 3.30 -8.27
C MET A 3 -5.39 2.56 -9.60
N ASP A 4 -6.41 2.79 -10.43
CA ASP A 4 -6.55 2.18 -11.75
C ASP A 4 -6.71 0.67 -11.66
N SER A 5 -5.59 -0.05 -11.56
CA SER A 5 -5.60 -1.51 -11.47
C SER A 5 -4.17 -2.04 -11.37
N MET A 6 -3.80 -2.46 -10.17
CA MET A 6 -2.47 -3.01 -9.95
C MET A 6 -2.54 -4.48 -9.62
N ASP A 7 -3.65 -4.86 -9.05
CA ASP A 7 -3.90 -6.25 -8.68
C ASP A 7 -4.46 -6.99 -9.86
N LEU A 8 -3.56 -7.46 -10.69
CA LEU A 8 -3.92 -8.21 -11.89
C LEU A 8 -3.62 -9.68 -11.71
N LEU A 9 -3.57 -10.11 -10.47
CA LEU A 9 -3.28 -11.50 -10.17
C LEU A 9 -4.56 -12.33 -10.29
N GLY A 10 -5.63 -11.83 -9.68
CA GLY A 10 -6.93 -12.50 -9.76
C GLY A 10 -6.87 -13.92 -9.25
N ILE A 11 -6.40 -14.08 -8.04
CA ILE A 11 -6.26 -15.39 -7.45
C ILE A 11 -7.09 -15.54 -6.20
N ASP A 12 -7.25 -16.78 -5.76
CA ASP A 12 -7.93 -17.10 -4.51
C ASP A 12 -7.27 -16.34 -3.37
N PRO A 13 -8.03 -15.99 -2.33
CA PRO A 13 -7.54 -15.22 -1.15
C PRO A 13 -6.40 -15.91 -0.37
N LYS A 14 -5.29 -16.17 -1.04
CA LYS A 14 -4.12 -16.80 -0.46
C LYS A 14 -3.28 -15.78 0.30
N HIS A 15 -3.32 -14.54 -0.18
CA HIS A 15 -2.51 -13.47 0.37
C HIS A 15 -3.39 -12.38 0.97
N VAL A 16 -4.65 -12.71 1.21
CA VAL A 16 -5.60 -11.75 1.75
C VAL A 16 -5.45 -11.64 3.27
N CYS A 17 -5.65 -10.43 3.77
CA CYS A 17 -5.59 -10.18 5.20
C CYS A 17 -6.93 -10.49 5.85
N ILE A 18 -6.90 -10.73 7.14
CA ILE A 18 -8.10 -11.00 7.90
C ILE A 18 -8.92 -9.73 8.05
N ASN A 19 -10.19 -9.88 8.27
CA ASN A 19 -11.07 -8.72 8.41
C ASN A 19 -10.75 -7.97 9.68
N THR A 20 -10.17 -6.81 9.53
CA THR A 20 -9.75 -6.02 10.64
C THR A 20 -10.72 -4.88 10.92
N ARG A 21 -10.94 -4.62 12.19
CA ARG A 21 -11.79 -3.52 12.60
C ARG A 21 -10.94 -2.42 13.22
N ASP A 22 -9.70 -2.77 13.51
CA ASP A 22 -8.74 -1.85 14.07
C ASP A 22 -8.11 -1.01 12.98
N ILE A 23 -7.68 -1.69 11.93
CA ILE A 23 -7.06 -1.02 10.80
C ILE A 23 -8.14 -0.40 9.92
N PRO A 24 -7.95 0.87 9.55
CA PRO A 24 -8.90 1.59 8.70
C PRO A 24 -8.96 1.02 7.29
N ALA A 25 -9.90 1.51 6.50
CA ALA A 25 -10.03 1.07 5.13
C ALA A 25 -8.90 1.60 4.29
N ASN A 26 -8.63 0.91 3.19
CA ASN A 26 -7.60 1.32 2.25
C ASN A 26 -6.23 1.29 2.91
N ALA A 27 -6.02 0.28 3.72
CA ALA A 27 -4.76 0.08 4.39
C ALA A 27 -4.44 -1.40 4.43
N GLY A 28 -3.17 -1.72 4.24
CA GLY A 28 -2.77 -3.09 4.24
C GLY A 28 -2.42 -3.59 5.62
N CYS A 29 -3.15 -4.58 6.07
CA CYS A 29 -2.91 -5.17 7.37
C CYS A 29 -2.11 -6.46 7.23
N PHE A 30 -0.93 -6.48 7.80
CA PHE A 30 -0.10 -7.67 7.77
C PHE A 30 0.04 -8.19 9.18
N ARG A 31 -0.49 -9.36 9.43
CA ARG A 31 -0.46 -9.95 10.75
C ARG A 31 0.46 -11.14 10.79
N TYR A 32 1.44 -11.07 11.66
CA TYR A 32 2.36 -12.16 11.84
C TYR A 32 1.82 -13.12 12.88
N ASP A 33 2.13 -14.40 12.71
CA ASP A 33 1.67 -15.41 13.67
C ASP A 33 2.44 -15.26 14.98
N ASN A 34 3.47 -14.43 14.92
CA ASN A 34 4.29 -14.12 16.09
C ASN A 34 3.62 -13.04 16.94
N GLY A 35 2.45 -12.58 16.49
CA GLY A 35 1.73 -11.56 17.22
C GLY A 35 2.11 -10.16 16.82
N ASN A 36 2.99 -10.06 15.84
CA ASN A 36 3.46 -8.76 15.38
C ASN A 36 2.48 -8.14 14.40
N GLU A 37 2.20 -6.87 14.59
CA GLU A 37 1.29 -6.13 13.73
C GLU A 37 2.07 -5.20 12.81
N GLU A 38 1.74 -5.23 11.54
CA GLU A 38 2.35 -4.36 10.56
C GLU A 38 1.29 -3.80 9.66
N TRP A 39 1.26 -2.50 9.50
CA TRP A 39 0.21 -1.86 8.71
C TRP A 39 0.80 -0.85 7.74
N ARG A 40 0.30 -0.85 6.53
CA ARG A 40 0.72 0.11 5.52
C ARG A 40 -0.49 0.79 4.92
N CYS A 41 -0.61 2.08 5.16
CA CYS A 41 -1.73 2.84 4.62
C CYS A 41 -1.48 3.12 3.15
N LEU A 42 -2.53 3.11 2.35
CA LEU A 42 -2.41 3.32 0.92
C LEU A 42 -2.01 4.76 0.59
N LEU A 43 -1.41 4.91 -0.58
CA LEU A 43 -0.94 6.20 -1.03
C LEU A 43 -2.11 7.13 -1.28
N GLY A 44 -1.97 8.38 -0.87
CA GLY A 44 -3.02 9.35 -1.05
C GLY A 44 -3.88 9.46 0.18
N TYR A 45 -3.70 8.55 1.11
CA TYR A 45 -4.43 8.55 2.35
C TYR A 45 -3.53 9.03 3.48
N LYS A 46 -4.10 9.79 4.38
CA LYS A 46 -3.35 10.37 5.46
C LYS A 46 -3.94 10.00 6.83
N LYS A 47 -3.09 10.05 7.83
CA LYS A 47 -3.39 9.72 9.21
C LYS A 47 -4.32 10.75 9.88
N ASN A 48 -5.55 10.36 10.13
CA ASN A 48 -6.50 11.20 10.81
C ASN A 48 -7.44 10.35 11.65
N ASN A 49 -7.54 10.66 12.94
CA ASN A 49 -8.43 9.93 13.86
C ASN A 49 -8.05 8.45 13.93
N ASN A 50 -6.76 8.15 13.75
CA ASN A 50 -6.25 6.76 13.77
C ASN A 50 -6.76 5.97 12.58
N THR A 51 -7.27 6.68 11.59
CA THR A 51 -7.77 6.05 10.39
C THR A 51 -7.15 6.67 9.16
N CYS A 52 -7.31 6.02 8.02
CA CYS A 52 -6.80 6.52 6.77
C CYS A 52 -7.88 7.28 6.04
N ILE A 53 -7.62 8.54 5.77
CA ILE A 53 -8.57 9.37 5.06
C ILE A 53 -7.97 9.79 3.73
N GLU A 54 -8.82 9.97 2.74
CA GLU A 54 -8.36 10.40 1.44
C GLU A 54 -7.97 11.88 1.51
N ASP A 55 -6.73 12.17 1.21
CA ASP A 55 -6.23 13.53 1.30
C ASP A 55 -5.97 14.11 -0.08
N SER A 56 -6.43 15.34 -0.30
CA SER A 56 -6.26 16.00 -1.60
C SER A 56 -4.84 16.55 -1.75
N ASN A 57 -4.06 16.43 -0.69
CA ASN A 57 -2.66 16.85 -0.71
C ASN A 57 -1.78 15.64 -0.41
N PRO A 58 -1.58 14.78 -1.41
CA PRO A 58 -0.78 13.57 -1.27
C PRO A 58 0.72 13.87 -1.15
N THR A 59 1.15 14.20 0.03
CA THR A 59 2.57 14.37 0.32
C THR A 59 3.16 13.01 0.66
N CYS A 60 2.79 12.05 -0.18
CA CYS A 60 3.09 10.63 -0.02
C CYS A 60 2.18 10.02 1.05
N GLY A 61 1.33 10.87 1.68
CA GLY A 61 0.35 10.44 2.71
C GLY A 61 0.98 9.85 3.98
N ASN A 62 2.07 9.16 3.81
CA ASN A 62 2.80 8.51 4.86
C ASN A 62 4.27 8.84 4.74
N ASN A 63 5.00 8.74 5.85
CA ASN A 63 6.45 9.03 5.89
C ASN A 63 7.21 8.34 4.76
N ASN A 64 6.74 7.16 4.36
CA ASN A 64 7.40 6.42 3.28
C ASN A 64 6.44 6.23 2.11
N GLY A 65 5.41 7.07 2.07
CA GLY A 65 4.42 7.01 1.01
C GLY A 65 3.42 5.90 1.21
N GLY A 66 3.54 5.21 2.32
CA GLY A 66 2.67 4.09 2.59
C GLY A 66 3.23 2.83 2.00
N CYS A 67 4.19 3.04 1.12
CA CYS A 67 4.87 1.98 0.43
C CYS A 67 5.82 1.26 1.38
N ASP A 68 6.16 0.02 1.03
CA ASP A 68 7.06 -0.82 1.83
C ASP A 68 8.33 -0.06 2.23
N PRO A 69 8.84 -0.35 3.44
CA PRO A 69 10.06 0.27 3.99
C PRO A 69 11.23 0.30 3.00
N THR A 70 11.40 -0.73 2.20
CA THR A 70 12.51 -0.78 1.26
C THR A 70 12.15 -0.10 -0.06
N ALA A 71 10.89 0.29 -0.20
CA ALA A 71 10.43 1.01 -1.36
C ALA A 71 10.68 2.49 -1.17
N GLY A 72 10.93 3.20 -2.25
CA GLY A 72 11.23 4.60 -2.16
C GLY A 72 10.04 5.49 -2.44
N CYS A 73 9.86 6.52 -1.62
CA CYS A 73 8.80 7.50 -1.82
C CYS A 73 9.35 8.72 -2.55
N GLN A 74 8.91 8.92 -3.78
CA GLN A 74 9.36 10.04 -4.57
C GLN A 74 8.18 10.93 -4.95
N THR A 75 8.27 12.19 -4.60
CA THR A 75 7.22 13.14 -4.90
C THR A 75 7.63 14.05 -6.04
N ALA A 76 6.80 14.12 -7.06
CA ALA A 76 7.07 14.97 -8.20
C ALA A 76 5.84 15.76 -8.56
N GLU A 77 5.98 17.08 -8.63
CA GLU A 77 4.89 17.98 -8.91
C GLU A 77 4.30 17.77 -10.32
N ASN A 78 5.17 17.64 -11.30
CA ASN A 78 4.74 17.51 -12.69
C ASN A 78 4.39 16.07 -13.06
N ARG A 79 4.92 15.12 -12.31
CA ARG A 79 4.69 13.70 -12.62
C ARG A 79 3.37 13.20 -12.00
N GLU A 80 2.26 13.74 -12.47
CA GLU A 80 0.94 13.35 -11.98
C GLU A 80 0.42 12.15 -12.76
N ASN A 81 1.00 11.93 -13.90
CA ASN A 81 0.57 10.86 -14.81
C ASN A 81 0.77 9.48 -14.21
N SER A 82 1.90 9.28 -13.56
CA SER A 82 2.21 7.98 -13.01
C SER A 82 1.39 7.66 -11.77
N LYS A 83 0.99 8.71 -11.02
CA LYS A 83 0.24 8.57 -9.75
C LYS A 83 0.40 9.83 -8.89
N LYS A 84 1.40 10.65 -9.27
CA LYS A 84 1.82 11.86 -8.52
C LYS A 84 2.82 11.45 -7.44
N ILE A 85 2.60 10.27 -6.88
CA ILE A 85 3.52 9.69 -5.93
C ILE A 85 4.24 8.54 -6.62
N ILE A 86 5.53 8.67 -6.75
CA ILE A 86 6.31 7.65 -7.42
C ILE A 86 7.02 6.79 -6.40
N CYS A 87 6.54 5.58 -6.23
CA CYS A 87 7.20 4.64 -5.33
C CYS A 87 8.13 3.74 -6.10
N THR A 88 9.24 3.42 -5.51
CA THR A 88 10.23 2.59 -6.15
C THR A 88 9.90 1.10 -5.94
N CYS A 89 9.70 0.40 -7.04
CA CYS A 89 9.39 -1.01 -7.02
C CYS A 89 10.61 -1.82 -6.64
N LYS A 90 10.38 -3.06 -6.29
CA LYS A 90 11.42 -3.95 -5.87
C LYS A 90 12.02 -4.65 -7.09
N GLU A 91 12.92 -5.59 -6.85
CA GLU A 91 13.57 -6.35 -7.91
C GLU A 91 12.53 -6.92 -8.88
N PRO A 92 12.94 -7.23 -10.15
CA PRO A 92 12.04 -7.69 -11.24
C PRO A 92 10.91 -8.60 -10.79
N THR A 93 9.81 -7.98 -10.42
CA THR A 93 8.62 -8.65 -9.99
C THR A 93 7.39 -7.86 -10.41
N PRO A 94 6.75 -8.27 -11.49
CA PRO A 94 5.55 -7.57 -12.02
C PRO A 94 4.30 -7.78 -11.16
N ASN A 95 4.49 -7.98 -9.86
CA ASN A 95 3.36 -8.19 -8.95
C ASN A 95 3.22 -7.01 -8.01
N ALA A 96 2.32 -6.11 -8.36
CA ALA A 96 2.07 -4.93 -7.54
C ALA A 96 0.86 -5.17 -6.65
N TYR A 97 1.12 -5.38 -5.38
CA TYR A 97 0.07 -5.63 -4.42
C TYR A 97 -0.28 -4.37 -3.67
N TYR A 98 -1.51 -4.32 -3.17
CA TYR A 98 -2.00 -3.21 -2.36
C TYR A 98 -1.91 -1.89 -3.13
N ASP A 99 -2.10 -1.98 -4.44
CA ASP A 99 -2.12 -0.80 -5.33
C ASP A 99 -0.77 -0.12 -5.43
N GLY A 100 0.30 -0.88 -5.24
CA GLY A 100 1.63 -0.33 -5.40
C GLY A 100 2.41 -0.28 -4.10
N VAL A 101 1.71 -0.48 -2.99
CA VAL A 101 2.34 -0.45 -1.67
C VAL A 101 3.43 -1.52 -1.58
N PHE A 102 3.19 -2.66 -2.22
CA PHE A 102 4.13 -3.75 -2.17
C PHE A 102 4.44 -4.25 -3.57
N CYS A 103 5.69 -4.52 -3.85
CA CYS A 103 6.13 -4.96 -5.16
C CYS A 103 6.82 -6.31 -5.05
N GLY A 104 6.20 -7.33 -5.61
CA GLY A 104 6.78 -8.67 -5.56
C GLY A 104 6.42 -9.40 -4.29
N MET A 1 1.12 -1.45 -9.95
CA MET A 1 1.29 -1.96 -11.35
C MET A 1 0.04 -2.73 -11.78
N ASN A 2 -1.09 -2.39 -11.17
CA ASN A 2 -2.38 -3.02 -11.48
C ASN A 2 -2.74 -2.82 -12.94
N MET A 3 -2.69 -3.88 -13.70
CA MET A 3 -3.01 -3.82 -15.12
C MET A 3 -3.81 -5.04 -15.52
N ASP A 4 -3.17 -6.19 -15.45
CA ASP A 4 -3.79 -7.44 -15.83
C ASP A 4 -4.45 -8.09 -14.61
N SER A 5 -4.98 -9.29 -14.82
CA SER A 5 -5.63 -10.06 -13.77
C SER A 5 -6.95 -9.43 -13.34
N MET A 6 -8.01 -9.78 -14.04
CA MET A 6 -9.34 -9.30 -13.72
C MET A 6 -10.13 -10.40 -13.03
N ASP A 7 -9.42 -11.45 -12.68
CA ASP A 7 -10.00 -12.61 -12.05
C ASP A 7 -9.47 -12.74 -10.63
N LEU A 8 -10.21 -12.17 -9.71
CA LEU A 8 -9.84 -12.22 -8.30
C LEU A 8 -10.05 -13.61 -7.73
N LEU A 9 -9.26 -13.96 -6.73
CA LEU A 9 -9.34 -15.26 -6.10
C LEU A 9 -10.64 -15.36 -5.29
N GLY A 10 -10.83 -14.43 -4.38
CA GLY A 10 -12.04 -14.41 -3.58
C GLY A 10 -12.18 -15.62 -2.70
N ILE A 11 -11.15 -15.91 -1.93
CA ILE A 11 -11.13 -17.05 -1.05
C ILE A 11 -10.93 -16.61 0.38
N ASP A 12 -11.17 -17.51 1.32
CA ASP A 12 -10.95 -17.24 2.74
C ASP A 12 -9.54 -16.70 2.97
N PRO A 13 -9.37 -15.84 3.99
CA PRO A 13 -8.09 -15.17 4.29
C PRO A 13 -6.94 -16.12 4.66
N LYS A 14 -6.53 -16.94 3.71
CA LYS A 14 -5.40 -17.84 3.91
C LYS A 14 -4.09 -17.09 3.72
N HIS A 15 -4.09 -16.12 2.81
CA HIS A 15 -2.91 -15.27 2.58
C HIS A 15 -3.25 -13.81 2.84
N VAL A 16 -4.52 -13.47 2.75
CA VAL A 16 -4.97 -12.12 3.02
C VAL A 16 -5.31 -11.99 4.50
N CYS A 17 -5.26 -10.79 5.02
CA CYS A 17 -5.51 -10.55 6.43
C CYS A 17 -6.93 -10.95 6.83
N ILE A 18 -7.11 -11.20 8.11
CA ILE A 18 -8.41 -11.49 8.68
C ILE A 18 -9.24 -10.22 8.69
N ASN A 19 -10.57 -10.35 8.72
CA ASN A 19 -11.42 -9.16 8.79
C ASN A 19 -11.06 -8.37 10.03
N THR A 20 -10.39 -7.27 9.82
CA THR A 20 -9.91 -6.45 10.90
C THR A 20 -10.76 -5.20 11.08
N ARG A 21 -10.78 -4.69 12.29
CA ARG A 21 -11.51 -3.48 12.61
C ARG A 21 -10.55 -2.34 12.82
N ASP A 22 -9.30 -2.69 13.00
CA ASP A 22 -8.24 -1.74 13.24
C ASP A 22 -7.80 -1.08 11.93
N ILE A 23 -7.55 -1.90 10.92
CA ILE A 23 -7.14 -1.38 9.62
C ILE A 23 -8.36 -0.88 8.85
N PRO A 24 -8.28 0.36 8.36
CA PRO A 24 -9.35 0.98 7.58
C PRO A 24 -9.36 0.51 6.12
N ALA A 25 -10.21 1.12 5.31
CA ALA A 25 -10.24 0.82 3.90
C ALA A 25 -9.10 1.52 3.21
N ASN A 26 -8.67 0.97 2.07
CA ASN A 26 -7.55 1.54 1.31
C ASN A 26 -6.28 1.51 2.15
N ALA A 27 -6.06 0.38 2.81
CA ALA A 27 -4.89 0.19 3.62
C ALA A 27 -4.53 -1.29 3.67
N GLY A 28 -3.30 -1.58 4.03
CA GLY A 28 -2.84 -2.95 4.11
C GLY A 28 -2.84 -3.45 5.54
N CYS A 29 -3.31 -4.68 5.71
CA CYS A 29 -3.39 -5.30 7.03
C CYS A 29 -2.43 -6.49 7.12
N PHE A 30 -1.32 -6.29 7.81
CA PHE A 30 -0.32 -7.35 7.95
C PHE A 30 -0.13 -7.68 9.41
N ARG A 31 0.17 -8.95 9.68
CA ARG A 31 0.36 -9.41 11.04
C ARG A 31 1.60 -10.27 11.13
N TYR A 32 2.38 -10.05 12.15
CA TYR A 32 3.57 -10.82 12.36
C TYR A 32 3.29 -11.99 13.28
N ASP A 33 4.08 -13.05 13.13
CA ASP A 33 3.90 -14.28 13.91
C ASP A 33 4.01 -14.04 15.42
N ASN A 34 4.66 -12.95 15.80
CA ASN A 34 4.83 -12.62 17.21
C ASN A 34 3.59 -11.93 17.77
N GLY A 35 2.66 -11.59 16.88
CA GLY A 35 1.45 -10.90 17.31
C GLY A 35 1.54 -9.42 17.07
N ASN A 36 2.62 -8.99 16.44
CA ASN A 36 2.82 -7.59 16.12
C ASN A 36 2.08 -7.23 14.85
N GLU A 37 1.39 -6.11 14.88
CA GLU A 37 0.60 -5.68 13.74
C GLU A 37 1.37 -4.71 12.89
N GLU A 38 1.09 -4.70 11.60
CA GLU A 38 1.71 -3.78 10.67
C GLU A 38 0.71 -3.24 9.69
N TRP A 39 0.77 -1.94 9.47
CA TRP A 39 -0.18 -1.27 8.61
C TRP A 39 0.53 -0.58 7.47
N ARG A 40 -0.18 -0.44 6.37
CA ARG A 40 0.31 0.32 5.22
C ARG A 40 -0.84 1.15 4.70
N CYS A 41 -0.71 2.45 4.79
CA CYS A 41 -1.76 3.32 4.30
C CYS A 41 -1.50 3.65 2.85
N LEU A 42 -2.50 3.48 1.99
CA LEU A 42 -2.33 3.70 0.56
C LEU A 42 -1.84 5.11 0.23
N LEU A 43 -1.23 5.25 -0.93
CA LEU A 43 -0.66 6.51 -1.35
C LEU A 43 -1.72 7.59 -1.46
N GLY A 44 -1.39 8.75 -0.94
CA GLY A 44 -2.32 9.86 -0.96
C GLY A 44 -3.19 9.86 0.27
N TYR A 45 -3.22 8.74 0.96
CA TYR A 45 -4.00 8.58 2.14
C TYR A 45 -3.12 8.70 3.37
N LYS A 46 -3.65 9.33 4.38
CA LYS A 46 -2.93 9.55 5.59
C LYS A 46 -3.71 9.03 6.78
N LYS A 47 -2.99 8.61 7.81
CA LYS A 47 -3.62 8.08 9.01
C LYS A 47 -4.19 9.20 9.88
N ASN A 48 -5.50 9.26 9.90
CA ASN A 48 -6.20 10.25 10.69
C ASN A 48 -7.36 9.58 11.37
N ASN A 49 -7.36 9.64 12.70
CA ASN A 49 -8.41 9.03 13.50
C ASN A 49 -8.39 7.51 13.33
N ASN A 50 -7.17 6.98 13.13
CA ASN A 50 -6.92 5.54 12.95
C ASN A 50 -7.43 5.05 11.57
N THR A 51 -8.05 5.95 10.84
CA THR A 51 -8.56 5.64 9.52
C THR A 51 -7.71 6.30 8.43
N CYS A 52 -7.63 5.67 7.27
CA CYS A 52 -6.89 6.22 6.15
C CYS A 52 -7.77 7.13 5.33
N ILE A 53 -7.48 8.40 5.37
CA ILE A 53 -8.25 9.38 4.64
C ILE A 53 -7.42 9.95 3.50
N GLU A 54 -8.06 10.37 2.44
CA GLU A 54 -7.33 11.01 1.36
C GLU A 54 -6.98 12.43 1.80
N ASP A 55 -5.71 12.73 1.86
CA ASP A 55 -5.25 14.01 2.37
C ASP A 55 -5.02 14.99 1.22
N SER A 56 -5.52 16.22 1.40
CA SER A 56 -5.40 17.27 0.38
C SER A 56 -3.94 17.66 0.15
N ASN A 57 -3.09 17.38 1.11
CA ASN A 57 -1.66 17.62 0.95
C ASN A 57 -0.92 16.31 1.09
N PRO A 58 -0.92 15.52 0.02
CA PRO A 58 -0.33 14.21 0.05
C PRO A 58 1.18 14.23 -0.09
N THR A 59 1.87 14.44 1.01
CA THR A 59 3.31 14.32 1.02
C THR A 59 3.66 12.85 1.17
N CYS A 60 3.35 12.10 0.10
CA CYS A 60 3.44 10.64 0.06
C CYS A 60 2.32 10.03 0.91
N GLY A 61 1.49 10.90 1.51
CA GLY A 61 0.39 10.46 2.37
C GLY A 61 0.86 9.84 3.68
N ASN A 62 1.96 9.13 3.59
CA ASN A 62 2.56 8.47 4.71
C ASN A 62 4.07 8.66 4.62
N ASN A 63 4.76 8.55 5.75
CA ASN A 63 6.23 8.71 5.82
C ASN A 63 6.96 8.00 4.66
N ASN A 64 6.42 6.87 4.23
CA ASN A 64 7.06 6.13 3.13
C ASN A 64 6.07 5.96 1.97
N GLY A 65 5.15 6.91 1.86
CA GLY A 65 4.15 6.89 0.79
C GLY A 65 3.16 5.75 0.93
N GLY A 66 3.27 5.04 2.02
CA GLY A 66 2.43 3.90 2.25
C GLY A 66 3.03 2.67 1.63
N CYS A 67 3.99 2.91 0.78
CA CYS A 67 4.70 1.89 0.08
C CYS A 67 5.65 1.17 1.01
N ASP A 68 6.01 -0.05 0.64
CA ASP A 68 6.93 -0.88 1.40
C ASP A 68 8.20 -0.11 1.74
N PRO A 69 8.76 -0.35 2.95
CA PRO A 69 10.00 0.27 3.42
C PRO A 69 11.13 0.33 2.38
N THR A 70 11.25 -0.73 1.58
CA THR A 70 12.31 -0.79 0.58
C THR A 70 11.87 -0.23 -0.78
N ALA A 71 10.64 0.27 -0.84
CA ALA A 71 10.15 0.91 -2.03
C ALA A 71 10.54 2.39 -2.00
N GLY A 72 10.53 3.03 -3.14
CA GLY A 72 10.98 4.42 -3.20
C GLY A 72 9.84 5.42 -3.19
N CYS A 73 9.67 6.10 -2.06
CA CYS A 73 8.64 7.14 -1.94
C CYS A 73 9.24 8.51 -2.18
N GLN A 74 8.78 9.16 -3.24
CA GLN A 74 9.26 10.49 -3.56
C GLN A 74 8.10 11.36 -4.01
N THR A 75 8.11 12.60 -3.58
CA THR A 75 7.07 13.52 -3.94
C THR A 75 7.51 14.46 -5.05
N ALA A 76 6.97 14.25 -6.23
CA ALA A 76 7.27 15.11 -7.35
C ALA A 76 5.98 15.58 -7.97
N GLU A 77 5.76 16.87 -7.92
CA GLU A 77 4.52 17.46 -8.37
C GLU A 77 4.55 17.72 -9.88
N ASN A 78 5.28 16.87 -10.59
CA ASN A 78 5.39 16.95 -12.03
C ASN A 78 5.08 15.60 -12.67
N ARG A 79 4.70 14.63 -11.85
CA ARG A 79 4.41 13.29 -12.34
C ARG A 79 2.94 12.93 -12.08
N GLU A 80 2.12 13.96 -11.84
CA GLU A 80 0.69 13.78 -11.52
C GLU A 80 -0.07 13.11 -12.66
N ASN A 81 0.62 12.90 -13.76
CA ASN A 81 0.03 12.23 -14.92
C ASN A 81 -0.27 10.79 -14.56
N SER A 82 0.57 10.20 -13.73
CA SER A 82 0.37 8.84 -13.31
C SER A 82 -0.02 8.77 -11.83
N LYS A 83 0.43 9.77 -11.05
CA LYS A 83 0.14 9.84 -9.62
C LYS A 83 0.89 11.01 -8.99
N LYS A 84 0.26 11.68 -8.03
CA LYS A 84 0.88 12.78 -7.29
C LYS A 84 2.07 12.26 -6.48
N ILE A 85 2.03 10.97 -6.18
CA ILE A 85 3.08 10.33 -5.41
C ILE A 85 3.89 9.40 -6.29
N ILE A 86 5.18 9.51 -6.22
CA ILE A 86 6.05 8.67 -7.00
C ILE A 86 6.60 7.56 -6.13
N CYS A 87 6.11 6.36 -6.35
CA CYS A 87 6.59 5.21 -5.64
C CYS A 87 7.24 4.25 -6.60
N THR A 88 8.47 3.97 -6.33
CA THR A 88 9.24 3.07 -7.14
C THR A 88 9.05 1.63 -6.66
N CYS A 89 8.63 0.77 -7.58
CA CYS A 89 8.41 -0.64 -7.30
C CYS A 89 9.70 -1.30 -6.79
N LYS A 90 9.55 -2.45 -6.19
CA LYS A 90 10.66 -3.16 -5.58
C LYS A 90 11.38 -4.02 -6.60
N GLU A 91 12.31 -4.85 -6.11
CA GLU A 91 13.10 -5.76 -6.95
C GLU A 91 12.21 -6.55 -7.93
N PRO A 92 12.81 -7.06 -9.03
CA PRO A 92 12.10 -7.76 -10.12
C PRO A 92 10.99 -8.69 -9.66
N THR A 93 9.79 -8.13 -9.57
CA THR A 93 8.61 -8.85 -9.19
C THR A 93 7.39 -8.21 -9.85
N PRO A 94 6.93 -8.78 -10.97
CA PRO A 94 5.77 -8.25 -11.71
C PRO A 94 4.43 -8.53 -11.00
N ASN A 95 4.44 -8.54 -9.68
CA ASN A 95 3.24 -8.79 -8.91
C ASN A 95 3.01 -7.66 -7.94
N ALA A 96 2.11 -6.78 -8.29
CA ALA A 96 1.81 -5.65 -7.44
C ALA A 96 0.62 -5.96 -6.56
N TYR A 97 0.82 -5.87 -5.27
CA TYR A 97 -0.23 -6.09 -4.32
C TYR A 97 -0.53 -4.82 -3.55
N TYR A 98 -1.74 -4.72 -3.03
CA TYR A 98 -2.16 -3.57 -2.23
C TYR A 98 -2.06 -2.27 -3.03
N ASP A 99 -2.40 -2.35 -4.31
CA ASP A 99 -2.43 -1.20 -5.23
C ASP A 99 -1.03 -0.70 -5.58
N GLY A 100 -0.04 -1.56 -5.40
CA GLY A 100 1.33 -1.18 -5.73
C GLY A 100 2.17 -0.93 -4.50
N VAL A 101 1.53 -0.98 -3.35
CA VAL A 101 2.20 -0.77 -2.08
C VAL A 101 3.29 -1.83 -1.86
N PHE A 102 3.07 -3.02 -2.40
CA PHE A 102 3.99 -4.10 -2.23
C PHE A 102 4.21 -4.80 -3.55
N CYS A 103 5.45 -4.95 -3.90
CA CYS A 103 5.83 -5.61 -5.13
C CYS A 103 6.40 -6.99 -4.82
N GLY A 104 5.71 -8.03 -5.23
CA GLY A 104 6.17 -9.37 -5.01
C GLY A 104 5.50 -10.04 -3.84
N MET A 1 -21.47 -23.77 -14.86
CA MET A 1 -21.63 -22.33 -15.19
C MET A 1 -20.28 -21.64 -15.33
N ASN A 2 -19.96 -21.24 -16.54
CA ASN A 2 -18.72 -20.52 -16.81
C ASN A 2 -18.95 -19.04 -16.68
N MET A 3 -17.95 -18.34 -16.20
CA MET A 3 -18.06 -16.90 -16.01
C MET A 3 -16.70 -16.25 -16.08
N ASP A 4 -16.67 -14.94 -15.91
CA ASP A 4 -15.41 -14.20 -15.95
C ASP A 4 -15.48 -12.99 -15.03
N SER A 5 -14.59 -12.96 -14.06
CA SER A 5 -14.53 -11.88 -13.08
C SER A 5 -13.31 -12.05 -12.19
N MET A 6 -12.16 -11.54 -12.66
CA MET A 6 -10.90 -11.62 -11.91
C MET A 6 -10.47 -13.10 -11.77
N ASP A 7 -9.31 -13.36 -11.18
CA ASP A 7 -8.88 -14.72 -10.94
C ASP A 7 -9.65 -15.26 -9.73
N LEU A 8 -10.91 -15.51 -9.97
CA LEU A 8 -11.81 -15.98 -8.94
C LEU A 8 -11.56 -17.44 -8.61
N LEU A 9 -10.81 -17.66 -7.57
CA LEU A 9 -10.52 -19.00 -7.12
C LEU A 9 -11.71 -19.55 -6.34
N GLY A 10 -12.56 -18.63 -5.87
CA GLY A 10 -13.75 -19.00 -5.12
C GLY A 10 -13.44 -19.81 -3.89
N ILE A 11 -12.39 -19.43 -3.19
CA ILE A 11 -11.96 -20.14 -2.01
C ILE A 11 -11.96 -19.23 -0.80
N ASP A 12 -11.85 -19.85 0.37
CA ASP A 12 -11.72 -19.13 1.65
C ASP A 12 -10.53 -18.17 1.59
N PRO A 13 -10.60 -17.06 2.35
CA PRO A 13 -9.55 -16.01 2.40
C PRO A 13 -8.21 -16.53 2.98
N LYS A 14 -7.65 -17.53 2.33
CA LYS A 14 -6.41 -18.16 2.77
C LYS A 14 -5.18 -17.35 2.35
N HIS A 15 -5.29 -16.63 1.25
CA HIS A 15 -4.15 -15.85 0.75
C HIS A 15 -4.38 -14.35 0.91
N VAL A 16 -5.48 -13.99 1.54
CA VAL A 16 -5.80 -12.59 1.71
C VAL A 16 -5.82 -12.23 3.20
N CYS A 17 -5.57 -10.98 3.50
CA CYS A 17 -5.61 -10.51 4.87
C CYS A 17 -7.04 -10.55 5.39
N ILE A 18 -7.21 -10.85 6.67
CA ILE A 18 -8.53 -10.90 7.27
C ILE A 18 -9.10 -9.51 7.39
N ASN A 19 -10.41 -9.40 7.41
CA ASN A 19 -11.05 -8.11 7.54
C ASN A 19 -10.83 -7.59 8.94
N THR A 20 -9.99 -6.58 9.04
CA THR A 20 -9.67 -6.00 10.31
C THR A 20 -10.41 -4.68 10.51
N ARG A 21 -11.07 -4.55 11.66
CA ARG A 21 -11.78 -3.32 12.01
C ARG A 21 -10.83 -2.38 12.74
N ASP A 22 -9.79 -2.94 13.34
CA ASP A 22 -8.80 -2.15 14.05
C ASP A 22 -8.06 -1.26 13.08
N ILE A 23 -7.65 -1.85 11.97
CA ILE A 23 -6.99 -1.12 10.91
C ILE A 23 -8.02 -0.40 10.06
N PRO A 24 -7.81 0.88 9.78
CA PRO A 24 -8.73 1.69 8.97
C PRO A 24 -8.96 1.10 7.59
N ALA A 25 -10.04 1.49 6.95
CA ALA A 25 -10.34 1.03 5.61
C ALA A 25 -9.35 1.64 4.63
N ASN A 26 -9.02 0.87 3.58
CA ASN A 26 -8.07 1.31 2.56
C ASN A 26 -6.66 1.36 3.11
N ALA A 27 -6.36 0.40 3.99
CA ALA A 27 -5.03 0.27 4.57
C ALA A 27 -4.59 -1.19 4.54
N GLY A 28 -3.32 -1.41 4.28
CA GLY A 28 -2.80 -2.75 4.20
C GLY A 28 -2.52 -3.34 5.55
N CYS A 29 -3.11 -4.49 5.82
CA CYS A 29 -2.93 -5.18 7.08
C CYS A 29 -2.01 -6.39 6.91
N PHE A 30 -0.84 -6.33 7.51
CA PHE A 30 0.10 -7.44 7.43
C PHE A 30 0.31 -8.05 8.81
N ARG A 31 0.17 -9.35 8.90
CA ARG A 31 0.32 -10.06 10.15
C ARG A 31 1.34 -11.18 10.04
N TYR A 32 2.23 -11.25 11.00
CA TYR A 32 3.24 -12.28 11.04
C TYR A 32 2.85 -13.37 12.02
N ASP A 33 3.27 -14.61 11.74
CA ASP A 33 2.95 -15.77 12.58
C ASP A 33 3.50 -15.61 14.00
N ASN A 34 4.59 -14.85 14.11
CA ASN A 34 5.23 -14.61 15.40
C ASN A 34 4.39 -13.63 16.25
N GLY A 35 3.39 -13.02 15.63
CA GLY A 35 2.54 -12.09 16.33
C GLY A 35 2.85 -10.65 15.98
N ASN A 36 3.96 -10.46 15.29
CA ASN A 36 4.38 -9.13 14.87
C ASN A 36 3.49 -8.61 13.77
N GLU A 37 3.16 -7.34 13.87
CA GLU A 37 2.26 -6.72 12.94
C GLU A 37 2.94 -5.60 12.16
N GLU A 38 2.38 -5.29 11.02
CA GLU A 38 2.84 -4.21 10.17
C GLU A 38 1.67 -3.68 9.37
N TRP A 39 1.52 -2.39 9.31
CA TRP A 39 0.40 -1.79 8.61
C TRP A 39 0.89 -0.71 7.64
N ARG A 40 0.26 -0.63 6.48
CA ARG A 40 0.62 0.38 5.50
C ARG A 40 -0.62 1.04 4.93
N CYS A 41 -0.75 2.33 5.20
CA CYS A 41 -1.86 3.09 4.68
C CYS A 41 -1.61 3.40 3.22
N LEU A 42 -2.62 3.26 2.39
CA LEU A 42 -2.47 3.46 0.95
C LEU A 42 -2.08 4.90 0.62
N LEU A 43 -1.27 5.04 -0.40
CA LEU A 43 -0.81 6.34 -0.84
C LEU A 43 -1.95 7.16 -1.41
N GLY A 44 -1.98 8.41 -1.04
CA GLY A 44 -3.08 9.27 -1.41
C GLY A 44 -3.97 9.47 -0.22
N TYR A 45 -3.82 8.58 0.74
CA TYR A 45 -4.52 8.64 1.99
C TYR A 45 -3.57 9.06 3.07
N LYS A 46 -4.05 9.87 3.97
CA LYS A 46 -3.25 10.39 5.04
C LYS A 46 -3.85 10.00 6.39
N LYS A 47 -3.00 9.92 7.39
CA LYS A 47 -3.42 9.51 8.72
C LYS A 47 -4.06 10.66 9.51
N ASN A 48 -5.31 10.48 9.82
CA ASN A 48 -6.03 11.42 10.64
C ASN A 48 -6.80 10.67 11.68
N ASN A 49 -6.41 10.84 12.93
CA ASN A 49 -7.06 10.17 14.06
C ASN A 49 -6.83 8.66 13.95
N ASN A 50 -5.61 8.28 13.54
CA ASN A 50 -5.23 6.88 13.35
C ASN A 50 -6.13 6.21 12.31
N THR A 51 -6.66 7.02 11.42
CA THR A 51 -7.51 6.54 10.36
C THR A 51 -7.00 7.07 9.02
N CYS A 52 -7.24 6.32 7.97
CA CYS A 52 -6.80 6.72 6.65
C CYS A 52 -7.88 7.53 5.96
N ILE A 53 -7.58 8.78 5.69
CA ILE A 53 -8.51 9.64 5.00
C ILE A 53 -7.93 10.05 3.67
N GLU A 54 -8.77 10.35 2.72
CA GLU A 54 -8.32 10.80 1.41
C GLU A 54 -7.81 12.22 1.54
N ASP A 55 -6.55 12.43 1.20
CA ASP A 55 -5.92 13.74 1.35
C ASP A 55 -5.89 14.48 0.01
N SER A 56 -6.29 15.75 0.04
CA SER A 56 -6.31 16.57 -1.17
C SER A 56 -4.89 16.99 -1.55
N ASN A 57 -3.99 16.98 -0.57
CA ASN A 57 -2.60 17.32 -0.78
C ASN A 57 -1.71 16.16 -0.37
N PRO A 58 -1.67 15.11 -1.20
CA PRO A 58 -0.91 13.91 -0.90
C PRO A 58 0.60 14.11 -0.97
N THR A 59 1.20 14.39 0.17
CA THR A 59 2.64 14.47 0.26
C THR A 59 3.15 13.07 0.56
N CYS A 60 2.90 12.18 -0.40
CA CYS A 60 3.15 10.74 -0.31
C CYS A 60 2.09 10.09 0.59
N GLY A 61 1.19 10.93 1.14
CA GLY A 61 0.09 10.48 2.01
C GLY A 61 0.56 9.86 3.33
N ASN A 62 1.64 9.14 3.27
CA ASN A 62 2.20 8.46 4.41
C ASN A 62 3.71 8.61 4.37
N ASN A 63 4.35 8.48 5.54
CA ASN A 63 5.81 8.67 5.70
C ASN A 63 6.62 8.05 4.56
N ASN A 64 6.19 6.91 4.05
CA ASN A 64 6.90 6.26 2.96
C ASN A 64 5.99 6.06 1.76
N GLY A 65 5.03 6.96 1.60
CA GLY A 65 4.10 6.88 0.49
C GLY A 65 3.21 5.68 0.61
N GLY A 66 3.10 5.16 1.81
CA GLY A 66 2.28 4.00 2.07
C GLY A 66 2.94 2.73 1.59
N CYS A 67 3.96 2.90 0.80
CA CYS A 67 4.69 1.81 0.21
C CYS A 67 5.54 1.07 1.25
N ASP A 68 5.85 -0.19 0.92
CA ASP A 68 6.66 -1.07 1.75
C ASP A 68 7.92 -0.36 2.25
N PRO A 69 8.37 -0.70 3.46
CA PRO A 69 9.55 -0.09 4.13
C PRO A 69 10.75 0.12 3.18
N THR A 70 11.10 -0.90 2.43
CA THR A 70 12.23 -0.84 1.55
C THR A 70 11.92 -0.14 0.22
N ALA A 71 10.65 0.09 -0.05
CA ALA A 71 10.23 0.80 -1.25
C ALA A 71 10.56 2.30 -1.11
N GLY A 72 10.62 2.99 -2.24
CA GLY A 72 11.02 4.41 -2.21
C GLY A 72 9.85 5.36 -2.42
N CYS A 73 9.72 6.32 -1.51
CA CYS A 73 8.68 7.35 -1.60
C CYS A 73 9.26 8.65 -2.16
N GLN A 74 8.77 9.06 -3.32
CA GLN A 74 9.20 10.29 -3.94
C GLN A 74 7.98 11.13 -4.34
N THR A 75 8.08 12.43 -4.22
CA THR A 75 6.97 13.31 -4.52
C THR A 75 7.34 14.38 -5.55
N ALA A 76 6.64 14.38 -6.67
CA ALA A 76 6.85 15.37 -7.71
C ALA A 76 5.52 15.84 -8.27
N GLU A 77 5.25 17.12 -8.14
CA GLU A 77 4.01 17.70 -8.61
C GLU A 77 3.95 17.76 -10.13
N ASN A 78 5.11 17.80 -10.75
CA ASN A 78 5.21 17.86 -12.20
C ASN A 78 5.33 16.47 -12.79
N ARG A 79 5.03 15.47 -11.99
CA ARG A 79 5.13 14.09 -12.44
C ARG A 79 3.74 13.42 -12.41
N GLU A 80 2.69 14.23 -12.50
CA GLU A 80 1.32 13.71 -12.48
C GLU A 80 0.98 12.92 -13.73
N ASN A 81 1.94 12.82 -14.63
CA ASN A 81 1.79 12.04 -15.85
C ASN A 81 1.81 10.55 -15.48
N SER A 82 2.49 10.22 -14.40
CA SER A 82 2.56 8.85 -13.93
C SER A 82 1.55 8.63 -12.81
N LYS A 83 1.26 9.71 -12.07
CA LYS A 83 0.30 9.68 -10.95
C LYS A 83 0.33 11.01 -10.20
N LYS A 84 1.31 11.11 -9.31
CA LYS A 84 1.52 12.26 -8.42
C LYS A 84 2.50 11.83 -7.35
N ILE A 85 2.32 10.59 -6.92
CA ILE A 85 3.20 9.99 -5.94
C ILE A 85 4.08 8.98 -6.62
N ILE A 86 5.36 9.19 -6.52
CA ILE A 86 6.31 8.30 -7.15
C ILE A 86 6.78 7.27 -6.14
N CYS A 87 6.31 6.07 -6.30
CA CYS A 87 6.71 4.99 -5.44
C CYS A 87 7.56 4.02 -6.18
N THR A 88 8.72 3.79 -5.67
CA THR A 88 9.65 2.89 -6.28
C THR A 88 9.43 1.47 -5.79
N CYS A 89 8.99 0.60 -6.69
CA CYS A 89 8.77 -0.80 -6.39
C CYS A 89 10.08 -1.45 -5.94
N LYS A 90 9.98 -2.59 -5.32
CA LYS A 90 11.13 -3.27 -4.76
C LYS A 90 11.78 -4.16 -5.83
N GLU A 91 12.79 -4.92 -5.43
CA GLU A 91 13.54 -5.81 -6.32
C GLU A 91 12.61 -6.70 -7.15
N PRO A 92 13.14 -7.23 -8.31
CA PRO A 92 12.38 -7.99 -9.32
C PRO A 92 11.18 -8.77 -8.81
N THR A 93 10.06 -8.08 -8.71
CA THR A 93 8.80 -8.65 -8.30
C THR A 93 7.64 -7.90 -8.96
N PRO A 94 7.15 -8.40 -10.09
CA PRO A 94 6.07 -7.75 -10.85
C PRO A 94 4.70 -7.88 -10.19
N ASN A 95 4.66 -8.53 -9.05
CA ASN A 95 3.41 -8.72 -8.34
C ASN A 95 3.14 -7.53 -7.46
N ALA A 96 2.33 -6.61 -7.94
CA ALA A 96 1.99 -5.42 -7.20
C ALA A 96 0.69 -5.62 -6.43
N TYR A 97 0.82 -5.77 -5.13
CA TYR A 97 -0.32 -5.94 -4.26
C TYR A 97 -0.60 -4.63 -3.54
N TYR A 98 -1.84 -4.47 -3.08
CA TYR A 98 -2.25 -3.29 -2.33
C TYR A 98 -2.03 -2.01 -3.14
N ASP A 99 -2.37 -2.10 -4.43
CA ASP A 99 -2.28 -0.95 -5.37
C ASP A 99 -0.82 -0.50 -5.60
N GLY A 100 0.12 -1.39 -5.29
CA GLY A 100 1.51 -1.09 -5.50
C GLY A 100 2.26 -0.90 -4.21
N VAL A 101 1.53 -0.89 -3.11
CA VAL A 101 2.13 -0.74 -1.79
C VAL A 101 3.11 -1.87 -1.47
N PHE A 102 2.83 -3.04 -2.00
CA PHE A 102 3.63 -4.20 -1.73
C PHE A 102 4.03 -4.87 -3.02
N CYS A 103 5.31 -5.10 -3.17
CA CYS A 103 5.84 -5.73 -4.36
C CYS A 103 6.34 -7.13 -4.05
N GLY A 104 5.71 -8.12 -4.67
CA GLY A 104 6.12 -9.49 -4.46
C GLY A 104 5.36 -10.16 -3.33
N MET A 1 -8.41 6.04 -3.42
CA MET A 1 -9.18 6.33 -4.65
C MET A 1 -8.43 5.83 -5.87
N ASN A 2 -7.20 5.41 -5.65
CA ASN A 2 -6.34 5.01 -6.74
C ASN A 2 -6.21 3.51 -6.84
N MET A 3 -6.85 2.94 -7.83
CA MET A 3 -6.72 1.52 -8.13
C MET A 3 -6.16 1.39 -9.52
N ASP A 4 -6.85 2.02 -10.46
CA ASP A 4 -6.46 2.14 -11.87
C ASP A 4 -5.88 0.84 -12.46
N SER A 5 -4.57 0.72 -12.45
CA SER A 5 -3.90 -0.42 -13.06
C SER A 5 -3.03 -1.18 -12.05
N MET A 6 -3.20 -0.88 -10.77
CA MET A 6 -2.44 -1.58 -9.74
C MET A 6 -3.29 -2.64 -9.10
N ASP A 7 -4.54 -2.61 -9.43
CA ASP A 7 -5.52 -3.57 -8.97
C ASP A 7 -6.03 -4.34 -10.16
N LEU A 8 -5.28 -5.34 -10.58
CA LEU A 8 -5.63 -6.13 -11.74
C LEU A 8 -5.55 -7.62 -11.46
N LEU A 9 -5.73 -8.00 -10.22
CA LEU A 9 -5.65 -9.41 -9.87
C LEU A 9 -6.91 -10.15 -10.29
N GLY A 10 -7.96 -10.05 -9.49
CA GLY A 10 -9.18 -10.78 -9.78
C GLY A 10 -9.02 -12.25 -9.46
N ILE A 11 -8.03 -12.53 -8.62
CA ILE A 11 -7.74 -13.88 -8.21
C ILE A 11 -8.56 -14.24 -7.00
N ASP A 12 -8.62 -15.53 -6.71
CA ASP A 12 -9.29 -16.01 -5.50
C ASP A 12 -8.59 -15.41 -4.29
N PRO A 13 -9.33 -15.20 -3.19
CA PRO A 13 -8.79 -14.61 -1.94
C PRO A 13 -7.64 -15.45 -1.32
N LYS A 14 -6.56 -15.57 -2.06
CA LYS A 14 -5.40 -16.34 -1.64
C LYS A 14 -4.52 -15.57 -0.67
N HIS A 15 -4.49 -14.26 -0.83
CA HIS A 15 -3.69 -13.42 0.03
C HIS A 15 -4.57 -12.41 0.76
N VAL A 16 -5.86 -12.72 0.83
CA VAL A 16 -6.82 -11.84 1.46
C VAL A 16 -6.55 -11.73 2.96
N CYS A 17 -6.66 -10.53 3.48
CA CYS A 17 -6.45 -10.29 4.89
C CYS A 17 -7.74 -10.56 5.66
N ILE A 18 -7.61 -10.81 6.94
CA ILE A 18 -8.75 -11.06 7.79
C ILE A 18 -9.53 -9.77 8.05
N ASN A 19 -10.79 -9.90 8.36
CA ASN A 19 -11.63 -8.74 8.66
C ASN A 19 -11.12 -8.08 9.93
N THR A 20 -10.55 -6.92 9.78
CA THR A 20 -9.94 -6.23 10.89
C THR A 20 -10.82 -5.12 11.43
N ARG A 21 -10.74 -4.92 12.73
CA ARG A 21 -11.48 -3.88 13.41
C ARG A 21 -10.53 -2.77 13.87
N ASP A 22 -9.25 -3.07 13.81
CA ASP A 22 -8.22 -2.11 14.23
C ASP A 22 -7.76 -1.26 13.06
N ILE A 23 -7.67 -1.88 11.90
CA ILE A 23 -7.21 -1.21 10.71
C ILE A 23 -8.37 -0.56 9.97
N PRO A 24 -8.23 0.73 9.62
CA PRO A 24 -9.25 1.47 8.88
C PRO A 24 -9.35 1.01 7.43
N ALA A 25 -10.26 1.61 6.67
CA ALA A 25 -10.42 1.27 5.27
C ALA A 25 -9.30 1.87 4.46
N ASN A 26 -9.13 1.36 3.24
CA ASN A 26 -8.11 1.83 2.31
C ASN A 26 -6.73 1.63 2.89
N ALA A 27 -6.56 0.51 3.57
CA ALA A 27 -5.28 0.17 4.18
C ALA A 27 -5.04 -1.33 4.11
N GLY A 28 -3.81 -1.74 4.32
CA GLY A 28 -3.45 -3.14 4.30
C GLY A 28 -3.06 -3.65 5.67
N CYS A 29 -3.56 -4.83 6.01
CA CYS A 29 -3.28 -5.44 7.30
C CYS A 29 -2.39 -6.69 7.15
N PHE A 30 -1.18 -6.60 7.65
CA PHE A 30 -0.25 -7.73 7.59
C PHE A 30 -0.03 -8.30 8.97
N ARG A 31 -0.47 -9.52 9.15
CA ARG A 31 -0.37 -10.19 10.43
C ARG A 31 0.75 -11.21 10.42
N TYR A 32 1.73 -11.01 11.28
CA TYR A 32 2.83 -11.94 11.40
C TYR A 32 2.52 -12.99 12.45
N ASP A 33 2.94 -14.21 12.19
CA ASP A 33 2.68 -15.33 13.09
C ASP A 33 3.48 -15.18 14.38
N ASN A 34 4.44 -14.27 14.37
CA ASN A 34 5.24 -13.98 15.55
C ASN A 34 4.50 -13.04 16.48
N GLY A 35 3.40 -12.47 16.00
CA GLY A 35 2.63 -11.56 16.81
C GLY A 35 2.82 -10.11 16.41
N ASN A 36 3.68 -9.87 15.44
CA ASN A 36 3.96 -8.52 14.98
C ASN A 36 2.83 -8.03 14.08
N GLU A 37 2.46 -6.77 14.23
CA GLU A 37 1.43 -6.15 13.43
C GLU A 37 2.03 -5.06 12.54
N GLU A 38 1.84 -5.19 11.25
CA GLU A 38 2.29 -4.18 10.31
C GLU A 38 1.15 -3.76 9.42
N TRP A 39 0.91 -2.48 9.37
CA TRP A 39 -0.17 -1.95 8.57
C TRP A 39 0.37 -0.94 7.59
N ARG A 40 -0.33 -0.76 6.49
CA ARG A 40 0.07 0.19 5.46
C ARG A 40 -1.13 0.99 5.02
N CYS A 41 -0.99 2.29 4.99
CA CYS A 41 -2.05 3.15 4.51
C CYS A 41 -1.82 3.43 3.03
N LEU A 42 -2.89 3.45 2.26
CA LEU A 42 -2.77 3.65 0.82
C LEU A 42 -2.28 5.05 0.46
N LEU A 43 -1.71 5.16 -0.72
CA LEU A 43 -1.13 6.41 -1.20
C LEU A 43 -2.21 7.45 -1.42
N GLY A 44 -1.95 8.66 -0.94
CA GLY A 44 -2.91 9.73 -1.06
C GLY A 44 -3.71 9.89 0.20
N TYR A 45 -3.66 8.87 1.04
CA TYR A 45 -4.37 8.87 2.29
C TYR A 45 -3.43 9.18 3.43
N LYS A 46 -3.91 9.94 4.39
CA LYS A 46 -3.12 10.33 5.53
C LYS A 46 -3.78 9.87 6.83
N LYS A 47 -2.94 9.69 7.83
CA LYS A 47 -3.33 9.22 9.14
C LYS A 47 -4.10 10.30 9.95
N ASN A 48 -5.38 10.08 10.13
CA ASN A 48 -6.20 10.99 10.91
C ASN A 48 -7.14 10.19 11.79
N ASN A 49 -6.98 10.33 13.10
CA ASN A 49 -7.83 9.63 14.07
C ASN A 49 -7.70 8.13 13.89
N ASN A 50 -6.48 7.70 13.53
CA ASN A 50 -6.16 6.29 13.30
C ASN A 50 -6.85 5.75 12.03
N THR A 51 -7.51 6.62 11.29
CA THR A 51 -8.16 6.23 10.07
C THR A 51 -7.48 6.88 8.87
N CYS A 52 -7.54 6.22 7.73
CA CYS A 52 -6.94 6.74 6.52
C CYS A 52 -7.91 7.67 5.81
N ILE A 53 -7.54 8.94 5.72
CA ILE A 53 -8.36 9.93 5.05
C ILE A 53 -7.66 10.41 3.78
N GLU A 54 -8.44 10.71 2.77
CA GLU A 54 -7.88 11.21 1.52
C GLU A 54 -7.51 12.68 1.69
N ASP A 55 -6.23 12.99 1.50
CA ASP A 55 -5.76 14.36 1.68
C ASP A 55 -5.45 15.01 0.34
N SER A 56 -5.92 16.24 0.15
CA SER A 56 -5.77 16.96 -1.12
C SER A 56 -4.33 17.43 -1.40
N ASN A 57 -3.43 17.21 -0.46
CA ASN A 57 -2.03 17.55 -0.64
C ASN A 57 -1.19 16.29 -0.48
N PRO A 58 -1.15 15.45 -1.53
CA PRO A 58 -0.44 14.19 -1.50
C PRO A 58 1.08 14.34 -1.44
N THR A 59 1.58 14.51 -0.23
CA THR A 59 3.01 14.53 0.02
C THR A 59 3.43 13.15 0.48
N CYS A 60 2.97 12.16 -0.29
CA CYS A 60 3.17 10.72 -0.03
C CYS A 60 2.20 10.21 1.05
N GLY A 61 1.38 11.11 1.61
CA GLY A 61 0.37 10.74 2.66
C GLY A 61 1.01 10.24 3.97
N ASN A 62 2.11 9.53 3.83
CA ASN A 62 2.87 9.00 4.90
C ASN A 62 4.33 9.18 4.57
N ASN A 63 5.18 9.21 5.58
CA ASN A 63 6.63 9.40 5.37
C ASN A 63 7.20 8.43 4.33
N ASN A 64 6.60 7.24 4.21
CA ASN A 64 7.07 6.25 3.24
C ASN A 64 6.11 6.13 2.06
N GLY A 65 5.20 7.10 1.93
CA GLY A 65 4.24 7.09 0.83
C GLY A 65 3.13 6.09 1.02
N GLY A 66 3.14 5.42 2.14
CA GLY A 66 2.17 4.39 2.42
C GLY A 66 2.65 3.06 1.89
N CYS A 67 3.64 3.15 1.03
CA CYS A 67 4.29 2.02 0.45
C CYS A 67 5.18 1.35 1.49
N ASP A 68 5.45 0.07 1.30
CA ASP A 68 6.29 -0.69 2.24
C ASP A 68 7.65 0.00 2.41
N PRO A 69 8.22 -0.06 3.62
CA PRO A 69 9.55 0.52 3.93
C PRO A 69 10.62 0.15 2.91
N THR A 70 10.49 -1.01 2.29
CA THR A 70 11.45 -1.46 1.29
C THR A 70 11.29 -0.67 -0.01
N ALA A 71 10.12 -0.09 -0.21
CA ALA A 71 9.83 0.70 -1.39
C ALA A 71 10.26 2.14 -1.18
N GLY A 72 10.47 2.86 -2.27
CA GLY A 72 10.91 4.23 -2.17
C GLY A 72 9.81 5.24 -2.42
N CYS A 73 9.59 6.14 -1.48
CA CYS A 73 8.60 7.19 -1.63
C CYS A 73 9.20 8.40 -2.33
N GLN A 74 8.78 8.66 -3.55
CA GLN A 74 9.25 9.80 -4.29
C GLN A 74 8.08 10.70 -4.64
N THR A 75 8.18 11.95 -4.26
CA THR A 75 7.12 12.88 -4.52
C THR A 75 7.53 13.87 -5.59
N ALA A 76 6.75 13.91 -6.65
CA ALA A 76 6.98 14.84 -7.73
C ALA A 76 5.69 15.54 -8.06
N GLU A 77 5.71 16.85 -7.95
CA GLU A 77 4.50 17.64 -8.13
C GLU A 77 4.13 17.76 -9.60
N ASN A 78 5.12 17.82 -10.45
CA ASN A 78 4.88 17.93 -11.88
C ASN A 78 4.56 16.57 -12.49
N ARG A 79 4.92 15.51 -11.78
CA ARG A 79 4.71 14.16 -12.29
C ARG A 79 3.39 13.57 -11.81
N GLU A 80 2.30 14.01 -12.40
CA GLU A 80 0.99 13.47 -12.08
C GLU A 80 0.55 12.50 -13.15
N ASN A 81 1.44 12.28 -14.11
CA ASN A 81 1.18 11.37 -15.22
C ASN A 81 0.89 9.97 -14.72
N SER A 82 1.64 9.51 -13.74
CA SER A 82 1.46 8.18 -13.20
C SER A 82 0.48 8.21 -12.05
N LYS A 83 0.40 9.35 -11.37
CA LYS A 83 -0.48 9.56 -10.22
C LYS A 83 -0.15 10.89 -9.57
N LYS A 84 0.95 10.88 -8.86
CA LYS A 84 1.47 12.04 -8.12
C LYS A 84 2.56 11.53 -7.20
N ILE A 85 2.31 10.35 -6.65
CA ILE A 85 3.25 9.70 -5.79
C ILE A 85 3.95 8.61 -6.55
N ILE A 86 5.26 8.67 -6.57
CA ILE A 86 6.03 7.68 -7.27
C ILE A 86 6.73 6.77 -6.29
N CYS A 87 6.23 5.57 -6.15
CA CYS A 87 6.88 4.60 -5.32
C CYS A 87 7.79 3.74 -6.15
N THR A 88 8.99 3.55 -5.67
CA THR A 88 9.97 2.79 -6.38
C THR A 88 9.80 1.31 -6.06
N CYS A 89 9.50 0.54 -7.10
CA CYS A 89 9.31 -0.87 -6.99
C CYS A 89 10.62 -1.57 -6.64
N LYS A 90 10.52 -2.79 -6.21
CA LYS A 90 11.66 -3.56 -5.81
C LYS A 90 12.26 -4.28 -7.02
N GLU A 91 13.25 -5.15 -6.76
CA GLU A 91 13.94 -5.89 -7.82
C GLU A 91 12.95 -6.59 -8.76
N PRO A 92 13.37 -6.93 -10.01
CA PRO A 92 12.53 -7.48 -11.08
C PRO A 92 11.44 -8.44 -10.61
N THR A 93 10.30 -7.86 -10.30
CA THR A 93 9.12 -8.59 -9.89
C THR A 93 7.88 -7.80 -10.25
N PRO A 94 7.25 -8.13 -11.38
CA PRO A 94 6.04 -7.42 -11.86
C PRO A 94 4.79 -7.75 -11.03
N ASN A 95 4.98 -7.86 -9.73
CA ASN A 95 3.89 -8.15 -8.82
C ASN A 95 3.71 -7.03 -7.82
N ALA A 96 2.78 -6.16 -8.10
CA ALA A 96 2.47 -5.05 -7.22
C ALA A 96 1.18 -5.35 -6.48
N TYR A 97 1.30 -5.68 -5.22
CA TYR A 97 0.15 -6.00 -4.41
C TYR A 97 -0.32 -4.79 -3.64
N TYR A 98 -1.59 -4.79 -3.27
CA TYR A 98 -2.18 -3.72 -2.47
C TYR A 98 -2.07 -2.37 -3.18
N ASP A 99 -2.23 -2.41 -4.50
CA ASP A 99 -2.21 -1.22 -5.34
C ASP A 99 -0.86 -0.52 -5.37
N GLY A 100 0.21 -1.29 -5.25
CA GLY A 100 1.54 -0.73 -5.34
C GLY A 100 2.22 -0.58 -4.01
N VAL A 101 1.46 -0.77 -2.95
CA VAL A 101 2.00 -0.66 -1.60
C VAL A 101 3.10 -1.70 -1.36
N PHE A 102 3.00 -2.84 -2.03
CA PHE A 102 3.99 -3.90 -1.89
C PHE A 102 4.45 -4.39 -3.26
N CYS A 103 5.76 -4.49 -3.43
CA CYS A 103 6.35 -4.93 -4.71
C CYS A 103 7.21 -6.14 -4.48
N GLY A 104 6.95 -7.20 -5.21
CA GLY A 104 7.76 -8.40 -5.09
C GLY A 104 7.24 -9.33 -4.04
N MET A 1 11.30 -5.12 -17.73
CA MET A 1 10.65 -6.35 -17.23
C MET A 1 9.69 -6.03 -16.08
N ASN A 2 9.79 -4.82 -15.55
CA ASN A 2 8.94 -4.41 -14.44
C ASN A 2 7.65 -3.80 -14.96
N MET A 3 6.68 -4.65 -15.22
CA MET A 3 5.40 -4.21 -15.72
C MET A 3 4.26 -4.99 -15.08
N ASP A 4 3.50 -4.32 -14.24
CA ASP A 4 2.36 -4.94 -13.59
C ASP A 4 1.20 -5.04 -14.56
N SER A 5 0.35 -6.03 -14.39
CA SER A 5 -0.77 -6.23 -15.29
C SER A 5 -1.88 -7.05 -14.67
N MET A 6 -1.52 -8.08 -13.91
CA MET A 6 -2.52 -8.97 -13.36
C MET A 6 -2.80 -8.69 -11.89
N ASP A 7 -3.84 -7.90 -11.63
CA ASP A 7 -4.27 -7.63 -10.25
C ASP A 7 -5.21 -8.72 -9.79
N LEU A 8 -5.51 -9.61 -10.69
CA LEU A 8 -6.45 -10.67 -10.44
C LEU A 8 -5.74 -12.00 -10.29
N LEU A 9 -5.72 -12.50 -9.07
CA LEU A 9 -5.15 -13.81 -8.79
C LEU A 9 -6.12 -14.89 -9.23
N GLY A 10 -7.41 -14.53 -9.24
CA GLY A 10 -8.44 -15.44 -9.69
C GLY A 10 -8.73 -16.56 -8.70
N ILE A 11 -7.93 -16.63 -7.67
CA ILE A 11 -8.07 -17.68 -6.69
C ILE A 11 -8.97 -17.23 -5.54
N ASP A 12 -9.45 -18.20 -4.79
CA ASP A 12 -10.28 -17.95 -3.61
C ASP A 12 -9.47 -17.18 -2.58
N PRO A 13 -10.16 -16.38 -1.73
CA PRO A 13 -9.52 -15.55 -0.67
C PRO A 13 -8.70 -16.37 0.37
N LYS A 14 -7.74 -17.13 -0.12
CA LYS A 14 -6.87 -17.93 0.71
C LYS A 14 -5.73 -17.09 1.27
N HIS A 15 -5.34 -16.08 0.53
CA HIS A 15 -4.22 -15.22 0.90
C HIS A 15 -4.73 -13.83 1.25
N VAL A 16 -6.02 -13.72 1.49
CA VAL A 16 -6.61 -12.45 1.84
C VAL A 16 -6.41 -12.17 3.32
N CYS A 17 -6.39 -10.91 3.67
CA CYS A 17 -6.26 -10.51 5.05
C CYS A 17 -7.56 -10.73 5.80
N ILE A 18 -7.46 -11.02 7.08
CA ILE A 18 -8.60 -11.28 7.93
C ILE A 18 -9.41 -10.02 8.19
N ASN A 19 -10.65 -10.20 8.56
CA ASN A 19 -11.52 -9.07 8.87
C ASN A 19 -10.99 -8.37 10.10
N THR A 20 -10.44 -7.19 9.89
CA THR A 20 -9.80 -6.44 10.95
C THR A 20 -10.67 -5.29 11.45
N ARG A 21 -10.41 -4.88 12.68
CA ARG A 21 -11.07 -3.74 13.28
C ARG A 21 -10.03 -2.76 13.80
N ASP A 22 -8.81 -3.25 13.97
CA ASP A 22 -7.71 -2.42 14.45
C ASP A 22 -7.13 -1.61 13.31
N ILE A 23 -6.96 -2.24 12.16
CA ILE A 23 -6.44 -1.57 10.99
C ILE A 23 -7.52 -0.69 10.35
N PRO A 24 -7.17 0.55 9.99
CA PRO A 24 -8.09 1.51 9.37
C PRO A 24 -8.45 1.13 7.93
N ALA A 25 -9.30 1.93 7.32
CA ALA A 25 -9.70 1.70 5.95
C ALA A 25 -8.60 2.16 4.99
N ASN A 26 -8.55 1.52 3.82
CA ASN A 26 -7.53 1.82 2.80
C ASN A 26 -6.13 1.60 3.33
N ALA A 27 -5.93 0.49 4.00
CA ALA A 27 -4.64 0.13 4.53
C ALA A 27 -4.47 -1.37 4.46
N GLY A 28 -3.27 -1.81 4.12
CA GLY A 28 -2.99 -3.22 4.05
C GLY A 28 -2.70 -3.81 5.41
N CYS A 29 -3.53 -4.73 5.84
CA CYS A 29 -3.37 -5.36 7.15
C CYS A 29 -2.50 -6.61 7.05
N PHE A 30 -1.30 -6.52 7.59
CA PHE A 30 -0.39 -7.65 7.62
C PHE A 30 -0.31 -8.23 9.01
N ARG A 31 -0.70 -9.48 9.14
CA ARG A 31 -0.64 -10.16 10.40
C ARG A 31 0.51 -11.14 10.39
N TYR A 32 1.42 -10.96 11.33
CA TYR A 32 2.58 -11.80 11.41
C TYR A 32 2.28 -12.98 12.31
N ASP A 33 2.94 -14.10 12.04
CA ASP A 33 2.74 -15.33 12.82
C ASP A 33 3.13 -15.10 14.28
N ASN A 34 4.01 -14.14 14.50
CA ASN A 34 4.46 -13.78 15.84
C ASN A 34 3.36 -13.09 16.64
N GLY A 35 2.29 -12.71 15.96
CA GLY A 35 1.21 -12.02 16.62
C GLY A 35 1.28 -10.52 16.40
N ASN A 36 2.38 -10.08 15.82
CA ASN A 36 2.58 -8.67 15.53
C ASN A 36 1.68 -8.24 14.36
N GLU A 37 1.05 -7.09 14.52
CA GLU A 37 0.16 -6.57 13.49
C GLU A 37 0.75 -5.30 12.88
N GLU A 38 0.71 -5.21 11.57
CA GLU A 38 1.22 -4.05 10.86
C GLU A 38 0.27 -3.64 9.77
N TRP A 39 0.25 -2.37 9.45
CA TRP A 39 -0.63 -1.87 8.41
C TRP A 39 0.06 -0.84 7.55
N ARG A 40 -0.14 -0.94 6.27
CA ARG A 40 0.44 -0.03 5.32
C ARG A 40 -0.62 0.78 4.63
N CYS A 41 -0.58 2.08 4.86
CA CYS A 41 -1.54 3.00 4.31
C CYS A 41 -1.39 3.08 2.79
N LEU A 42 -2.46 3.42 2.12
CA LEU A 42 -2.43 3.53 0.67
C LEU A 42 -2.05 4.93 0.22
N LEU A 43 -1.50 5.01 -0.98
CA LEU A 43 -1.05 6.27 -1.55
C LEU A 43 -2.22 7.20 -1.81
N GLY A 44 -2.00 8.49 -1.58
CA GLY A 44 -3.05 9.47 -1.78
C GLY A 44 -3.84 9.70 -0.52
N TYR A 45 -3.70 8.79 0.42
CA TYR A 45 -4.37 8.88 1.69
C TYR A 45 -3.39 9.36 2.74
N LYS A 46 -3.87 10.16 3.66
CA LYS A 46 -3.03 10.75 4.67
C LYS A 46 -3.41 10.31 6.08
N LYS A 47 -2.40 10.30 6.93
CA LYS A 47 -2.50 9.94 8.34
C LYS A 47 -3.44 10.87 9.12
N ASN A 48 -4.58 10.36 9.49
CA ASN A 48 -5.52 11.13 10.27
C ASN A 48 -6.25 10.21 11.23
N ASN A 49 -5.94 10.34 12.52
CA ASN A 49 -6.54 9.48 13.55
C ASN A 49 -6.08 8.04 13.36
N ASN A 50 -4.87 7.89 12.81
CA ASN A 50 -4.28 6.59 12.47
C ASN A 50 -5.07 5.93 11.34
N THR A 51 -5.95 6.71 10.75
CA THR A 51 -6.79 6.24 9.68
C THR A 51 -6.31 6.85 8.37
N CYS A 52 -6.58 6.18 7.28
CA CYS A 52 -6.20 6.67 5.98
C CYS A 52 -7.35 7.42 5.34
N ILE A 53 -7.17 8.72 5.19
CA ILE A 53 -8.18 9.55 4.56
C ILE A 53 -7.65 10.12 3.26
N GLU A 54 -8.50 10.21 2.26
CA GLU A 54 -8.09 10.74 0.97
C GLU A 54 -7.80 12.24 1.10
N ASP A 55 -6.60 12.63 0.76
CA ASP A 55 -6.20 14.02 0.93
C ASP A 55 -5.73 14.62 -0.39
N SER A 56 -6.20 15.83 -0.70
CA SER A 56 -5.84 16.52 -1.93
C SER A 56 -4.40 17.05 -1.87
N ASN A 57 -3.81 17.02 -0.67
CA ASN A 57 -2.43 17.44 -0.47
C ASN A 57 -1.63 16.26 0.04
N PRO A 58 -1.26 15.36 -0.86
CA PRO A 58 -0.60 14.14 -0.49
C PRO A 58 0.92 14.29 -0.33
N THR A 59 1.34 14.55 0.89
CA THR A 59 2.77 14.56 1.22
C THR A 59 3.19 13.13 1.52
N CYS A 60 2.81 12.24 0.59
CA CYS A 60 2.95 10.79 0.70
C CYS A 60 1.94 10.25 1.73
N GLY A 61 1.17 11.16 2.35
CA GLY A 61 0.15 10.79 3.33
C GLY A 61 0.70 10.15 4.61
N ASN A 62 1.75 9.38 4.45
CA ASN A 62 2.42 8.70 5.53
C ASN A 62 3.91 8.94 5.40
N ASN A 63 4.63 8.81 6.51
CA ASN A 63 6.09 9.01 6.54
C ASN A 63 6.82 8.29 5.40
N ASN A 64 6.26 7.18 4.93
CA ASN A 64 6.86 6.46 3.81
C ASN A 64 5.85 6.29 2.68
N GLY A 65 4.79 7.08 2.72
CA GLY A 65 3.75 6.99 1.71
C GLY A 65 2.82 5.82 1.95
N GLY A 66 3.13 5.02 2.95
CA GLY A 66 2.35 3.85 3.23
C GLY A 66 2.95 2.64 2.58
N CYS A 67 3.89 2.89 1.69
CA CYS A 67 4.60 1.87 0.98
C CYS A 67 5.56 1.11 1.89
N ASP A 68 5.95 -0.09 1.46
CA ASP A 68 6.83 -0.98 2.23
C ASP A 68 8.06 -0.24 2.74
N PRO A 69 8.54 -0.58 3.95
CA PRO A 69 9.72 0.03 4.59
C PRO A 69 10.92 0.23 3.64
N THR A 70 11.14 -0.70 2.71
CA THR A 70 12.27 -0.60 1.80
C THR A 70 11.90 0.13 0.51
N ALA A 71 10.63 0.46 0.36
CA ALA A 71 10.17 1.18 -0.80
C ALA A 71 10.31 2.67 -0.56
N GLY A 72 10.51 3.42 -1.62
CA GLY A 72 10.69 4.84 -1.49
C GLY A 72 9.46 5.62 -1.86
N CYS A 73 9.15 6.65 -1.10
CA CYS A 73 8.02 7.49 -1.40
C CYS A 73 8.51 8.76 -2.11
N GLN A 74 7.96 9.03 -3.27
CA GLN A 74 8.36 10.20 -4.04
C GLN A 74 7.18 11.09 -4.31
N THR A 75 7.31 12.34 -3.93
CA THR A 75 6.31 13.31 -4.23
C THR A 75 6.70 14.06 -5.50
N ALA A 76 6.02 13.76 -6.58
CA ALA A 76 6.35 14.35 -7.86
C ALA A 76 5.23 15.18 -8.41
N GLU A 77 5.52 15.98 -9.41
CA GLU A 77 4.52 16.79 -10.06
C GLU A 77 4.52 16.53 -11.55
N ASN A 78 5.71 16.30 -12.10
CA ASN A 78 5.85 16.01 -13.52
C ASN A 78 5.37 14.59 -13.80
N ARG A 79 5.40 13.76 -12.77
CA ARG A 79 4.99 12.37 -12.89
C ARG A 79 3.52 12.18 -12.53
N GLU A 80 2.77 13.29 -12.50
CA GLU A 80 1.35 13.26 -12.12
C GLU A 80 0.49 12.58 -13.19
N ASN A 81 1.14 12.05 -14.20
CA ASN A 81 0.45 11.31 -15.24
C ASN A 81 -0.05 9.99 -14.66
N SER A 82 0.80 9.36 -13.86
CA SER A 82 0.46 8.10 -13.25
C SER A 82 -0.09 8.30 -11.83
N LYS A 83 0.35 9.38 -11.16
CA LYS A 83 -0.12 9.74 -9.82
C LYS A 83 0.73 10.87 -9.25
N LYS A 84 0.29 11.45 -8.15
CA LYS A 84 1.02 12.50 -7.47
C LYS A 84 2.15 11.89 -6.65
N ILE A 85 1.89 10.70 -6.10
CA ILE A 85 2.86 10.00 -5.30
C ILE A 85 3.41 8.83 -6.08
N ILE A 86 4.71 8.77 -6.17
CA ILE A 86 5.37 7.68 -6.87
C ILE A 86 6.19 6.88 -5.89
N CYS A 87 5.81 5.65 -5.68
CA CYS A 87 6.56 4.79 -4.81
C CYS A 87 7.58 4.00 -5.59
N THR A 88 8.72 3.77 -4.98
CA THR A 88 9.78 3.05 -5.61
C THR A 88 9.55 1.58 -5.44
N CYS A 89 9.24 0.94 -6.56
CA CYS A 89 8.98 -0.48 -6.62
C CYS A 89 10.22 -1.26 -6.19
N LYS A 90 10.03 -2.52 -5.90
CA LYS A 90 11.10 -3.37 -5.43
C LYS A 90 11.86 -3.93 -6.61
N GLU A 91 12.80 -4.83 -6.33
CA GLU A 91 13.59 -5.48 -7.36
C GLU A 91 12.67 -6.13 -8.40
N PRO A 92 13.18 -6.38 -9.63
CA PRO A 92 12.41 -6.90 -10.78
C PRO A 92 11.27 -7.82 -10.42
N THR A 93 10.11 -7.22 -10.24
CA THR A 93 8.92 -7.93 -9.91
C THR A 93 7.73 -7.26 -10.58
N PRO A 94 7.32 -7.76 -11.74
CA PRO A 94 6.21 -7.20 -12.54
C PRO A 94 4.82 -7.44 -11.92
N ASN A 95 4.72 -7.31 -10.61
CA ASN A 95 3.46 -7.53 -9.92
C ASN A 95 3.28 -6.53 -8.80
N ALA A 96 2.35 -5.62 -8.99
CA ALA A 96 2.07 -4.61 -7.98
C ALA A 96 0.86 -5.01 -7.16
N TYR A 97 1.06 -5.14 -5.87
CA TYR A 97 0.00 -5.51 -4.97
C TYR A 97 -0.32 -4.35 -4.05
N TYR A 98 -1.53 -4.36 -3.50
CA TYR A 98 -1.97 -3.33 -2.58
C TYR A 98 -1.93 -1.94 -3.22
N ASP A 99 -2.13 -1.91 -4.54
CA ASP A 99 -2.18 -0.65 -5.31
C ASP A 99 -0.79 0.03 -5.38
N GLY A 100 0.26 -0.77 -5.33
CA GLY A 100 1.60 -0.22 -5.46
C GLY A 100 2.37 -0.22 -4.16
N VAL A 101 1.68 -0.53 -3.08
CA VAL A 101 2.29 -0.57 -1.75
C VAL A 101 3.29 -1.74 -1.63
N PHE A 102 3.09 -2.76 -2.45
CA PHE A 102 3.90 -3.95 -2.39
C PHE A 102 4.21 -4.46 -3.79
N CYS A 103 5.47 -4.69 -4.06
CA CYS A 103 5.90 -5.19 -5.35
C CYS A 103 6.38 -6.63 -5.22
N GLY A 104 5.86 -7.50 -6.07
CA GLY A 104 6.25 -8.89 -6.05
C GLY A 104 5.74 -9.64 -4.84
N MET A 1 -4.78 0.76 -8.31
CA MET A 1 -5.12 -0.69 -8.20
C MET A 1 -4.06 -1.55 -8.88
N ASN A 2 -3.43 -0.99 -9.89
CA ASN A 2 -2.43 -1.71 -10.67
C ASN A 2 -1.32 -0.76 -11.11
N MET A 3 -1.67 0.15 -12.02
CA MET A 3 -0.75 1.17 -12.55
C MET A 3 0.44 0.58 -13.31
N ASP A 4 1.48 0.18 -12.60
CA ASP A 4 2.67 -0.35 -13.24
C ASP A 4 3.11 -1.66 -12.62
N SER A 5 2.45 -2.72 -13.00
CA SER A 5 2.76 -4.06 -12.54
C SER A 5 2.15 -5.08 -13.46
N MET A 6 0.85 -4.93 -13.72
CA MET A 6 0.09 -5.81 -14.59
C MET A 6 0.16 -7.23 -14.07
N ASP A 7 -0.29 -7.42 -12.85
CA ASP A 7 -0.28 -8.72 -12.22
C ASP A 7 -1.35 -8.82 -11.17
N LEU A 8 -2.38 -9.54 -11.50
CA LEU A 8 -3.48 -9.76 -10.58
C LEU A 8 -3.67 -11.27 -10.42
N LEU A 9 -3.45 -11.76 -9.22
CA LEU A 9 -3.57 -13.18 -8.94
C LEU A 9 -5.03 -13.62 -9.04
N GLY A 10 -5.92 -12.83 -8.44
CA GLY A 10 -7.35 -13.11 -8.50
C GLY A 10 -7.71 -14.48 -7.99
N ILE A 11 -7.15 -14.86 -6.87
CA ILE A 11 -7.42 -16.15 -6.29
C ILE A 11 -8.15 -15.98 -4.98
N ASP A 12 -8.70 -17.08 -4.48
CA ASP A 12 -9.34 -17.10 -3.17
C ASP A 12 -8.40 -16.53 -2.12
N PRO A 13 -8.96 -15.90 -1.07
CA PRO A 13 -8.19 -15.24 0.01
C PRO A 13 -7.24 -16.17 0.79
N LYS A 14 -6.27 -16.76 0.09
CA LYS A 14 -5.29 -17.63 0.70
C LYS A 14 -4.16 -16.81 1.33
N HIS A 15 -3.87 -15.64 0.74
CA HIS A 15 -2.80 -14.79 1.25
C HIS A 15 -3.35 -13.44 1.70
N VAL A 16 -4.65 -13.38 1.94
CA VAL A 16 -5.29 -12.16 2.39
C VAL A 16 -4.99 -11.90 3.86
N CYS A 17 -5.02 -10.65 4.26
CA CYS A 17 -4.80 -10.29 5.64
C CYS A 17 -6.00 -10.73 6.49
N ILE A 18 -5.79 -10.83 7.79
CA ILE A 18 -6.84 -11.22 8.69
C ILE A 18 -7.87 -10.12 8.83
N ASN A 19 -9.07 -10.50 9.19
CA ASN A 19 -10.14 -9.53 9.35
C ASN A 19 -9.82 -8.58 10.48
N THR A 20 -9.51 -7.35 10.13
CA THR A 20 -9.19 -6.34 11.09
C THR A 20 -10.37 -5.40 11.30
N ARG A 21 -10.64 -5.11 12.55
CA ARG A 21 -11.75 -4.24 12.91
C ARG A 21 -11.23 -2.84 13.20
N ASP A 22 -9.99 -2.76 13.66
CA ASP A 22 -9.39 -1.48 14.04
C ASP A 22 -8.87 -0.71 12.83
N ILE A 23 -8.25 -1.43 11.89
CA ILE A 23 -7.69 -0.81 10.70
C ILE A 23 -8.80 -0.26 9.79
N PRO A 24 -8.63 0.99 9.32
CA PRO A 24 -9.61 1.66 8.44
C PRO A 24 -9.59 1.10 7.01
N ALA A 25 -10.25 1.80 6.11
CA ALA A 25 -10.33 1.38 4.73
C ALA A 25 -9.12 1.88 3.95
N ASN A 26 -8.74 1.11 2.94
CA ASN A 26 -7.59 1.44 2.08
C ASN A 26 -6.29 1.41 2.86
N ALA A 27 -6.07 0.32 3.57
CA ALA A 27 -4.85 0.14 4.33
C ALA A 27 -4.50 -1.33 4.41
N GLY A 28 -3.22 -1.62 4.32
CA GLY A 28 -2.76 -2.99 4.37
C GLY A 28 -2.29 -3.36 5.76
N CYS A 29 -2.81 -4.46 6.27
CA CYS A 29 -2.45 -4.93 7.59
C CYS A 29 -1.51 -6.12 7.48
N PHE A 30 -0.36 -6.01 8.13
CA PHE A 30 0.59 -7.10 8.16
C PHE A 30 0.73 -7.61 9.59
N ARG A 31 0.31 -8.83 9.80
CA ARG A 31 0.33 -9.43 11.11
C ARG A 31 1.53 -10.33 11.27
N TYR A 32 2.40 -9.97 12.18
CA TYR A 32 3.58 -10.76 12.46
C TYR A 32 3.23 -11.86 13.44
N ASP A 33 3.87 -13.00 13.26
CA ASP A 33 3.61 -14.17 14.11
C ASP A 33 4.04 -13.92 15.56
N ASN A 34 4.75 -12.83 15.77
CA ASN A 34 5.20 -12.45 17.10
C ASN A 34 4.14 -11.62 17.82
N GLY A 35 3.05 -11.30 17.12
CA GLY A 35 2.00 -10.51 17.73
C GLY A 35 2.04 -9.07 17.27
N ASN A 36 3.17 -8.67 16.71
CA ASN A 36 3.36 -7.33 16.20
C ASN A 36 2.53 -7.13 14.95
N GLU A 37 2.09 -5.90 14.73
CA GLU A 37 1.29 -5.59 13.57
C GLU A 37 1.79 -4.32 12.91
N GLU A 38 2.02 -4.40 11.61
CA GLU A 38 2.44 -3.25 10.84
C GLU A 38 1.37 -2.92 9.84
N TRP A 39 1.10 -1.65 9.67
CA TRP A 39 0.06 -1.23 8.79
C TRP A 39 0.57 -0.24 7.77
N ARG A 40 0.12 -0.37 6.56
CA ARG A 40 0.50 0.54 5.51
C ARG A 40 -0.72 1.14 4.87
N CYS A 41 -0.88 2.43 5.03
CA CYS A 41 -1.99 3.15 4.44
C CYS A 41 -1.71 3.36 2.97
N LEU A 42 -2.72 3.22 2.13
CA LEU A 42 -2.56 3.34 0.69
C LEU A 42 -2.11 4.73 0.27
N LEU A 43 -1.45 4.80 -0.88
CA LEU A 43 -0.93 6.06 -1.40
C LEU A 43 -2.03 7.05 -1.68
N GLY A 44 -1.79 8.27 -1.27
CA GLY A 44 -2.77 9.32 -1.46
C GLY A 44 -3.63 9.48 -0.23
N TYR A 45 -3.60 8.48 0.62
CA TYR A 45 -4.35 8.52 1.84
C TYR A 45 -3.49 8.99 2.98
N LYS A 46 -4.11 9.72 3.88
CA LYS A 46 -3.44 10.29 5.01
C LYS A 46 -4.14 9.87 6.30
N LYS A 47 -3.37 9.77 7.36
CA LYS A 47 -3.89 9.36 8.65
C LYS A 47 -4.64 10.48 9.35
N ASN A 48 -5.94 10.33 9.44
CA ASN A 48 -6.76 11.32 10.09
C ASN A 48 -7.71 10.65 11.05
N ASN A 49 -7.43 10.80 12.33
CA ASN A 49 -8.28 10.25 13.39
C ASN A 49 -8.37 8.73 13.29
N ASN A 50 -7.20 8.09 13.13
CA ASN A 50 -7.08 6.63 13.03
C ASN A 50 -7.60 6.08 11.69
N THR A 51 -8.27 6.92 10.92
CA THR A 51 -8.82 6.50 9.65
C THR A 51 -8.04 7.10 8.49
N CYS A 52 -7.91 6.32 7.42
CA CYS A 52 -7.21 6.77 6.23
C CYS A 52 -8.15 7.54 5.32
N ILE A 53 -7.89 8.82 5.17
CA ILE A 53 -8.68 9.67 4.30
C ILE A 53 -7.86 10.01 3.07
N GLU A 54 -8.52 10.37 2.00
CA GLU A 54 -7.79 10.75 0.81
C GLU A 54 -7.36 12.20 0.93
N ASP A 55 -6.07 12.42 0.88
CA ASP A 55 -5.52 13.76 1.04
C ASP A 55 -5.26 14.40 -0.32
N SER A 56 -5.67 15.64 -0.47
CA SER A 56 -5.49 16.36 -1.71
C SER A 56 -4.04 16.82 -1.91
N ASN A 57 -3.28 16.83 -0.84
CA ASN A 57 -1.86 17.19 -0.90
C ASN A 57 -1.06 16.17 -0.10
N PRO A 58 -0.88 14.98 -0.67
CA PRO A 58 -0.18 13.89 -0.02
C PRO A 58 1.35 13.98 -0.11
N THR A 59 1.99 14.19 1.03
CA THR A 59 3.43 14.12 1.09
C THR A 59 3.83 12.66 1.29
N CYS A 60 3.45 11.85 0.30
CA CYS A 60 3.61 10.39 0.32
C CYS A 60 2.53 9.76 1.20
N GLY A 61 1.67 10.61 1.79
CA GLY A 61 0.57 10.15 2.66
C GLY A 61 1.05 9.50 3.96
N ASN A 62 2.14 8.80 3.87
CA ASN A 62 2.78 8.13 4.97
C ASN A 62 4.27 8.35 4.86
N ASN A 63 4.99 8.26 5.97
CA ASN A 63 6.45 8.49 5.98
C ASN A 63 7.20 7.62 4.95
N ASN A 64 6.60 6.51 4.55
CA ASN A 64 7.21 5.62 3.54
C ASN A 64 6.35 5.58 2.26
N GLY A 65 5.50 6.60 2.10
CA GLY A 65 4.63 6.69 0.93
C GLY A 65 3.49 5.69 0.99
N GLY A 66 3.33 5.08 2.14
CA GLY A 66 2.29 4.08 2.32
C GLY A 66 2.77 2.74 1.84
N CYS A 67 3.83 2.78 1.07
CA CYS A 67 4.46 1.61 0.54
C CYS A 67 5.29 0.93 1.63
N ASP A 68 5.52 -0.37 1.47
CA ASP A 68 6.34 -1.14 2.40
C ASP A 68 7.72 -0.52 2.54
N PRO A 69 8.35 -0.61 3.73
CA PRO A 69 9.70 -0.09 3.98
C PRO A 69 10.72 -0.45 2.89
N THR A 70 10.54 -1.62 2.27
CA THR A 70 11.45 -2.07 1.22
C THR A 70 11.24 -1.29 -0.08
N ALA A 71 10.05 -0.72 -0.23
CA ALA A 71 9.70 0.07 -1.39
C ALA A 71 10.13 1.52 -1.17
N GLY A 72 10.27 2.28 -2.25
CA GLY A 72 10.75 3.64 -2.14
C GLY A 72 9.66 4.68 -2.26
N CYS A 73 9.71 5.67 -1.38
CA CYS A 73 8.75 6.78 -1.40
C CYS A 73 9.38 8.01 -2.08
N GLN A 74 8.76 8.46 -3.15
CA GLN A 74 9.23 9.64 -3.86
C GLN A 74 8.09 10.62 -4.08
N THR A 75 8.30 11.85 -3.64
CA THR A 75 7.31 12.89 -3.77
C THR A 75 7.78 13.96 -4.76
N ALA A 76 7.05 14.12 -5.84
CA ALA A 76 7.39 15.12 -6.83
C ALA A 76 6.21 16.06 -7.04
N GLU A 77 6.46 17.34 -6.84
CA GLU A 77 5.43 18.36 -6.94
C GLU A 77 4.81 18.42 -8.35
N ASN A 78 5.66 18.31 -9.36
CA ASN A 78 5.22 18.43 -10.75
C ASN A 78 4.84 17.08 -11.38
N ARG A 79 4.82 16.03 -10.57
CA ARG A 79 4.50 14.69 -11.07
C ARG A 79 3.05 14.34 -10.70
N GLU A 80 2.14 15.25 -10.99
CA GLU A 80 0.75 15.10 -10.63
C GLU A 80 -0.07 14.45 -11.73
N ASN A 81 0.57 14.08 -12.81
CA ASN A 81 -0.14 13.45 -13.93
C ASN A 81 -0.54 12.03 -13.57
N SER A 82 0.37 11.29 -12.95
CA SER A 82 0.07 9.94 -12.53
C SER A 82 -0.67 9.98 -11.19
N LYS A 83 -0.40 11.03 -10.42
CA LYS A 83 -1.04 11.26 -9.13
C LYS A 83 -0.37 12.41 -8.41
N LYS A 84 0.78 12.10 -7.86
CA LYS A 84 1.58 13.03 -7.07
C LYS A 84 2.69 12.24 -6.40
N ILE A 85 2.36 11.00 -6.05
CA ILE A 85 3.28 10.12 -5.37
C ILE A 85 3.87 9.13 -6.33
N ILE A 86 5.17 8.90 -6.20
CA ILE A 86 5.86 7.94 -7.00
C ILE A 86 6.51 6.90 -6.11
N CYS A 87 5.97 5.72 -6.08
CA CYS A 87 6.56 4.66 -5.30
C CYS A 87 7.44 3.80 -6.17
N THR A 88 8.61 3.51 -5.67
CA THR A 88 9.58 2.73 -6.39
C THR A 88 9.37 1.26 -6.14
N CYS A 89 9.11 0.52 -7.20
CA CYS A 89 8.93 -0.91 -7.13
C CYS A 89 10.25 -1.59 -6.87
N LYS A 90 10.20 -2.83 -6.51
CA LYS A 90 11.40 -3.57 -6.18
C LYS A 90 12.01 -4.16 -7.45
N GLU A 91 13.09 -4.93 -7.28
CA GLU A 91 13.79 -5.54 -8.41
C GLU A 91 12.83 -6.27 -9.33
N PRO A 92 13.20 -6.42 -10.63
CA PRO A 92 12.37 -6.99 -11.71
C PRO A 92 11.42 -8.10 -11.27
N THR A 93 10.26 -7.71 -10.79
CA THR A 93 9.22 -8.61 -10.38
C THR A 93 7.88 -7.93 -10.54
N PRO A 94 7.21 -8.16 -11.67
CA PRO A 94 5.91 -7.56 -11.93
C PRO A 94 4.82 -8.21 -11.07
N ASN A 95 4.77 -7.80 -9.81
CA ASN A 95 3.80 -8.34 -8.85
C ASN A 95 3.20 -7.21 -8.04
N ALA A 96 1.92 -6.98 -8.21
CA ALA A 96 1.23 -5.91 -7.52
C ALA A 96 0.48 -6.44 -6.31
N TYR A 97 1.02 -6.21 -5.14
CA TYR A 97 0.38 -6.63 -3.91
C TYR A 97 -0.09 -5.42 -3.13
N TYR A 98 -1.29 -5.51 -2.56
CA TYR A 98 -1.89 -4.43 -1.80
C TYR A 98 -2.02 -3.16 -2.63
N ASP A 99 -2.31 -3.36 -3.91
CA ASP A 99 -2.54 -2.27 -4.88
C ASP A 99 -1.29 -1.43 -5.12
N GLY A 100 -0.13 -2.02 -4.90
CA GLY A 100 1.11 -1.30 -5.16
C GLY A 100 1.90 -1.05 -3.91
N VAL A 101 1.26 -1.24 -2.76
CA VAL A 101 1.92 -1.04 -1.47
C VAL A 101 3.12 -2.00 -1.32
N PHE A 102 3.00 -3.16 -1.93
CA PHE A 102 4.06 -4.15 -1.87
C PHE A 102 4.39 -4.64 -3.29
N CYS A 103 5.66 -4.70 -3.61
CA CYS A 103 6.11 -5.09 -4.95
C CYS A 103 6.92 -6.39 -4.88
N GLY A 104 6.54 -7.35 -5.69
CA GLY A 104 7.26 -8.62 -5.74
C GLY A 104 6.60 -9.69 -4.89
N MET A 1 -21.45 -24.68 -16.79
CA MET A 1 -21.53 -23.29 -16.29
C MET A 1 -20.21 -22.87 -15.66
N ASN A 2 -19.50 -21.97 -16.34
CA ASN A 2 -18.23 -21.47 -15.85
C ASN A 2 -18.05 -20.02 -16.22
N MET A 3 -17.42 -19.25 -15.36
CA MET A 3 -17.17 -17.85 -15.60
C MET A 3 -15.70 -17.55 -15.43
N ASP A 4 -15.16 -16.75 -16.32
CA ASP A 4 -13.76 -16.38 -16.23
C ASP A 4 -13.59 -14.88 -16.30
N SER A 5 -12.85 -14.36 -15.34
CA SER A 5 -12.57 -12.95 -15.23
C SER A 5 -11.54 -12.76 -14.13
N MET A 6 -10.31 -12.46 -14.52
CA MET A 6 -9.21 -12.29 -13.57
C MET A 6 -8.95 -13.61 -12.85
N ASP A 7 -8.18 -13.58 -11.77
CA ASP A 7 -7.93 -14.77 -11.00
C ASP A 7 -9.02 -14.95 -9.97
N LEU A 8 -10.18 -15.36 -10.45
CA LEU A 8 -11.33 -15.56 -9.61
C LEU A 8 -11.21 -16.86 -8.83
N LEU A 9 -10.77 -16.74 -7.61
CA LEU A 9 -10.64 -17.87 -6.72
C LEU A 9 -11.85 -17.92 -5.80
N GLY A 10 -12.29 -16.74 -5.36
CA GLY A 10 -13.47 -16.62 -4.52
C GLY A 10 -13.44 -17.51 -3.30
N ILE A 11 -12.31 -17.53 -2.62
CA ILE A 11 -12.15 -18.35 -1.44
C ILE A 11 -12.00 -17.50 -0.19
N ASP A 12 -12.17 -18.15 0.95
CA ASP A 12 -11.97 -17.52 2.25
C ASP A 12 -10.53 -17.05 2.39
N PRO A 13 -10.31 -15.98 3.19
CA PRO A 13 -8.97 -15.38 3.39
C PRO A 13 -7.90 -16.34 3.95
N LYS A 14 -7.52 -17.32 3.16
CA LYS A 14 -6.49 -18.27 3.53
C LYS A 14 -5.10 -17.70 3.28
N HIS A 15 -4.98 -16.84 2.28
CA HIS A 15 -3.69 -16.24 1.92
C HIS A 15 -3.72 -14.72 2.09
N VAL A 16 -4.87 -14.20 2.49
CA VAL A 16 -5.03 -12.77 2.64
C VAL A 16 -5.30 -12.41 4.09
N CYS A 17 -5.02 -11.17 4.45
CA CYS A 17 -5.19 -10.68 5.81
C CYS A 17 -6.64 -10.89 6.30
N ILE A 18 -6.78 -11.08 7.61
CA ILE A 18 -8.08 -11.27 8.23
C ILE A 18 -8.86 -9.98 8.22
N ASN A 19 -10.18 -10.08 8.28
CA ASN A 19 -11.01 -8.90 8.32
C ASN A 19 -10.72 -8.13 9.61
N THR A 20 -10.07 -7.00 9.47
CA THR A 20 -9.70 -6.21 10.60
C THR A 20 -10.63 -5.02 10.76
N ARG A 21 -10.99 -4.76 12.00
CA ARG A 21 -11.84 -3.62 12.32
C ARG A 21 -10.97 -2.46 12.78
N ASP A 22 -9.81 -2.79 13.35
CA ASP A 22 -8.87 -1.80 13.85
C ASP A 22 -8.26 -1.01 12.71
N ILE A 23 -7.79 -1.72 11.70
CA ILE A 23 -7.20 -1.07 10.54
C ILE A 23 -8.31 -0.57 9.61
N PRO A 24 -8.22 0.70 9.22
CA PRO A 24 -9.21 1.32 8.33
C PRO A 24 -9.13 0.77 6.90
N ALA A 25 -10.04 1.22 6.05
CA ALA A 25 -10.04 0.81 4.67
C ALA A 25 -8.95 1.56 3.92
N ASN A 26 -8.55 1.01 2.78
CA ASN A 26 -7.47 1.60 1.97
C ASN A 26 -6.16 1.53 2.72
N ALA A 27 -5.99 0.44 3.45
CA ALA A 27 -4.78 0.18 4.20
C ALA A 27 -4.55 -1.32 4.29
N GLY A 28 -3.29 -1.71 4.19
CA GLY A 28 -2.96 -3.11 4.22
C GLY A 28 -2.55 -3.57 5.60
N CYS A 29 -3.12 -4.68 6.04
CA CYS A 29 -2.80 -5.25 7.32
C CYS A 29 -1.96 -6.51 7.14
N PHE A 30 -0.79 -6.53 7.74
CA PHE A 30 0.08 -7.71 7.67
C PHE A 30 0.29 -8.27 9.07
N ARG A 31 0.31 -9.58 9.18
CA ARG A 31 0.47 -10.25 10.45
C ARG A 31 1.64 -11.21 10.42
N TYR A 32 2.43 -11.17 11.46
CA TYR A 32 3.59 -12.03 11.58
C TYR A 32 3.31 -13.19 12.52
N ASP A 33 4.05 -14.27 12.36
CA ASP A 33 3.87 -15.47 13.15
C ASP A 33 4.15 -15.21 14.63
N ASN A 34 5.09 -14.31 14.89
CA ASN A 34 5.48 -13.98 16.26
C ASN A 34 4.41 -13.13 16.97
N GLY A 35 3.37 -12.77 16.24
CA GLY A 35 2.31 -11.97 16.83
C GLY A 35 2.41 -10.52 16.43
N ASN A 36 3.53 -10.17 15.83
CA ASN A 36 3.78 -8.80 15.38
C ASN A 36 2.94 -8.49 14.16
N GLU A 37 2.77 -7.23 13.90
CA GLU A 37 1.95 -6.78 12.82
C GLU A 37 2.58 -5.59 12.10
N GLU A 38 2.16 -5.37 10.89
CA GLU A 38 2.60 -4.24 10.09
C GLU A 38 1.38 -3.65 9.39
N TRP A 39 1.27 -2.35 9.41
CA TRP A 39 0.15 -1.69 8.78
C TRP A 39 0.64 -0.68 7.77
N ARG A 40 0.19 -0.79 6.55
CA ARG A 40 0.59 0.13 5.52
C ARG A 40 -0.61 0.83 4.94
N CYS A 41 -0.68 2.12 5.15
CA CYS A 41 -1.75 2.92 4.62
C CYS A 41 -1.41 3.27 3.19
N LEU A 42 -2.40 3.24 2.32
CA LEU A 42 -2.17 3.51 0.91
C LEU A 42 -1.66 4.93 0.70
N LEU A 43 -0.72 5.04 -0.20
CA LEU A 43 -0.09 6.30 -0.49
C LEU A 43 -1.06 7.32 -1.01
N GLY A 44 -0.98 8.52 -0.45
CA GLY A 44 -1.89 9.57 -0.80
C GLY A 44 -2.92 9.75 0.28
N TYR A 45 -3.06 8.74 1.11
CA TYR A 45 -3.99 8.77 2.21
C TYR A 45 -3.27 9.12 3.51
N LYS A 46 -3.93 9.90 4.32
CA LYS A 46 -3.38 10.35 5.57
C LYS A 46 -4.20 9.80 6.73
N LYS A 47 -3.55 9.62 7.86
CA LYS A 47 -4.20 9.09 9.05
C LYS A 47 -4.89 10.16 9.87
N ASN A 48 -6.21 10.13 9.85
CA ASN A 48 -7.02 11.04 10.63
C ASN A 48 -8.03 10.22 11.39
N ASN A 49 -8.07 10.40 12.71
CA ASN A 49 -9.00 9.66 13.57
C ASN A 49 -8.69 8.15 13.48
N ASN A 50 -7.41 7.84 13.20
CA ASN A 50 -6.93 6.47 13.05
C ASN A 50 -7.51 5.80 11.79
N THR A 51 -8.01 6.63 10.89
CA THR A 51 -8.55 6.15 9.63
C THR A 51 -7.84 6.81 8.46
N CYS A 52 -7.63 6.06 7.39
CA CYS A 52 -6.96 6.59 6.22
C CYS A 52 -7.92 7.39 5.36
N ILE A 53 -7.67 8.68 5.26
CA ILE A 53 -8.49 9.56 4.45
C ILE A 53 -7.66 10.12 3.32
N GLU A 54 -8.30 10.55 2.26
CA GLU A 54 -7.59 11.15 1.16
C GLU A 54 -7.23 12.58 1.52
N ASP A 55 -5.95 12.87 1.55
CA ASP A 55 -5.50 14.21 1.92
C ASP A 55 -5.30 15.05 0.67
N SER A 56 -5.81 16.27 0.69
CA SER A 56 -5.68 17.19 -0.43
C SER A 56 -4.23 17.60 -0.62
N ASN A 57 -3.42 17.42 0.41
CA ASN A 57 -2.01 17.70 0.35
C ASN A 57 -1.24 16.40 0.54
N PRO A 58 -1.10 15.62 -0.54
CA PRO A 58 -0.47 14.33 -0.48
C PRO A 58 1.05 14.40 -0.47
N THR A 59 1.61 14.61 0.70
CA THR A 59 3.04 14.57 0.88
C THR A 59 3.46 13.11 1.02
N CYS A 60 3.07 12.33 0.03
CA CYS A 60 3.24 10.89 -0.02
C CYS A 60 2.22 10.24 0.94
N GLY A 61 1.43 11.10 1.62
CA GLY A 61 0.42 10.63 2.58
C GLY A 61 1.02 10.07 3.87
N ASN A 62 2.17 9.45 3.74
CA ASN A 62 2.89 8.85 4.85
C ASN A 62 4.37 9.13 4.68
N ASN A 63 5.12 9.06 5.77
CA ASN A 63 6.58 9.30 5.75
C ASN A 63 7.26 8.58 4.58
N ASN A 64 6.82 7.37 4.29
CA ASN A 64 7.36 6.61 3.16
C ASN A 64 6.26 6.38 2.13
N GLY A 65 5.25 7.21 2.19
CA GLY A 65 4.13 7.12 1.29
C GLY A 65 3.13 6.09 1.71
N GLY A 66 3.60 5.06 2.36
CA GLY A 66 2.74 3.97 2.72
C GLY A 66 3.26 2.73 2.10
N CYS A 67 4.17 2.92 1.19
CA CYS A 67 4.85 1.87 0.49
C CYS A 67 5.68 1.03 1.44
N ASP A 68 5.99 -0.19 1.01
CA ASP A 68 6.82 -1.12 1.75
C ASP A 68 8.09 -0.44 2.26
N PRO A 69 8.55 -0.84 3.46
CA PRO A 69 9.77 -0.31 4.12
C PRO A 69 10.95 -0.08 3.16
N THR A 70 11.15 -0.97 2.20
CA THR A 70 12.28 -0.85 1.29
C THR A 70 11.89 -0.19 -0.05
N ALA A 71 10.62 0.16 -0.20
CA ALA A 71 10.16 0.84 -1.39
C ALA A 71 10.56 2.33 -1.33
N GLY A 72 10.65 2.97 -2.48
CA GLY A 72 11.10 4.35 -2.52
C GLY A 72 9.99 5.35 -2.79
N CYS A 73 9.70 6.21 -1.83
CA CYS A 73 8.68 7.25 -1.98
C CYS A 73 9.26 8.49 -2.66
N GLN A 74 8.60 8.97 -3.71
CA GLN A 74 9.03 10.18 -4.41
C GLN A 74 7.82 11.06 -4.73
N THR A 75 7.91 12.32 -4.40
CA THR A 75 6.83 13.25 -4.62
C THR A 75 7.14 14.17 -5.82
N ALA A 76 6.39 13.98 -6.90
CA ALA A 76 6.57 14.80 -8.09
C ALA A 76 5.23 15.29 -8.59
N GLU A 77 5.05 16.59 -8.59
CA GLU A 77 3.80 17.22 -8.96
C GLU A 77 3.68 17.33 -10.47
N ASN A 78 4.81 17.43 -11.16
CA ASN A 78 4.81 17.52 -12.62
C ASN A 78 4.78 16.14 -13.24
N ARG A 79 4.71 15.14 -12.40
CA ARG A 79 4.65 13.76 -12.83
C ARG A 79 3.37 13.13 -12.32
N GLU A 80 2.32 13.95 -12.25
CA GLU A 80 1.03 13.52 -11.75
C GLU A 80 0.36 12.51 -12.68
N ASN A 81 0.94 12.37 -13.85
CA ASN A 81 0.46 11.39 -14.83
C ASN A 81 0.53 9.98 -14.25
N SER A 82 1.59 9.72 -13.49
CA SER A 82 1.77 8.43 -12.86
C SER A 82 0.80 8.29 -11.69
N LYS A 83 0.43 9.44 -11.11
CA LYS A 83 -0.50 9.51 -9.96
C LYS A 83 -0.43 10.88 -9.34
N LYS A 84 0.68 11.09 -8.66
CA LYS A 84 1.01 12.30 -7.90
C LYS A 84 2.15 11.93 -7.00
N ILE A 85 2.09 10.68 -6.55
CA ILE A 85 3.13 10.08 -5.76
C ILE A 85 3.77 8.99 -6.59
N ILE A 86 5.05 9.10 -6.78
CA ILE A 86 5.77 8.11 -7.55
C ILE A 86 6.52 7.22 -6.58
N CYS A 87 6.04 6.02 -6.41
CA CYS A 87 6.69 5.12 -5.51
C CYS A 87 7.43 4.05 -6.29
N THR A 88 8.60 3.73 -5.81
CA THR A 88 9.45 2.78 -6.47
C THR A 88 9.14 1.36 -6.00
N CYS A 89 8.74 0.53 -6.95
CA CYS A 89 8.47 -0.87 -6.69
C CYS A 89 9.76 -1.57 -6.24
N LYS A 90 9.63 -2.73 -5.66
CA LYS A 90 10.78 -3.42 -5.12
C LYS A 90 11.45 -4.26 -6.22
N GLU A 91 12.47 -5.04 -5.84
CA GLU A 91 13.22 -5.88 -6.77
C GLU A 91 12.31 -6.76 -7.64
N PRO A 92 12.83 -7.24 -8.81
CA PRO A 92 12.08 -7.94 -9.88
C PRO A 92 10.84 -8.70 -9.46
N THR A 93 9.74 -7.97 -9.37
CA THR A 93 8.44 -8.52 -9.05
C THR A 93 7.34 -7.65 -9.66
N PRO A 94 6.86 -8.01 -10.86
CA PRO A 94 5.84 -7.23 -11.58
C PRO A 94 4.44 -7.30 -10.94
N ASN A 95 4.30 -8.05 -9.86
CA ASN A 95 3.02 -8.15 -9.17
C ASN A 95 2.84 -7.03 -8.17
N ALA A 96 2.05 -6.02 -8.55
CA ALA A 96 1.78 -4.88 -7.68
C ALA A 96 0.56 -5.14 -6.82
N TYR A 97 0.75 -5.13 -5.52
CA TYR A 97 -0.33 -5.35 -4.58
C TYR A 97 -0.56 -4.14 -3.73
N TYR A 98 -1.74 -4.06 -3.11
CA TYR A 98 -2.09 -2.97 -2.20
C TYR A 98 -1.97 -1.61 -2.87
N ASP A 99 -2.33 -1.56 -4.16
CA ASP A 99 -2.33 -0.32 -4.94
C ASP A 99 -0.90 0.17 -5.19
N GLY A 100 0.06 -0.75 -5.20
CA GLY A 100 1.44 -0.39 -5.45
C GLY A 100 2.26 -0.32 -4.18
N VAL A 101 1.59 -0.44 -3.05
CA VAL A 101 2.25 -0.39 -1.74
C VAL A 101 3.20 -1.58 -1.57
N PHE A 102 2.88 -2.69 -2.20
CA PHE A 102 3.65 -3.90 -2.07
C PHE A 102 3.91 -4.50 -3.44
N CYS A 103 5.03 -5.15 -3.57
CA CYS A 103 5.42 -5.77 -4.81
C CYS A 103 5.82 -7.22 -4.55
N GLY A 104 5.36 -8.13 -5.39
CA GLY A 104 5.71 -9.53 -5.26
C GLY A 104 5.07 -10.18 -4.06
N MET A 1 -1.17 -24.06 9.38
CA MET A 1 0.01 -24.98 9.35
C MET A 1 0.86 -24.73 8.11
N ASN A 2 0.63 -23.59 7.47
CA ASN A 2 1.37 -23.21 6.28
C ASN A 2 1.92 -21.81 6.43
N MET A 3 3.20 -21.64 6.09
CA MET A 3 3.85 -20.34 6.21
C MET A 3 3.53 -19.47 5.01
N ASP A 4 3.65 -18.16 5.19
CA ASP A 4 3.34 -17.22 4.14
C ASP A 4 4.57 -16.88 3.31
N SER A 5 4.35 -16.70 2.03
CA SER A 5 5.41 -16.38 1.08
C SER A 5 4.80 -15.59 -0.06
N MET A 6 4.97 -14.30 -0.03
CA MET A 6 4.39 -13.42 -1.04
C MET A 6 5.37 -13.09 -2.15
N ASP A 7 5.35 -13.89 -3.20
CA ASP A 7 6.20 -13.67 -4.37
C ASP A 7 5.75 -14.54 -5.54
N LEU A 8 4.88 -13.97 -6.39
CA LEU A 8 4.33 -14.66 -7.57
C LEU A 8 3.59 -15.93 -7.18
N LEU A 9 2.36 -15.77 -6.75
CA LEU A 9 1.54 -16.89 -6.33
C LEU A 9 0.43 -17.17 -7.30
N GLY A 10 -0.65 -16.40 -7.21
CA GLY A 10 -1.81 -16.64 -8.04
C GLY A 10 -2.63 -17.78 -7.51
N ILE A 11 -2.46 -18.04 -6.21
CA ILE A 11 -3.15 -19.12 -5.54
C ILE A 11 -4.41 -18.61 -4.87
N ASP A 12 -5.26 -19.54 -4.45
CA ASP A 12 -6.46 -19.22 -3.69
C ASP A 12 -6.09 -18.40 -2.45
N PRO A 13 -7.00 -17.51 -2.00
CA PRO A 13 -6.77 -16.60 -0.86
C PRO A 13 -6.51 -17.30 0.49
N LYS A 14 -5.43 -18.05 0.55
CA LYS A 14 -5.02 -18.73 1.77
C LYS A 14 -4.31 -17.78 2.72
N HIS A 15 -3.62 -16.80 2.17
CA HIS A 15 -2.83 -15.88 2.98
C HIS A 15 -3.32 -14.45 2.86
N VAL A 16 -4.51 -14.27 2.33
CA VAL A 16 -5.10 -12.95 2.22
C VAL A 16 -5.45 -12.43 3.61
N CYS A 17 -5.28 -11.14 3.82
CA CYS A 17 -5.58 -10.55 5.11
C CYS A 17 -7.07 -10.65 5.43
N ILE A 18 -7.37 -10.92 6.68
CA ILE A 18 -8.74 -11.03 7.14
C ILE A 18 -9.39 -9.65 7.19
N ASN A 19 -10.70 -9.60 7.10
CA ASN A 19 -11.40 -8.33 7.20
C ASN A 19 -11.19 -7.77 8.60
N THR A 20 -10.38 -6.74 8.69
CA THR A 20 -10.01 -6.17 9.96
C THR A 20 -10.77 -4.86 10.24
N ARG A 21 -11.13 -4.69 11.49
CA ARG A 21 -11.81 -3.50 11.94
C ARG A 21 -10.82 -2.58 12.65
N ASP A 22 -9.71 -3.16 13.09
CA ASP A 22 -8.68 -2.41 13.79
C ASP A 22 -7.92 -1.53 12.83
N ILE A 23 -7.44 -2.13 11.75
CA ILE A 23 -6.71 -1.40 10.74
C ILE A 23 -7.68 -0.57 9.91
N PRO A 24 -7.36 0.71 9.69
CA PRO A 24 -8.18 1.61 8.89
C PRO A 24 -8.42 1.04 7.49
N ALA A 25 -9.60 1.29 6.96
CA ALA A 25 -9.94 0.79 5.63
C ALA A 25 -8.99 1.35 4.60
N ASN A 26 -8.71 0.54 3.58
CA ASN A 26 -7.81 0.91 2.49
C ASN A 26 -6.37 1.01 2.98
N ALA A 27 -6.01 0.09 3.85
CA ALA A 27 -4.66 -0.02 4.38
C ALA A 27 -4.23 -1.47 4.40
N GLY A 28 -2.96 -1.72 4.17
CA GLY A 28 -2.45 -3.07 4.17
C GLY A 28 -2.28 -3.61 5.57
N CYS A 29 -3.04 -4.62 5.91
CA CYS A 29 -2.99 -5.23 7.22
C CYS A 29 -2.10 -6.47 7.23
N PHE A 30 -0.94 -6.37 7.86
CA PHE A 30 -0.03 -7.49 7.93
C PHE A 30 0.14 -7.99 9.35
N ARG A 31 -0.14 -9.28 9.54
CA ARG A 31 -0.01 -9.90 10.84
C ARG A 31 1.18 -10.82 10.87
N TYR A 32 2.17 -10.46 11.66
CA TYR A 32 3.35 -11.28 11.80
C TYR A 32 3.08 -12.42 12.78
N ASP A 33 3.69 -13.56 12.53
CA ASP A 33 3.50 -14.75 13.36
C ASP A 33 3.89 -14.51 14.81
N ASN A 34 4.81 -13.57 15.01
CA ASN A 34 5.27 -13.23 16.35
C ASN A 34 4.21 -12.41 17.10
N GLY A 35 3.19 -11.94 16.39
CA GLY A 35 2.15 -11.15 17.00
C GLY A 35 2.30 -9.67 16.71
N ASN A 36 3.28 -9.33 15.89
CA ASN A 36 3.52 -7.94 15.53
C ASN A 36 2.49 -7.47 14.52
N GLU A 37 1.89 -6.32 14.80
CA GLU A 37 0.90 -5.76 13.91
C GLU A 37 1.47 -4.54 13.19
N GLU A 38 1.27 -4.48 11.90
CA GLU A 38 1.76 -3.38 11.09
C GLU A 38 0.79 -3.13 9.95
N TRP A 39 0.63 -1.87 9.59
CA TRP A 39 -0.27 -1.51 8.52
C TRP A 39 0.39 -0.55 7.56
N ARG A 40 0.13 -0.74 6.30
CA ARG A 40 0.70 0.12 5.28
C ARG A 40 -0.39 0.91 4.63
N CYS A 41 -0.34 2.21 4.80
CA CYS A 41 -1.35 3.09 4.23
C CYS A 41 -1.15 3.19 2.72
N LEU A 42 -2.24 3.18 1.98
CA LEU A 42 -2.18 3.24 0.53
C LEU A 42 -1.78 4.63 0.05
N LEU A 43 -1.19 4.69 -1.14
CA LEU A 43 -0.74 5.94 -1.71
C LEU A 43 -1.92 6.84 -2.00
N GLY A 44 -1.79 8.09 -1.63
CA GLY A 44 -2.86 9.04 -1.82
C GLY A 44 -3.63 9.25 -0.53
N TYR A 45 -3.44 8.33 0.40
CA TYR A 45 -4.08 8.43 1.69
C TYR A 45 -3.12 8.99 2.70
N LYS A 46 -3.66 9.53 3.78
CA LYS A 46 -2.86 10.17 4.79
C LYS A 46 -3.29 9.75 6.19
N LYS A 47 -2.38 9.91 7.14
CA LYS A 47 -2.64 9.57 8.53
C LYS A 47 -3.35 10.73 9.27
N ASN A 48 -4.61 10.51 9.56
CA ASN A 48 -5.41 11.48 10.30
C ASN A 48 -6.51 10.76 11.02
N ASN A 49 -6.77 11.17 12.26
CA ASN A 49 -7.83 10.54 13.06
C ASN A 49 -7.46 9.08 13.36
N ASN A 50 -6.16 8.79 13.30
CA ASN A 50 -5.62 7.44 13.51
C ASN A 50 -6.11 6.50 12.42
N THR A 51 -6.52 7.09 11.31
CA THR A 51 -7.03 6.35 10.18
C THR A 51 -6.44 6.90 8.89
N CYS A 52 -6.63 6.18 7.80
CA CYS A 52 -6.16 6.63 6.50
C CYS A 52 -7.29 7.30 5.73
N ILE A 53 -7.15 8.60 5.54
CA ILE A 53 -8.16 9.35 4.80
C ILE A 53 -7.61 9.73 3.43
N GLU A 54 -8.49 10.05 2.52
CA GLU A 54 -8.09 10.47 1.20
C GLU A 54 -7.63 11.93 1.27
N ASP A 55 -6.38 12.18 0.93
CA ASP A 55 -5.82 13.52 1.04
C ASP A 55 -5.67 14.16 -0.34
N SER A 56 -6.10 15.41 -0.45
CA SER A 56 -6.02 16.14 -1.69
C SER A 56 -4.64 16.78 -1.85
N ASN A 57 -3.89 16.85 -0.75
CA ASN A 57 -2.54 17.38 -0.75
C ASN A 57 -1.62 16.42 0.00
N PRO A 58 -1.40 15.22 -0.58
CA PRO A 58 -0.65 14.17 0.07
C PRO A 58 0.85 14.38 0.05
N THR A 59 1.43 14.64 1.20
CA THR A 59 2.87 14.72 1.34
C THR A 59 3.40 13.29 1.51
N CYS A 60 2.99 12.45 0.57
CA CYS A 60 3.26 11.02 0.55
C CYS A 60 2.35 10.31 1.55
N GLY A 61 1.51 11.11 2.25
CA GLY A 61 0.52 10.59 3.20
C GLY A 61 1.13 9.94 4.44
N ASN A 62 2.24 9.29 4.25
CA ASN A 62 2.92 8.58 5.30
C ASN A 62 4.41 8.86 5.20
N ASN A 63 5.10 8.71 6.32
CA ASN A 63 6.57 8.90 6.40
C ASN A 63 7.28 8.25 5.22
N ASN A 64 6.83 7.08 4.83
CA ASN A 64 7.42 6.35 3.70
C ASN A 64 6.38 6.15 2.60
N GLY A 65 5.37 7.02 2.62
CA GLY A 65 4.30 6.96 1.63
C GLY A 65 3.32 5.84 1.88
N GLY A 66 3.57 5.06 2.90
CA GLY A 66 2.72 3.94 3.20
C GLY A 66 3.22 2.70 2.52
N CYS A 67 4.14 2.90 1.60
CA CYS A 67 4.77 1.82 0.87
C CYS A 67 5.57 0.94 1.83
N ASP A 68 5.78 -0.30 1.44
CA ASP A 68 6.58 -1.25 2.22
C ASP A 68 7.96 -0.65 2.49
N PRO A 69 8.57 -0.97 3.64
CA PRO A 69 9.92 -0.53 4.02
C PRO A 69 10.95 -0.66 2.87
N THR A 70 10.76 -1.62 1.97
CA THR A 70 11.69 -1.82 0.87
C THR A 70 11.40 -0.85 -0.30
N ALA A 71 10.19 -0.32 -0.34
CA ALA A 71 9.79 0.60 -1.38
C ALA A 71 10.17 2.03 -1.01
N GLY A 72 10.30 2.87 -2.01
CA GLY A 72 10.73 4.24 -1.79
C GLY A 72 9.64 5.25 -2.08
N CYS A 73 9.58 6.29 -1.28
CA CYS A 73 8.60 7.35 -1.48
C CYS A 73 9.20 8.47 -2.33
N GLN A 74 8.49 8.87 -3.37
CA GLN A 74 8.93 9.97 -4.21
C GLN A 74 7.76 10.93 -4.43
N THR A 75 7.96 12.17 -4.09
CA THR A 75 6.93 13.17 -4.25
C THR A 75 7.27 14.12 -5.39
N ALA A 76 6.41 14.17 -6.38
CA ALA A 76 6.63 15.01 -7.55
C ALA A 76 5.38 15.81 -7.88
N GLU A 77 5.57 16.91 -8.58
CA GLU A 77 4.46 17.76 -8.97
C GLU A 77 4.14 17.55 -10.45
N ASN A 78 5.17 17.32 -11.25
CA ASN A 78 5.02 17.13 -12.68
C ASN A 78 4.58 15.71 -13.02
N ARG A 79 5.06 14.76 -12.22
CA ARG A 79 4.74 13.34 -12.42
C ARG A 79 3.33 12.99 -11.95
N GLU A 80 2.50 14.00 -11.78
CA GLU A 80 1.14 13.80 -11.28
C GLU A 80 0.27 13.04 -12.28
N ASN A 81 0.79 12.85 -13.48
CA ASN A 81 0.08 12.13 -14.52
C ASN A 81 -0.04 10.66 -14.15
N SER A 82 0.93 10.16 -13.39
CA SER A 82 0.92 8.79 -12.94
C SER A 82 0.25 8.73 -11.58
N LYS A 83 0.35 9.86 -10.85
CA LYS A 83 -0.25 10.07 -9.52
C LYS A 83 0.51 11.19 -8.85
N LYS A 84 -0.04 11.74 -7.78
CA LYS A 84 0.64 12.77 -7.03
C LYS A 84 1.83 12.17 -6.28
N ILE A 85 1.71 10.90 -5.95
CA ILE A 85 2.76 10.19 -5.25
C ILE A 85 3.32 9.10 -6.11
N ILE A 86 4.62 9.10 -6.26
CA ILE A 86 5.29 8.11 -7.04
C ILE A 86 6.10 7.21 -6.11
N CYS A 87 5.63 6.01 -5.92
CA CYS A 87 6.35 5.11 -5.05
C CYS A 87 7.27 4.23 -5.87
N THR A 88 8.41 3.93 -5.31
CA THR A 88 9.39 3.14 -6.00
C THR A 88 9.12 1.65 -5.80
N CYS A 89 8.65 1.04 -6.87
CA CYS A 89 8.38 -0.38 -6.90
C CYS A 89 9.69 -1.16 -6.77
N LYS A 90 9.60 -2.42 -6.48
CA LYS A 90 10.77 -3.24 -6.27
C LYS A 90 11.29 -3.76 -7.59
N GLU A 91 12.40 -4.50 -7.53
CA GLU A 91 13.03 -5.06 -8.71
C GLU A 91 12.03 -5.86 -9.53
N PRO A 92 12.31 -6.05 -10.85
CA PRO A 92 11.40 -6.66 -11.86
C PRO A 92 10.40 -7.68 -11.33
N THR A 93 9.31 -7.16 -10.78
CA THR A 93 8.22 -7.95 -10.27
C THR A 93 6.93 -7.16 -10.39
N PRO A 94 6.17 -7.39 -11.48
CA PRO A 94 4.92 -6.67 -11.74
C PRO A 94 3.76 -7.19 -10.87
N ASN A 95 4.09 -7.83 -9.77
CA ASN A 95 3.09 -8.34 -8.85
C ASN A 95 2.75 -7.29 -7.83
N ALA A 96 1.67 -6.58 -8.08
CA ALA A 96 1.24 -5.53 -7.19
C ALA A 96 0.36 -6.08 -6.09
N TYR A 97 0.91 -6.16 -4.91
CA TYR A 97 0.16 -6.59 -3.76
C TYR A 97 -0.30 -5.39 -2.98
N TYR A 98 -1.54 -5.42 -2.52
CA TYR A 98 -2.10 -4.33 -1.73
C TYR A 98 -2.06 -3.01 -2.51
N ASP A 99 -2.55 -3.07 -3.74
CA ASP A 99 -2.65 -1.91 -4.65
C ASP A 99 -1.27 -1.38 -5.06
N GLY A 100 -0.26 -2.21 -4.93
CA GLY A 100 1.07 -1.80 -5.34
C GLY A 100 1.93 -1.38 -4.18
N VAL A 101 1.37 -1.46 -2.98
CA VAL A 101 2.11 -1.12 -1.76
C VAL A 101 3.31 -2.05 -1.57
N PHE A 102 3.21 -3.24 -2.14
CA PHE A 102 4.24 -4.23 -2.06
C PHE A 102 4.44 -4.85 -3.44
N CYS A 103 5.67 -4.87 -3.90
CA CYS A 103 5.99 -5.36 -5.23
C CYS A 103 6.71 -6.70 -5.16
N GLY A 104 6.06 -7.75 -5.63
CA GLY A 104 6.67 -9.08 -5.65
C GLY A 104 6.71 -9.74 -4.28
N MET A 1 10.72 -8.47 -17.15
CA MET A 1 10.47 -8.81 -15.72
C MET A 1 10.25 -7.55 -14.88
N ASN A 2 10.89 -6.45 -15.29
CA ASN A 2 10.73 -5.17 -14.59
C ASN A 2 9.68 -4.32 -15.29
N MET A 3 8.44 -4.78 -15.21
CA MET A 3 7.33 -4.10 -15.88
C MET A 3 6.02 -4.69 -15.38
N ASP A 4 4.93 -3.97 -15.57
CA ASP A 4 3.62 -4.46 -15.20
C ASP A 4 3.07 -5.31 -16.33
N SER A 5 3.07 -6.61 -16.14
CA SER A 5 2.58 -7.51 -17.14
C SER A 5 1.12 -7.89 -16.87
N MET A 6 0.91 -8.94 -16.09
CA MET A 6 -0.42 -9.37 -15.74
C MET A 6 -0.51 -9.69 -14.27
N ASP A 7 -1.30 -8.92 -13.55
CA ASP A 7 -1.51 -9.17 -12.14
C ASP A 7 -2.72 -10.05 -11.97
N LEU A 8 -2.52 -11.32 -12.19
CA LEU A 8 -3.60 -12.28 -12.12
C LEU A 8 -3.18 -13.50 -11.34
N LEU A 9 -3.85 -13.74 -10.24
CA LEU A 9 -3.65 -14.93 -9.45
C LEU A 9 -4.74 -15.95 -9.77
N GLY A 10 -5.99 -15.45 -9.82
CA GLY A 10 -7.13 -16.30 -10.16
C GLY A 10 -7.32 -17.44 -9.20
N ILE A 11 -7.10 -17.16 -7.93
CA ILE A 11 -7.18 -18.19 -6.91
C ILE A 11 -8.20 -17.83 -5.85
N ASP A 12 -8.59 -18.83 -5.07
CA ASP A 12 -9.47 -18.65 -3.94
C ASP A 12 -8.82 -17.69 -2.96
N PRO A 13 -9.61 -16.94 -2.17
CA PRO A 13 -9.11 -15.92 -1.21
C PRO A 13 -8.12 -16.45 -0.13
N LYS A 14 -7.05 -17.06 -0.59
CA LYS A 14 -5.99 -17.55 0.27
C LYS A 14 -5.02 -16.42 0.59
N HIS A 15 -4.91 -15.48 -0.35
CA HIS A 15 -3.96 -14.38 -0.24
C HIS A 15 -4.62 -13.11 0.31
N VAL A 16 -5.90 -13.19 0.62
CA VAL A 16 -6.62 -12.03 1.12
C VAL A 16 -6.33 -11.81 2.60
N CYS A 17 -6.19 -10.56 3.00
CA CYS A 17 -5.94 -10.22 4.38
C CYS A 17 -7.19 -10.47 5.21
N ILE A 18 -7.00 -10.71 6.50
CA ILE A 18 -8.10 -10.95 7.41
C ILE A 18 -8.83 -9.65 7.72
N ASN A 19 -10.07 -9.77 8.10
CA ASN A 19 -10.87 -8.60 8.43
C ASN A 19 -10.38 -7.97 9.72
N THR A 20 -9.74 -6.83 9.59
CA THR A 20 -9.21 -6.13 10.73
C THR A 20 -10.10 -4.96 11.10
N ARG A 21 -10.19 -4.69 12.39
CA ARG A 21 -10.96 -3.58 12.89
C ARG A 21 -10.04 -2.51 13.45
N ASP A 22 -8.84 -2.93 13.85
CA ASP A 22 -7.87 -2.02 14.43
C ASP A 22 -7.14 -1.24 13.34
N ILE A 23 -6.87 -1.92 12.23
CA ILE A 23 -6.26 -1.26 11.08
C ILE A 23 -7.35 -0.59 10.25
N PRO A 24 -7.14 0.67 9.88
CA PRO A 24 -8.12 1.43 9.08
C PRO A 24 -8.28 0.84 7.68
N ALA A 25 -9.45 1.06 7.08
CA ALA A 25 -9.72 0.59 5.75
C ALA A 25 -8.79 1.27 4.74
N ASN A 26 -8.57 0.62 3.61
CA ASN A 26 -7.67 1.15 2.57
C ASN A 26 -6.24 1.20 3.08
N ALA A 27 -5.89 0.22 3.89
CA ALA A 27 -4.56 0.07 4.41
C ALA A 27 -4.16 -1.39 4.39
N GLY A 28 -2.90 -1.66 4.13
CA GLY A 28 -2.41 -3.01 4.12
C GLY A 28 -2.24 -3.55 5.52
N CYS A 29 -2.91 -4.64 5.82
CA CYS A 29 -2.86 -5.24 7.13
C CYS A 29 -1.90 -6.43 7.16
N PHE A 30 -0.73 -6.23 7.70
CA PHE A 30 0.26 -7.29 7.82
C PHE A 30 0.39 -7.69 9.27
N ARG A 31 0.41 -8.98 9.52
CA ARG A 31 0.51 -9.48 10.88
C ARG A 31 1.75 -10.34 11.06
N TYR A 32 2.47 -10.10 12.13
CA TYR A 32 3.65 -10.89 12.44
C TYR A 32 3.34 -11.89 13.50
N ASP A 33 4.10 -12.98 13.51
CA ASP A 33 3.91 -14.05 14.47
C ASP A 33 4.20 -13.58 15.89
N ASN A 34 4.94 -12.48 15.98
CA ASN A 34 5.29 -11.87 17.27
C ASN A 34 4.12 -11.09 17.84
N GLY A 35 3.09 -10.89 17.02
CA GLY A 35 1.93 -10.14 17.45
C GLY A 35 2.00 -8.70 16.98
N ASN A 36 3.07 -8.37 16.27
CA ASN A 36 3.24 -7.04 15.73
C ASN A 36 2.48 -6.93 14.43
N GLU A 37 1.66 -5.91 14.32
CA GLU A 37 0.91 -5.70 13.11
C GLU A 37 1.38 -4.44 12.40
N GLU A 38 1.49 -4.52 11.11
CA GLU A 38 1.92 -3.41 10.30
C GLU A 38 0.81 -2.97 9.39
N TRP A 39 0.56 -1.68 9.36
CA TRP A 39 -0.45 -1.14 8.51
C TRP A 39 0.15 -0.14 7.55
N ARG A 40 -0.10 -0.33 6.29
CA ARG A 40 0.44 0.55 5.29
C ARG A 40 -0.68 1.26 4.56
N CYS A 41 -0.72 2.57 4.73
CA CYS A 41 -1.75 3.38 4.12
C CYS A 41 -1.52 3.49 2.62
N LEU A 42 -2.58 3.33 1.85
CA LEU A 42 -2.49 3.39 0.41
C LEU A 42 -2.15 4.80 -0.09
N LEU A 43 -1.58 4.88 -1.29
CA LEU A 43 -1.20 6.16 -1.87
C LEU A 43 -2.42 7.01 -2.15
N GLY A 44 -2.31 8.28 -1.85
CA GLY A 44 -3.43 9.19 -2.02
C GLY A 44 -4.18 9.35 -0.71
N TYR A 45 -3.90 8.46 0.21
CA TYR A 45 -4.51 8.49 1.51
C TYR A 45 -3.53 8.99 2.53
N LYS A 46 -4.03 9.66 3.54
CA LYS A 46 -3.21 10.21 4.56
C LYS A 46 -3.76 9.89 5.94
N LYS A 47 -2.86 9.81 6.90
CA LYS A 47 -3.21 9.52 8.28
C LYS A 47 -3.99 10.68 8.90
N ASN A 48 -5.26 10.47 9.11
CA ASN A 48 -6.10 11.49 9.68
C ASN A 48 -7.27 10.84 10.38
N ASN A 49 -7.57 11.30 11.59
CA ASN A 49 -8.65 10.74 12.40
C ASN A 49 -8.36 9.29 12.75
N ASN A 50 -7.06 8.94 12.78
CA ASN A 50 -6.59 7.59 13.08
C ASN A 50 -7.00 6.61 11.98
N THR A 51 -7.32 7.15 10.81
CA THR A 51 -7.73 6.35 9.68
C THR A 51 -7.06 6.85 8.41
N CYS A 52 -7.24 6.10 7.33
CA CYS A 52 -6.72 6.49 6.06
C CYS A 52 -7.80 7.18 5.25
N ILE A 53 -7.64 8.45 5.06
CA ILE A 53 -8.59 9.23 4.31
C ILE A 53 -7.99 9.64 3.00
N GLU A 54 -8.82 9.81 1.98
CA GLU A 54 -8.31 10.30 0.73
C GLU A 54 -8.03 11.78 0.91
N ASP A 55 -6.80 12.18 0.72
CA ASP A 55 -6.42 13.56 0.96
C ASP A 55 -6.13 14.26 -0.34
N SER A 56 -6.68 15.45 -0.50
CA SER A 56 -6.53 16.23 -1.72
C SER A 56 -5.12 16.82 -1.84
N ASN A 57 -4.31 16.65 -0.81
CA ASN A 57 -2.91 17.07 -0.84
C ASN A 57 -2.05 15.93 -0.33
N PRO A 58 -1.78 14.94 -1.18
CA PRO A 58 -1.05 13.74 -0.79
C PRO A 58 0.44 13.97 -0.57
N THR A 59 0.81 14.22 0.67
CA THR A 59 2.21 14.37 1.06
C THR A 59 2.81 12.99 1.34
N CYS A 60 2.48 12.05 0.46
CA CYS A 60 2.87 10.64 0.55
C CYS A 60 2.05 9.93 1.63
N GLY A 61 1.17 10.70 2.29
CA GLY A 61 0.26 10.18 3.33
C GLY A 61 0.96 9.65 4.59
N ASN A 62 2.10 9.06 4.40
CA ASN A 62 2.91 8.49 5.44
C ASN A 62 4.37 8.82 5.17
N ASN A 63 5.21 8.83 6.19
CA ASN A 63 6.65 9.10 6.01
C ASN A 63 7.29 8.11 5.04
N ASN A 64 6.74 6.89 5.01
CA ASN A 64 7.22 5.84 4.12
C ASN A 64 6.39 5.85 2.83
N GLY A 65 5.41 6.74 2.81
CA GLY A 65 4.50 6.86 1.68
C GLY A 65 3.47 5.76 1.67
N GLY A 66 3.36 5.05 2.77
CA GLY A 66 2.43 3.93 2.85
C GLY A 66 3.01 2.71 2.18
N CYS A 67 4.05 2.93 1.42
CA CYS A 67 4.78 1.90 0.73
C CYS A 67 5.52 1.03 1.74
N ASP A 68 5.88 -0.19 1.31
CA ASP A 68 6.68 -1.10 2.13
C ASP A 68 7.90 -0.36 2.68
N PRO A 69 8.34 -0.71 3.90
CA PRO A 69 9.51 -0.11 4.55
C PRO A 69 10.76 -0.07 3.65
N THR A 70 10.86 -1.01 2.73
CA THR A 70 12.01 -1.06 1.86
C THR A 70 11.72 -0.42 0.50
N ALA A 71 10.55 0.20 0.37
CA ALA A 71 10.19 0.92 -0.85
C ALA A 71 10.54 2.41 -0.70
N GLY A 72 10.65 3.11 -1.80
CA GLY A 72 11.06 4.49 -1.76
C GLY A 72 9.95 5.48 -2.06
N CYS A 73 9.63 6.32 -1.09
CA CYS A 73 8.60 7.36 -1.27
C CYS A 73 9.23 8.64 -1.84
N GLN A 74 8.76 9.06 -3.00
CA GLN A 74 9.25 10.27 -3.62
C GLN A 74 8.09 11.21 -3.91
N THR A 75 8.17 12.42 -3.41
CA THR A 75 7.15 13.41 -3.64
C THR A 75 7.64 14.45 -4.62
N ALA A 76 7.07 14.46 -5.81
CA ALA A 76 7.48 15.40 -6.83
C ALA A 76 6.29 16.20 -7.32
N GLU A 77 6.55 17.38 -7.84
CA GLU A 77 5.50 18.24 -8.34
C GLU A 77 5.33 18.07 -9.85
N ASN A 78 6.44 18.06 -10.57
CA ASN A 78 6.41 17.96 -12.03
C ASN A 78 6.04 16.54 -12.48
N ARG A 79 6.38 15.55 -11.66
CA ARG A 79 6.10 14.15 -11.99
C ARG A 79 4.62 13.81 -11.73
N GLU A 80 3.82 14.85 -11.46
CA GLU A 80 2.38 14.69 -11.20
C GLU A 80 1.67 14.13 -12.42
N ASN A 81 2.39 14.06 -13.52
CA ASN A 81 1.90 13.49 -14.76
C ASN A 81 1.55 12.03 -14.57
N SER A 82 2.40 11.32 -13.82
CA SER A 82 2.16 9.91 -13.55
C SER A 82 1.40 9.76 -12.22
N LYS A 83 1.63 10.72 -11.32
CA LYS A 83 0.98 10.79 -10.01
C LYS A 83 1.76 11.76 -9.13
N LYS A 84 1.15 12.19 -8.05
CA LYS A 84 1.83 13.07 -7.12
C LYS A 84 2.90 12.31 -6.34
N ILE A 85 2.65 11.03 -6.14
CA ILE A 85 3.58 10.20 -5.40
C ILE A 85 4.27 9.21 -6.31
N ILE A 86 5.57 9.24 -6.29
CA ILE A 86 6.36 8.31 -7.06
C ILE A 86 7.03 7.35 -6.10
N CYS A 87 6.54 6.14 -6.03
CA CYS A 87 7.11 5.19 -5.11
C CYS A 87 7.90 4.12 -5.84
N THR A 88 8.97 3.68 -5.23
CA THR A 88 9.85 2.71 -5.84
C THR A 88 9.38 1.28 -5.57
N CYS A 89 9.06 0.58 -6.66
CA CYS A 89 8.65 -0.81 -6.60
C CYS A 89 9.85 -1.68 -6.25
N LYS A 90 9.59 -2.90 -5.85
CA LYS A 90 10.63 -3.83 -5.44
C LYS A 90 11.18 -4.60 -6.64
N GLU A 91 12.02 -5.60 -6.35
CA GLU A 91 12.65 -6.43 -7.39
C GLU A 91 11.64 -6.91 -8.42
N PRO A 92 12.11 -7.24 -9.65
CA PRO A 92 11.28 -7.64 -10.80
C PRO A 92 10.15 -8.60 -10.45
N THR A 93 9.01 -8.03 -10.16
CA THR A 93 7.83 -8.76 -9.86
C THR A 93 6.62 -8.00 -10.38
N PRO A 94 6.10 -8.39 -11.55
CA PRO A 94 4.95 -7.73 -12.19
C PRO A 94 3.63 -7.92 -11.43
N ASN A 95 3.72 -8.03 -10.11
CA ASN A 95 2.55 -8.20 -9.28
C ASN A 95 2.59 -7.22 -8.13
N ALA A 96 1.87 -6.14 -8.27
CA ALA A 96 1.80 -5.13 -7.26
C ALA A 96 0.59 -5.38 -6.37
N TYR A 97 0.85 -5.89 -5.21
CA TYR A 97 -0.20 -6.21 -4.28
C TYR A 97 -0.53 -5.02 -3.42
N TYR A 98 -1.75 -4.98 -2.89
CA TYR A 98 -2.21 -3.87 -2.05
C TYR A 98 -2.21 -2.57 -2.86
N ASP A 99 -2.32 -2.73 -4.18
CA ASP A 99 -2.33 -1.62 -5.13
C ASP A 99 -1.00 -0.84 -5.14
N GLY A 100 0.10 -1.56 -5.31
CA GLY A 100 1.40 -0.92 -5.44
C GLY A 100 2.14 -0.73 -4.14
N VAL A 101 1.48 -1.01 -3.03
CA VAL A 101 2.10 -0.86 -1.72
C VAL A 101 3.18 -1.95 -1.51
N PHE A 102 3.03 -3.06 -2.20
CA PHE A 102 3.94 -4.16 -2.06
C PHE A 102 4.10 -4.84 -3.40
N CYS A 103 5.32 -5.00 -3.82
CA CYS A 103 5.62 -5.64 -5.08
C CYS A 103 6.11 -7.05 -4.83
N GLY A 104 5.46 -8.02 -5.46
CA GLY A 104 5.86 -9.41 -5.29
C GLY A 104 5.68 -9.88 -3.86
N MET A 1 -4.41 7.64 -4.88
CA MET A 1 -5.77 7.85 -4.29
C MET A 1 -6.81 6.98 -5.00
N ASN A 2 -6.37 6.32 -6.06
CA ASN A 2 -7.25 5.48 -6.86
C ASN A 2 -6.68 4.09 -7.01
N MET A 3 -7.53 3.15 -7.38
CA MET A 3 -7.12 1.76 -7.59
C MET A 3 -6.71 1.55 -9.04
N ASP A 4 -7.50 2.12 -9.96
CA ASP A 4 -7.29 2.05 -11.42
C ASP A 4 -7.16 0.61 -11.92
N SER A 5 -5.95 0.08 -11.94
CA SER A 5 -5.69 -1.25 -12.44
C SER A 5 -4.53 -1.90 -11.68
N MET A 6 -4.50 -1.67 -10.38
CA MET A 6 -3.45 -2.23 -9.54
C MET A 6 -3.85 -3.59 -8.98
N ASP A 7 -4.81 -4.23 -9.63
CA ASP A 7 -5.26 -5.54 -9.22
C ASP A 7 -5.11 -6.50 -10.36
N LEU A 8 -3.96 -7.15 -10.41
CA LEU A 8 -3.67 -8.11 -11.47
C LEU A 8 -3.86 -9.52 -10.96
N LEU A 9 -4.69 -9.66 -9.95
CA LEU A 9 -4.93 -10.95 -9.33
C LEU A 9 -6.25 -11.55 -9.76
N GLY A 10 -7.32 -11.19 -9.05
CA GLY A 10 -8.61 -11.78 -9.32
C GLY A 10 -8.63 -13.24 -8.90
N ILE A 11 -7.63 -13.60 -8.11
CA ILE A 11 -7.46 -14.96 -7.64
C ILE A 11 -8.20 -15.17 -6.33
N ASP A 12 -8.34 -16.43 -5.95
CA ASP A 12 -8.91 -16.78 -4.66
C ASP A 12 -8.18 -16.04 -3.56
N PRO A 13 -8.86 -15.70 -2.46
CA PRO A 13 -8.29 -14.94 -1.32
C PRO A 13 -7.13 -15.69 -0.60
N LYS A 14 -6.09 -15.98 -1.34
CA LYS A 14 -4.93 -16.69 -0.83
C LYS A 14 -3.99 -15.75 -0.08
N HIS A 15 -3.94 -14.49 -0.51
CA HIS A 15 -3.06 -13.52 0.12
C HIS A 15 -3.87 -12.36 0.72
N VAL A 16 -5.15 -12.62 0.94
CA VAL A 16 -6.03 -11.59 1.48
C VAL A 16 -5.86 -11.47 2.99
N CYS A 17 -6.13 -10.31 3.52
CA CYS A 17 -6.04 -10.08 4.94
C CYS A 17 -7.33 -10.51 5.62
N ILE A 18 -7.20 -10.88 6.88
CA ILE A 18 -8.34 -11.27 7.68
C ILE A 18 -9.19 -10.05 8.03
N ASN A 19 -10.44 -10.28 8.35
CA ASN A 19 -11.32 -9.17 8.69
C ASN A 19 -10.85 -8.54 9.99
N THR A 20 -10.29 -7.37 9.88
CA THR A 20 -9.78 -6.65 11.02
C THR A 20 -10.71 -5.51 11.42
N ARG A 21 -10.69 -5.17 12.70
CA ARG A 21 -11.44 -4.04 13.20
C ARG A 21 -10.48 -2.93 13.62
N ASP A 22 -9.23 -3.27 13.65
CA ASP A 22 -8.18 -2.35 14.07
C ASP A 22 -7.74 -1.46 12.93
N ILE A 23 -7.43 -2.07 11.80
CA ILE A 23 -6.98 -1.34 10.63
C ILE A 23 -8.16 -0.67 9.91
N PRO A 24 -8.02 0.62 9.57
CA PRO A 24 -9.05 1.37 8.85
C PRO A 24 -9.18 0.94 7.39
N ALA A 25 -10.06 1.60 6.66
CA ALA A 25 -10.26 1.29 5.26
C ALA A 25 -9.13 1.86 4.43
N ASN A 26 -8.90 1.25 3.27
CA ASN A 26 -7.88 1.68 2.33
C ASN A 26 -6.49 1.54 2.93
N ALA A 27 -6.30 0.49 3.71
CA ALA A 27 -5.03 0.20 4.33
C ALA A 27 -4.83 -1.31 4.45
N GLY A 28 -3.62 -1.75 4.22
CA GLY A 28 -3.31 -3.16 4.27
C GLY A 28 -2.95 -3.61 5.67
N CYS A 29 -3.55 -4.70 6.10
CA CYS A 29 -3.31 -5.27 7.41
C CYS A 29 -2.45 -6.53 7.33
N PHE A 30 -1.26 -6.45 7.86
CA PHE A 30 -0.37 -7.61 7.89
C PHE A 30 -0.15 -8.03 9.33
N ARG A 31 -0.62 -9.20 9.67
CA ARG A 31 -0.52 -9.70 11.01
C ARG A 31 0.54 -10.77 11.12
N TYR A 32 1.47 -10.59 12.03
CA TYR A 32 2.53 -11.56 12.25
C TYR A 32 2.17 -12.47 13.40
N ASP A 33 2.54 -13.73 13.28
CA ASP A 33 2.26 -14.71 14.32
C ASP A 33 3.09 -14.43 15.55
N ASN A 34 4.17 -13.68 15.34
CA ASN A 34 5.07 -13.32 16.43
C ASN A 34 4.47 -12.21 17.29
N GLY A 35 3.37 -11.63 16.83
CA GLY A 35 2.72 -10.58 17.59
C GLY A 35 2.95 -9.19 17.00
N ASN A 36 3.75 -9.13 15.96
CA ASN A 36 4.06 -7.87 15.30
C ASN A 36 2.95 -7.47 14.34
N GLU A 37 2.48 -6.25 14.44
CA GLU A 37 1.42 -5.77 13.57
C GLU A 37 1.97 -4.77 12.57
N GLU A 38 1.77 -5.04 11.30
CA GLU A 38 2.24 -4.16 10.24
C GLU A 38 1.08 -3.57 9.48
N TRP A 39 1.07 -2.26 9.37
CA TRP A 39 -0.02 -1.57 8.71
C TRP A 39 0.51 -0.70 7.59
N ARG A 40 0.01 -0.91 6.40
CA ARG A 40 0.40 -0.09 5.26
C ARG A 40 -0.79 0.69 4.74
N CYS A 41 -0.73 1.99 4.85
CA CYS A 41 -1.80 2.84 4.35
C CYS A 41 -1.59 3.07 2.85
N LEU A 42 -2.67 3.09 2.10
CA LEU A 42 -2.58 3.27 0.65
C LEU A 42 -2.08 4.66 0.28
N LEU A 43 -1.44 4.75 -0.87
CA LEU A 43 -0.88 6.00 -1.34
C LEU A 43 -1.96 7.02 -1.64
N GLY A 44 -1.69 8.26 -1.29
CA GLY A 44 -2.64 9.32 -1.49
C GLY A 44 -3.48 9.54 -0.27
N TYR A 45 -3.38 8.61 0.66
CA TYR A 45 -4.11 8.70 1.90
C TYR A 45 -3.21 9.16 3.02
N LYS A 46 -3.77 9.93 3.92
CA LYS A 46 -3.03 10.47 5.03
C LYS A 46 -3.62 10.02 6.35
N LYS A 47 -2.77 9.93 7.37
CA LYS A 47 -3.16 9.50 8.70
C LYS A 47 -4.01 10.55 9.42
N ASN A 48 -5.28 10.26 9.58
CA ASN A 48 -6.19 11.14 10.28
C ASN A 48 -7.09 10.34 11.19
N ASN A 49 -7.02 10.62 12.49
CA ASN A 49 -7.85 9.92 13.49
C ASN A 49 -7.59 8.43 13.46
N ASN A 50 -6.35 8.06 13.08
CA ASN A 50 -5.92 6.67 12.99
C ASN A 50 -6.58 5.95 11.81
N THR A 51 -7.29 6.70 11.00
CA THR A 51 -7.94 6.16 9.82
C THR A 51 -7.30 6.75 8.56
N CYS A 52 -7.28 6.00 7.48
CA CYS A 52 -6.73 6.47 6.24
C CYS A 52 -7.76 7.32 5.50
N ILE A 53 -7.46 8.59 5.35
CA ILE A 53 -8.34 9.50 4.63
C ILE A 53 -7.67 9.94 3.34
N GLU A 54 -8.47 10.28 2.35
CA GLU A 54 -7.92 10.78 1.10
C GLU A 54 -7.52 12.23 1.28
N ASP A 55 -6.26 12.54 1.03
CA ASP A 55 -5.76 13.88 1.23
C ASP A 55 -5.66 14.62 -0.10
N SER A 56 -6.16 15.85 -0.12
CA SER A 56 -6.12 16.66 -1.33
C SER A 56 -4.69 17.06 -1.69
N ASN A 57 -3.82 17.06 -0.69
CA ASN A 57 -2.43 17.40 -0.89
C ASN A 57 -1.56 16.25 -0.43
N PRO A 58 -1.40 15.23 -1.29
CA PRO A 58 -0.66 14.03 -0.95
C PRO A 58 0.85 14.21 -0.98
N THR A 59 1.43 14.54 0.15
CA THR A 59 2.87 14.60 0.29
C THR A 59 3.38 13.21 0.66
N CYS A 60 2.93 12.23 -0.14
CA CYS A 60 3.16 10.80 0.08
C CYS A 60 2.23 10.28 1.19
N GLY A 61 1.42 11.21 1.76
CA GLY A 61 0.44 10.87 2.81
C GLY A 61 1.06 10.37 4.12
N ASN A 62 2.12 9.63 4.01
CA ASN A 62 2.83 9.06 5.12
C ASN A 62 4.31 9.21 4.86
N ASN A 63 5.13 9.20 5.91
CA ASN A 63 6.58 9.34 5.77
C ASN A 63 7.15 8.41 4.71
N ASN A 64 6.60 7.20 4.63
CA ASN A 64 7.10 6.23 3.66
C ASN A 64 6.17 6.13 2.45
N GLY A 65 5.29 7.12 2.31
CA GLY A 65 4.37 7.19 1.18
C GLY A 65 3.28 6.15 1.23
N GLY A 66 3.19 5.46 2.33
CA GLY A 66 2.20 4.41 2.48
C GLY A 66 2.73 3.10 1.96
N CYS A 67 3.80 3.20 1.20
CA CYS A 67 4.48 2.05 0.68
C CYS A 67 5.17 1.33 1.81
N ASP A 68 5.43 0.05 1.65
CA ASP A 68 6.14 -0.70 2.65
C ASP A 68 7.52 -0.10 2.86
N PRO A 69 8.07 -0.16 4.09
CA PRO A 69 9.42 0.32 4.41
C PRO A 69 10.48 -0.16 3.41
N THR A 70 10.22 -1.29 2.76
CA THR A 70 11.13 -1.85 1.78
C THR A 70 11.07 -1.07 0.45
N ALA A 71 10.01 -0.30 0.27
CA ALA A 71 9.81 0.51 -0.93
C ALA A 71 10.22 1.97 -0.67
N GLY A 72 10.55 2.68 -1.74
CA GLY A 72 11.01 4.05 -1.61
C GLY A 72 10.00 5.09 -2.07
N CYS A 73 9.56 5.95 -1.15
CA CYS A 73 8.61 7.03 -1.47
C CYS A 73 9.35 8.23 -2.04
N GLN A 74 8.99 8.62 -3.25
CA GLN A 74 9.56 9.79 -3.89
C GLN A 74 8.45 10.77 -4.23
N THR A 75 8.56 11.98 -3.76
CA THR A 75 7.53 12.97 -4.01
C THR A 75 7.99 14.03 -5.00
N ALA A 76 7.23 14.20 -6.06
CA ALA A 76 7.50 15.21 -7.07
C ALA A 76 6.25 16.03 -7.31
N GLU A 77 6.37 17.34 -7.21
CA GLU A 77 5.24 18.23 -7.37
C GLU A 77 4.66 18.16 -8.77
N ASN A 78 5.51 18.29 -9.77
CA ASN A 78 5.05 18.25 -11.14
C ASN A 78 5.19 16.85 -11.73
N ARG A 79 4.37 15.93 -11.23
CA ARG A 79 4.37 14.55 -11.72
C ARG A 79 3.01 13.90 -11.45
N GLU A 80 1.97 14.73 -11.38
CA GLU A 80 0.61 14.25 -11.10
C GLU A 80 0.09 13.35 -12.21
N ASN A 81 0.69 13.49 -13.36
CA ASN A 81 0.32 12.67 -14.52
C ASN A 81 0.64 11.21 -14.27
N SER A 82 1.78 10.95 -13.65
CA SER A 82 2.19 9.59 -13.42
C SER A 82 1.50 9.00 -12.21
N LYS A 83 1.15 9.86 -11.23
CA LYS A 83 0.48 9.44 -9.97
C LYS A 83 0.61 10.53 -8.92
N LYS A 84 1.63 11.37 -9.08
CA LYS A 84 2.02 12.42 -8.12
C LYS A 84 2.98 11.84 -7.10
N ILE A 85 2.66 10.64 -6.63
CA ILE A 85 3.52 9.93 -5.72
C ILE A 85 4.25 8.85 -6.47
N ILE A 86 5.54 9.01 -6.60
CA ILE A 86 6.33 8.04 -7.28
C ILE A 86 6.95 7.12 -6.26
N CYS A 87 6.46 5.93 -6.16
CA CYS A 87 7.01 5.00 -5.22
C CYS A 87 7.90 4.02 -5.94
N THR A 88 8.97 3.66 -5.31
CA THR A 88 9.94 2.79 -5.89
C THR A 88 9.56 1.33 -5.70
N CYS A 89 9.21 0.69 -6.80
CA CYS A 89 8.91 -0.73 -6.80
C CYS A 89 10.18 -1.49 -6.50
N LYS A 90 10.04 -2.74 -6.16
CA LYS A 90 11.17 -3.55 -5.79
C LYS A 90 11.81 -4.16 -7.03
N GLU A 91 12.80 -5.02 -6.82
CA GLU A 91 13.51 -5.69 -7.91
C GLU A 91 12.52 -6.36 -8.87
N PRO A 92 12.94 -6.62 -10.14
CA PRO A 92 12.08 -7.15 -11.22
C PRO A 92 10.99 -8.10 -10.76
N THR A 93 9.84 -7.51 -10.48
CA THR A 93 8.68 -8.24 -10.04
C THR A 93 7.42 -7.57 -10.54
N PRO A 94 6.86 -8.08 -11.64
CA PRO A 94 5.64 -7.53 -12.24
C PRO A 94 4.38 -7.84 -11.42
N ASN A 95 4.52 -7.80 -10.10
CA ASN A 95 3.43 -8.13 -9.21
C ASN A 95 3.18 -7.01 -8.22
N ALA A 96 2.15 -6.23 -8.49
CA ALA A 96 1.76 -5.15 -7.61
C ALA A 96 0.63 -5.62 -6.71
N TYR A 97 0.91 -5.74 -5.44
CA TYR A 97 -0.07 -6.18 -4.47
C TYR A 97 -0.51 -5.03 -3.61
N TYR A 98 -1.71 -5.13 -3.05
CA TYR A 98 -2.25 -4.13 -2.14
C TYR A 98 -2.29 -2.75 -2.79
N ASP A 99 -2.73 -2.75 -4.05
CA ASP A 99 -2.90 -1.52 -4.83
C ASP A 99 -1.58 -0.81 -5.09
N GLY A 100 -0.48 -1.57 -5.10
CA GLY A 100 0.80 -1.00 -5.40
C GLY A 100 1.65 -0.79 -4.18
N VAL A 101 1.06 -0.98 -3.01
CA VAL A 101 1.78 -0.82 -1.75
C VAL A 101 2.90 -1.85 -1.60
N PHE A 102 2.70 -3.02 -2.20
CA PHE A 102 3.67 -4.09 -2.12
C PHE A 102 4.08 -4.55 -3.52
N CYS A 103 5.37 -4.60 -3.78
CA CYS A 103 5.89 -4.96 -5.08
C CYS A 103 6.66 -6.28 -4.98
N GLY A 104 6.14 -7.31 -5.63
CA GLY A 104 6.79 -8.60 -5.62
C GLY A 104 6.90 -9.20 -4.24
N MET A 1 10.01 -6.67 -15.46
CA MET A 1 10.14 -7.26 -14.10
C MET A 1 10.02 -6.19 -13.02
N ASN A 2 10.34 -4.95 -13.38
CA ASN A 2 10.24 -3.84 -12.45
C ASN A 2 8.94 -3.09 -12.69
N MET A 3 8.11 -3.68 -13.53
CA MET A 3 6.82 -3.11 -13.87
C MET A 3 5.74 -4.15 -13.58
N ASP A 4 4.55 -3.69 -13.26
CA ASP A 4 3.46 -4.59 -12.94
C ASP A 4 2.77 -5.10 -14.19
N SER A 5 2.51 -6.39 -14.22
CA SER A 5 1.84 -7.03 -15.32
C SER A 5 0.32 -6.96 -15.14
N MET A 6 -0.17 -7.62 -14.10
CA MET A 6 -1.61 -7.66 -13.82
C MET A 6 -1.87 -7.66 -12.32
N ASP A 7 -3.01 -7.10 -11.93
CA ASP A 7 -3.41 -7.08 -10.52
C ASP A 7 -4.17 -8.35 -10.18
N LEU A 8 -4.19 -9.26 -11.12
CA LEU A 8 -4.94 -10.49 -10.97
C LEU A 8 -4.07 -11.60 -10.45
N LEU A 9 -4.32 -12.02 -9.22
CA LEU A 9 -3.64 -13.16 -8.65
C LEU A 9 -4.39 -14.43 -9.03
N GLY A 10 -5.73 -14.32 -9.06
CA GLY A 10 -6.56 -15.45 -9.43
C GLY A 10 -6.39 -16.63 -8.52
N ILE A 11 -6.15 -16.37 -7.25
CA ILE A 11 -5.96 -17.43 -6.29
C ILE A 11 -6.97 -17.34 -5.17
N ASP A 12 -7.11 -18.41 -4.43
CA ASP A 12 -7.96 -18.43 -3.25
C ASP A 12 -7.34 -17.58 -2.17
N PRO A 13 -8.16 -17.00 -1.28
CA PRO A 13 -7.70 -16.12 -0.17
C PRO A 13 -6.70 -16.80 0.79
N LYS A 14 -5.59 -17.26 0.25
CA LYS A 14 -4.55 -17.95 1.01
C LYS A 14 -3.66 -16.96 1.74
N HIS A 15 -3.44 -15.80 1.14
CA HIS A 15 -2.59 -14.78 1.72
C HIS A 15 -3.36 -13.50 1.98
N VAL A 16 -4.67 -13.62 2.04
CA VAL A 16 -5.51 -12.47 2.28
C VAL A 16 -5.44 -12.07 3.76
N CYS A 17 -5.64 -10.81 4.02
CA CYS A 17 -5.64 -10.33 5.38
C CYS A 17 -6.96 -10.64 6.06
N ILE A 18 -6.90 -10.80 7.36
CA ILE A 18 -8.07 -11.05 8.15
C ILE A 18 -8.83 -9.77 8.42
N ASN A 19 -10.11 -9.90 8.72
CA ASN A 19 -10.91 -8.72 8.98
C ASN A 19 -10.45 -8.06 10.26
N THR A 20 -9.79 -6.93 10.12
CA THR A 20 -9.28 -6.20 11.24
C THR A 20 -10.15 -4.99 11.58
N ARG A 21 -10.21 -4.65 12.85
CA ARG A 21 -10.94 -3.48 13.30
C ARG A 21 -9.96 -2.40 13.73
N ASP A 22 -8.74 -2.82 13.98
CA ASP A 22 -7.69 -1.93 14.44
C ASP A 22 -7.13 -1.14 13.27
N ILE A 23 -6.76 -1.85 12.21
CA ILE A 23 -6.22 -1.21 11.03
C ILE A 23 -7.30 -0.44 10.28
N PRO A 24 -6.98 0.79 9.85
CA PRO A 24 -7.92 1.65 9.11
C PRO A 24 -8.40 1.02 7.81
N ALA A 25 -9.44 1.58 7.23
CA ALA A 25 -9.99 1.07 5.99
C ALA A 25 -9.09 1.45 4.82
N ASN A 26 -9.02 0.54 3.83
CA ASN A 26 -8.23 0.76 2.62
C ASN A 26 -6.74 0.82 2.96
N ALA A 27 -6.35 0.05 3.94
CA ALA A 27 -4.96 -0.06 4.33
C ALA A 27 -4.55 -1.52 4.35
N GLY A 28 -3.34 -1.80 3.91
CA GLY A 28 -2.87 -3.16 3.86
C GLY A 28 -2.46 -3.67 5.23
N CYS A 29 -3.15 -4.69 5.70
CA CYS A 29 -2.87 -5.27 6.99
C CYS A 29 -2.12 -6.59 6.85
N PHE A 30 -0.94 -6.64 7.44
CA PHE A 30 -0.13 -7.85 7.43
C PHE A 30 0.06 -8.32 8.85
N ARG A 31 -0.14 -9.59 9.10
CA ARG A 31 -0.01 -10.11 10.44
C ARG A 31 1.19 -11.02 10.54
N TYR A 32 1.97 -10.82 11.59
CA TYR A 32 3.12 -11.64 11.86
C TYR A 32 2.78 -12.63 12.96
N ASP A 33 3.32 -13.83 12.86
CA ASP A 33 3.06 -14.88 13.84
C ASP A 33 3.61 -14.49 15.21
N ASN A 34 4.50 -13.50 15.21
CA ASN A 34 5.09 -12.98 16.44
C ASN A 34 4.08 -12.12 17.19
N GLY A 35 2.97 -11.80 16.54
CA GLY A 35 1.95 -11.00 17.16
C GLY A 35 2.00 -9.56 16.68
N ASN A 36 2.99 -9.24 15.88
CA ASN A 36 3.13 -7.89 15.35
C ASN A 36 2.25 -7.69 14.16
N GLU A 37 1.53 -6.59 14.14
CA GLU A 37 0.66 -6.26 13.03
C GLU A 37 1.25 -5.11 12.25
N GLU A 38 1.28 -5.25 10.96
CA GLU A 38 1.83 -4.22 10.10
C GLU A 38 0.74 -3.67 9.21
N TRP A 39 0.65 -2.37 9.14
CA TRP A 39 -0.33 -1.75 8.30
C TRP A 39 0.30 -0.73 7.37
N ARG A 40 0.04 -0.90 6.11
CA ARG A 40 0.58 -0.02 5.10
C ARG A 40 -0.54 0.72 4.42
N CYS A 41 -0.54 2.02 4.60
CA CYS A 41 -1.58 2.87 4.03
C CYS A 41 -1.40 2.96 2.52
N LEU A 42 -2.48 3.21 1.82
CA LEU A 42 -2.43 3.34 0.37
C LEU A 42 -2.22 4.78 -0.04
N LEU A 43 -1.68 4.97 -1.23
CA LEU A 43 -1.40 6.30 -1.74
C LEU A 43 -2.69 7.06 -1.97
N GLY A 44 -2.67 8.34 -1.63
CA GLY A 44 -3.85 9.15 -1.76
C GLY A 44 -4.55 9.29 -0.43
N TYR A 45 -4.20 8.40 0.47
CA TYR A 45 -4.75 8.39 1.80
C TYR A 45 -3.78 9.01 2.76
N LYS A 46 -4.28 9.85 3.62
CA LYS A 46 -3.44 10.56 4.54
C LYS A 46 -3.73 10.20 5.99
N LYS A 47 -2.69 10.29 6.80
CA LYS A 47 -2.74 10.03 8.22
C LYS A 47 -3.65 11.03 8.94
N ASN A 48 -4.80 10.58 9.35
CA ASN A 48 -5.74 11.43 10.02
C ASN A 48 -6.46 10.64 11.07
N ASN A 49 -6.16 10.93 12.34
CA ASN A 49 -6.75 10.19 13.47
C ASN A 49 -6.26 8.76 13.45
N ASN A 50 -5.05 8.57 12.90
CA ASN A 50 -4.41 7.25 12.75
C ASN A 50 -5.12 6.41 11.70
N THR A 51 -6.16 6.96 11.10
CA THR A 51 -6.91 6.26 10.09
C THR A 51 -6.65 6.83 8.71
N CYS A 52 -6.61 5.94 7.73
CA CYS A 52 -6.35 6.33 6.36
C CYS A 52 -7.59 6.91 5.72
N ILE A 53 -7.52 8.17 5.37
CA ILE A 53 -8.61 8.85 4.70
C ILE A 53 -8.11 9.37 3.36
N GLU A 54 -8.96 9.38 2.36
CA GLU A 54 -8.56 9.90 1.07
C GLU A 54 -8.46 11.42 1.19
N ASP A 55 -7.29 11.96 0.96
CA ASP A 55 -7.06 13.39 1.15
C ASP A 55 -6.52 14.03 -0.11
N SER A 56 -7.07 15.18 -0.45
CA SER A 56 -6.65 15.92 -1.63
C SER A 56 -5.29 16.60 -1.44
N ASN A 57 -4.72 16.45 -0.25
CA ASN A 57 -3.39 16.95 0.06
C ASN A 57 -2.47 15.76 0.29
N PRO A 58 -2.01 15.14 -0.80
CA PRO A 58 -1.22 13.94 -0.73
C PRO A 58 0.27 14.20 -0.50
N THR A 59 0.63 14.55 0.71
CA THR A 59 2.04 14.70 1.09
C THR A 59 2.61 13.32 1.39
N CYS A 60 2.39 12.42 0.43
CA CYS A 60 2.74 11.00 0.51
C CYS A 60 1.80 10.28 1.48
N GLY A 61 0.87 11.06 2.08
CA GLY A 61 -0.16 10.54 2.98
C GLY A 61 0.37 9.90 4.28
N ASN A 62 1.49 9.25 4.18
CA ASN A 62 2.10 8.56 5.28
C ASN A 62 3.59 8.84 5.30
N ASN A 63 4.20 8.68 6.47
CA ASN A 63 5.65 8.90 6.66
C ASN A 63 6.47 8.19 5.57
N ASN A 64 6.01 7.03 5.13
CA ASN A 64 6.70 6.28 4.09
C ASN A 64 5.80 6.13 2.87
N GLY A 65 4.75 6.96 2.84
CA GLY A 65 3.78 6.90 1.75
C GLY A 65 2.86 5.70 1.86
N GLY A 66 3.04 4.92 2.91
CA GLY A 66 2.28 3.71 3.07
C GLY A 66 2.95 2.57 2.35
N CYS A 67 3.88 2.93 1.49
CA CYS A 67 4.65 2.00 0.71
C CYS A 67 5.60 1.21 1.60
N ASP A 68 6.04 0.05 1.11
CA ASP A 68 6.95 -0.85 1.84
C ASP A 68 8.15 -0.09 2.42
N PRO A 69 8.63 -0.52 3.61
CA PRO A 69 9.80 0.08 4.31
C PRO A 69 10.97 0.40 3.38
N THR A 70 11.29 -0.52 2.47
CA THR A 70 12.41 -0.33 1.58
C THR A 70 11.98 0.29 0.25
N ALA A 71 10.71 0.63 0.14
CA ALA A 71 10.20 1.30 -1.04
C ALA A 71 10.41 2.80 -0.88
N GLY A 72 10.55 3.49 -1.99
CA GLY A 72 10.85 4.89 -1.93
C GLY A 72 9.63 5.78 -2.10
N CYS A 73 9.46 6.72 -1.19
CA CYS A 73 8.38 7.69 -1.26
C CYS A 73 8.90 8.98 -1.85
N GLN A 74 8.48 9.29 -3.06
CA GLN A 74 8.91 10.49 -3.73
C GLN A 74 7.74 11.38 -4.08
N THR A 75 7.80 12.60 -3.63
CA THR A 75 6.77 13.56 -3.92
C THR A 75 7.22 14.45 -5.06
N ALA A 76 6.61 14.28 -6.22
CA ALA A 76 6.99 15.05 -7.37
C ALA A 76 5.81 15.83 -7.91
N GLU A 77 6.07 16.72 -8.84
CA GLU A 77 5.03 17.53 -9.45
C GLU A 77 5.08 17.39 -10.98
N ASN A 78 6.29 17.24 -11.50
CA ASN A 78 6.51 17.09 -12.94
C ASN A 78 6.19 15.65 -13.36
N ARG A 79 6.12 14.75 -12.40
CA ARG A 79 5.85 13.34 -12.68
C ARG A 79 4.40 13.00 -12.36
N GLU A 80 3.54 14.02 -12.30
CA GLU A 80 2.13 13.83 -11.94
C GLU A 80 1.41 12.98 -12.99
N ASN A 81 2.06 12.77 -14.11
CA ASN A 81 1.52 11.92 -15.17
C ASN A 81 1.38 10.49 -14.66
N SER A 82 2.38 10.03 -13.91
CA SER A 82 2.33 8.70 -13.36
C SER A 82 1.61 8.75 -12.01
N LYS A 83 1.74 9.91 -11.32
CA LYS A 83 1.06 10.21 -10.04
C LYS A 83 1.78 11.31 -9.31
N LYS A 84 1.12 11.89 -8.33
CA LYS A 84 1.72 12.90 -7.49
C LYS A 84 2.77 12.25 -6.59
N ILE A 85 2.53 10.99 -6.25
CA ILE A 85 3.43 10.24 -5.41
C ILE A 85 4.09 9.15 -6.23
N ILE A 86 5.39 9.15 -6.22
CA ILE A 86 6.14 8.14 -6.93
C ILE A 86 6.78 7.19 -5.94
N CYS A 87 6.25 5.99 -5.86
CA CYS A 87 6.80 4.99 -4.98
C CYS A 87 7.62 3.99 -5.77
N THR A 88 8.70 3.55 -5.17
CA THR A 88 9.60 2.63 -5.82
C THR A 88 9.15 1.18 -5.63
N CYS A 89 8.84 0.52 -6.74
CA CYS A 89 8.46 -0.89 -6.74
C CYS A 89 9.64 -1.73 -6.22
N LYS A 90 9.37 -2.96 -5.86
CA LYS A 90 10.37 -3.82 -5.27
C LYS A 90 11.19 -4.52 -6.35
N GLU A 91 12.06 -5.41 -5.91
CA GLU A 91 12.89 -6.22 -6.79
C GLU A 91 12.03 -6.96 -7.82
N PRO A 92 12.64 -7.39 -8.96
CA PRO A 92 11.94 -8.05 -10.09
C PRO A 92 10.75 -8.91 -9.71
N THR A 93 9.61 -8.27 -9.62
CA THR A 93 8.37 -8.91 -9.31
C THR A 93 7.24 -8.15 -10.02
N PRO A 94 6.84 -8.63 -11.19
CA PRO A 94 5.83 -7.95 -12.02
C PRO A 94 4.40 -8.05 -11.48
N ASN A 95 4.27 -8.28 -10.19
CA ASN A 95 2.96 -8.36 -9.58
C ASN A 95 2.86 -7.37 -8.45
N ALA A 96 2.29 -6.23 -8.72
CA ALA A 96 2.14 -5.20 -7.72
C ALA A 96 0.85 -5.39 -6.96
N TYR A 97 0.97 -5.64 -5.67
CA TYR A 97 -0.19 -5.84 -4.84
C TYR A 97 -0.43 -4.59 -4.03
N TYR A 98 -1.65 -4.44 -3.51
CA TYR A 98 -2.01 -3.29 -2.68
C TYR A 98 -1.84 -1.98 -3.45
N ASP A 99 -1.97 -2.07 -4.78
CA ASP A 99 -1.87 -0.92 -5.68
C ASP A 99 -0.43 -0.37 -5.79
N GLY A 100 0.54 -1.23 -5.53
CA GLY A 100 1.92 -0.81 -5.68
C GLY A 100 2.64 -0.64 -4.36
N VAL A 101 1.90 -0.79 -3.28
CA VAL A 101 2.48 -0.69 -1.93
C VAL A 101 3.56 -1.76 -1.73
N PHE A 102 3.41 -2.89 -2.40
CA PHE A 102 4.33 -3.98 -2.29
C PHE A 102 4.30 -4.79 -3.57
N CYS A 103 5.43 -5.01 -4.13
CA CYS A 103 5.54 -5.78 -5.35
C CYS A 103 5.96 -7.22 -5.00
N GLY A 104 5.28 -8.18 -5.59
CA GLY A 104 5.58 -9.58 -5.33
C GLY A 104 4.94 -10.07 -4.04
N MET A 1 -2.95 -24.30 3.79
CA MET A 1 -2.72 -24.23 2.34
C MET A 1 -2.14 -22.88 1.93
N ASN A 2 -1.82 -22.06 2.92
CA ASN A 2 -1.21 -20.77 2.67
C ASN A 2 0.28 -20.95 2.39
N MET A 3 0.59 -21.38 1.18
CA MET A 3 1.96 -21.60 0.77
C MET A 3 2.04 -21.77 -0.74
N ASP A 4 2.21 -20.66 -1.42
CA ASP A 4 2.33 -20.64 -2.87
C ASP A 4 2.66 -19.22 -3.32
N SER A 5 3.49 -19.10 -4.31
CA SER A 5 3.92 -17.79 -4.77
C SER A 5 3.80 -17.65 -6.29
N MET A 6 2.96 -18.47 -6.90
CA MET A 6 2.74 -18.37 -8.34
C MET A 6 2.09 -17.04 -8.69
N ASP A 7 2.24 -16.62 -9.94
CA ASP A 7 1.66 -15.36 -10.38
C ASP A 7 0.23 -15.56 -10.83
N LEU A 8 -0.17 -16.81 -10.84
CA LEU A 8 -1.51 -17.19 -11.22
C LEU A 8 -2.07 -18.19 -10.23
N LEU A 9 -2.88 -17.70 -9.33
CA LEU A 9 -3.49 -18.55 -8.34
C LEU A 9 -4.90 -18.92 -8.74
N GLY A 10 -5.80 -17.94 -8.70
CA GLY A 10 -7.19 -18.21 -9.04
C GLY A 10 -7.82 -19.13 -8.02
N ILE A 11 -7.40 -18.98 -6.78
CA ILE A 11 -7.88 -19.82 -5.70
C ILE A 11 -8.71 -19.00 -4.74
N ASP A 12 -9.43 -19.69 -3.87
CA ASP A 12 -10.17 -19.02 -2.81
C ASP A 12 -9.21 -18.26 -1.92
N PRO A 13 -9.65 -17.13 -1.35
CA PRO A 13 -8.81 -16.24 -0.50
C PRO A 13 -8.19 -16.95 0.72
N LYS A 14 -7.23 -17.82 0.45
CA LYS A 14 -6.49 -18.51 1.50
C LYS A 14 -5.35 -17.64 2.00
N HIS A 15 -4.82 -16.79 1.11
CA HIS A 15 -3.67 -15.94 1.42
C HIS A 15 -4.11 -14.52 1.76
N VAL A 16 -5.41 -14.32 1.89
CA VAL A 16 -5.94 -12.99 2.18
C VAL A 16 -5.77 -12.65 3.66
N CYS A 17 -5.69 -11.36 3.96
CA CYS A 17 -5.55 -10.89 5.33
C CYS A 17 -6.82 -11.15 6.14
N ILE A 18 -6.68 -11.07 7.45
CA ILE A 18 -7.80 -11.25 8.34
C ILE A 18 -8.56 -9.95 8.53
N ASN A 19 -9.81 -10.06 8.90
CA ASN A 19 -10.61 -8.87 9.08
C ASN A 19 -10.23 -8.17 10.38
N THR A 20 -9.56 -7.06 10.24
CA THR A 20 -9.11 -6.28 11.37
C THR A 20 -10.00 -5.06 11.57
N ARG A 21 -9.99 -4.51 12.77
CA ARG A 21 -10.76 -3.32 13.05
C ARG A 21 -9.87 -2.19 13.58
N ASP A 22 -8.64 -2.54 13.94
CA ASP A 22 -7.70 -1.54 14.44
C ASP A 22 -7.01 -0.85 13.29
N ILE A 23 -6.72 -1.61 12.25
CA ILE A 23 -6.11 -1.06 11.05
C ILE A 23 -7.12 -0.20 10.30
N PRO A 24 -6.70 1.00 9.88
CA PRO A 24 -7.57 1.91 9.13
C PRO A 24 -8.06 1.29 7.83
N ALA A 25 -9.26 1.69 7.42
CA ALA A 25 -9.83 1.19 6.18
C ALA A 25 -8.98 1.64 5.01
N ASN A 26 -8.91 0.79 3.98
CA ASN A 26 -8.12 1.06 2.79
C ASN A 26 -6.63 1.02 3.11
N ALA A 27 -6.27 0.08 3.98
CA ALA A 27 -4.89 -0.15 4.36
C ALA A 27 -4.57 -1.64 4.29
N GLY A 28 -3.35 -1.96 3.92
CA GLY A 28 -2.96 -3.35 3.82
C GLY A 28 -2.50 -3.89 5.14
N CYS A 29 -3.20 -4.89 5.65
CA CYS A 29 -2.87 -5.51 6.92
C CYS A 29 -2.04 -6.77 6.71
N PHE A 30 -0.90 -6.84 7.36
CA PHE A 30 -0.05 -8.01 7.30
C PHE A 30 0.11 -8.61 8.68
N ARG A 31 -0.18 -9.90 8.79
CA ARG A 31 -0.13 -10.57 10.08
C ARG A 31 1.12 -11.44 10.18
N TYR A 32 1.78 -11.37 11.32
CA TYR A 32 2.94 -12.19 11.58
C TYR A 32 2.58 -13.36 12.47
N ASP A 33 3.33 -14.44 12.39
CA ASP A 33 3.07 -15.64 13.20
C ASP A 33 3.30 -15.35 14.67
N ASN A 34 4.10 -14.35 14.94
CA ASN A 34 4.41 -13.93 16.31
C ASN A 34 3.21 -13.20 16.94
N GLY A 35 2.22 -12.87 16.12
CA GLY A 35 1.06 -12.15 16.61
C GLY A 35 1.20 -10.67 16.38
N ASN A 36 2.28 -10.28 15.74
CA ASN A 36 2.54 -8.88 15.42
C ASN A 36 1.78 -8.51 14.15
N GLU A 37 1.26 -7.30 14.10
CA GLU A 37 0.51 -6.85 12.96
C GLU A 37 1.07 -5.56 12.42
N GLU A 38 1.21 -5.48 11.13
CA GLU A 38 1.71 -4.28 10.48
C GLU A 38 0.73 -3.88 9.38
N TRP A 39 0.64 -2.60 9.13
CA TRP A 39 -0.27 -2.11 8.13
C TRP A 39 0.36 -1.04 7.27
N ARG A 40 0.05 -1.09 6.00
CA ARG A 40 0.53 -0.10 5.07
C ARG A 40 -0.64 0.68 4.51
N CYS A 41 -0.68 1.95 4.80
CA CYS A 41 -1.73 2.82 4.31
C CYS A 41 -1.56 3.00 2.80
N LEU A 42 -2.65 2.95 2.07
CA LEU A 42 -2.59 3.08 0.62
C LEU A 42 -2.17 4.47 0.20
N LEU A 43 -1.51 4.55 -0.95
CA LEU A 43 -1.01 5.80 -1.47
C LEU A 43 -2.15 6.72 -1.83
N GLY A 44 -2.03 7.96 -1.45
CA GLY A 44 -3.08 8.91 -1.69
C GLY A 44 -3.87 9.18 -0.45
N TYR A 45 -3.68 8.32 0.53
CA TYR A 45 -4.33 8.45 1.80
C TYR A 45 -3.34 8.99 2.79
N LYS A 46 -3.83 9.77 3.73
CA LYS A 46 -2.99 10.39 4.70
C LYS A 46 -3.48 10.13 6.12
N LYS A 47 -2.52 10.12 7.03
CA LYS A 47 -2.76 9.90 8.44
C LYS A 47 -3.62 11.02 9.07
N ASN A 48 -4.83 10.70 9.41
CA ASN A 48 -5.72 11.66 10.02
C ASN A 48 -6.68 10.99 10.98
N ASN A 49 -6.62 11.43 12.23
CA ASN A 49 -7.55 10.97 13.27
C ASN A 49 -7.49 9.45 13.46
N ASN A 50 -6.26 8.90 13.48
CA ASN A 50 -6.02 7.46 13.69
C ASN A 50 -6.52 6.63 12.48
N THR A 51 -6.89 7.32 11.40
CA THR A 51 -7.38 6.65 10.22
C THR A 51 -6.71 7.17 8.95
N CYS A 52 -6.95 6.48 7.85
CA CYS A 52 -6.42 6.86 6.55
C CYS A 52 -7.51 7.54 5.75
N ILE A 53 -7.30 8.80 5.41
CA ILE A 53 -8.26 9.54 4.62
C ILE A 53 -7.65 9.90 3.28
N GLU A 54 -8.47 9.99 2.26
CA GLU A 54 -8.00 10.42 0.96
C GLU A 54 -7.78 11.92 0.99
N ASP A 55 -6.56 12.36 0.74
CA ASP A 55 -6.23 13.78 0.81
C ASP A 55 -5.76 14.31 -0.54
N SER A 56 -6.28 15.47 -0.94
CA SER A 56 -5.94 16.07 -2.24
C SER A 56 -4.52 16.68 -2.24
N ASN A 57 -3.81 16.54 -1.15
CA ASN A 57 -2.44 17.01 -1.05
C ASN A 57 -1.54 15.85 -0.73
N PRO A 58 -1.23 15.05 -1.76
CA PRO A 58 -0.43 13.84 -1.62
C PRO A 58 1.03 14.12 -1.26
N THR A 59 1.29 14.23 0.02
CA THR A 59 2.65 14.35 0.53
C THR A 59 3.15 12.99 0.94
N CYS A 60 2.71 11.98 0.19
CA CYS A 60 2.98 10.56 0.43
C CYS A 60 2.15 10.01 1.57
N GLY A 61 1.34 10.89 2.20
CA GLY A 61 0.45 10.51 3.32
C GLY A 61 1.19 10.04 4.58
N ASN A 62 2.28 9.33 4.37
CA ASN A 62 3.13 8.81 5.41
C ASN A 62 4.56 9.00 4.94
N ASN A 63 5.50 9.05 5.87
CA ASN A 63 6.92 9.25 5.52
C ASN A 63 7.42 8.23 4.51
N ASN A 64 6.81 7.05 4.46
CA ASN A 64 7.23 6.01 3.51
C ASN A 64 6.25 5.93 2.33
N GLY A 65 5.35 6.90 2.24
CA GLY A 65 4.37 6.96 1.15
C GLY A 65 3.31 5.89 1.24
N GLY A 66 3.29 5.20 2.35
CA GLY A 66 2.34 4.13 2.55
C GLY A 66 2.84 2.84 1.95
N CYS A 67 3.87 2.98 1.12
CA CYS A 67 4.52 1.86 0.47
C CYS A 67 5.20 0.98 1.52
N ASP A 68 5.43 -0.28 1.16
CA ASP A 68 6.11 -1.22 2.05
C ASP A 68 7.47 -0.65 2.49
N PRO A 69 7.95 -1.03 3.70
CA PRO A 69 9.19 -0.51 4.29
C PRO A 69 10.38 -0.48 3.32
N THR A 70 10.47 -1.45 2.42
CA THR A 70 11.58 -1.51 1.48
C THR A 70 11.29 -0.72 0.19
N ALA A 71 10.07 -0.26 0.03
CA ALA A 71 9.71 0.56 -1.13
C ALA A 71 10.10 2.04 -0.87
N GLY A 72 10.28 2.80 -1.95
CA GLY A 72 10.73 4.19 -1.79
C GLY A 72 9.68 5.23 -2.15
N CYS A 73 9.40 6.12 -1.22
CA CYS A 73 8.44 7.20 -1.44
C CYS A 73 9.10 8.37 -2.18
N GLN A 74 8.40 8.90 -3.17
CA GLN A 74 8.86 10.05 -3.91
C GLN A 74 7.68 10.94 -4.27
N THR A 75 7.75 12.20 -3.90
CA THR A 75 6.67 13.13 -4.15
C THR A 75 7.13 14.26 -5.05
N ALA A 76 6.46 14.41 -6.18
CA ALA A 76 6.79 15.43 -7.13
C ALA A 76 5.54 16.08 -7.68
N GLU A 77 5.70 17.22 -8.34
CA GLU A 77 4.59 17.92 -8.94
C GLU A 77 4.46 17.49 -10.40
N ASN A 78 5.23 16.47 -10.74
CA ASN A 78 5.26 15.90 -12.07
C ASN A 78 5.26 14.40 -11.95
N ARG A 79 5.33 13.70 -13.09
CA ARG A 79 5.36 12.24 -13.11
C ARG A 79 4.03 11.66 -12.60
N GLU A 80 2.97 12.45 -12.74
CA GLU A 80 1.64 12.09 -12.25
C GLU A 80 0.96 11.08 -13.23
N ASN A 81 1.77 10.27 -13.90
CA ASN A 81 1.25 9.29 -14.85
C ASN A 81 0.64 8.11 -14.12
N SER A 82 1.31 7.65 -13.07
CA SER A 82 0.80 6.53 -12.30
C SER A 82 -0.03 7.04 -11.13
N LYS A 83 0.30 8.25 -10.68
CA LYS A 83 -0.38 8.93 -9.60
C LYS A 83 0.46 10.12 -9.18
N LYS A 84 -0.05 10.95 -8.30
CA LYS A 84 0.69 12.07 -7.78
C LYS A 84 1.83 11.59 -6.88
N ILE A 85 1.68 10.38 -6.36
CA ILE A 85 2.71 9.77 -5.55
C ILE A 85 3.50 8.79 -6.37
N ILE A 86 4.76 9.07 -6.51
CA ILE A 86 5.63 8.21 -7.25
C ILE A 86 6.35 7.30 -6.28
N CYS A 87 5.98 6.06 -6.23
CA CYS A 87 6.67 5.15 -5.35
C CYS A 87 7.66 4.33 -6.14
N THR A 88 8.79 4.11 -5.56
CA THR A 88 9.85 3.38 -6.19
C THR A 88 9.66 1.90 -5.95
N CYS A 89 9.42 1.17 -7.02
CA CYS A 89 9.23 -0.25 -6.93
C CYS A 89 10.49 -0.92 -6.43
N LYS A 90 10.33 -2.12 -5.95
CA LYS A 90 11.42 -2.87 -5.40
C LYS A 90 12.10 -3.70 -6.46
N GLU A 91 13.01 -4.55 -6.03
CA GLU A 91 13.79 -5.41 -6.93
C GLU A 91 12.90 -6.12 -7.97
N PRO A 92 13.50 -6.53 -9.11
CA PRO A 92 12.79 -7.08 -10.30
C PRO A 92 11.65 -8.05 -9.99
N THR A 93 10.48 -7.48 -9.75
CA THR A 93 9.27 -8.23 -9.54
C THR A 93 8.07 -7.38 -9.97
N PRO A 94 7.60 -7.57 -11.20
CA PRO A 94 6.48 -6.80 -11.75
C PRO A 94 5.13 -7.23 -11.17
N ASN A 95 4.98 -7.09 -9.87
CA ASN A 95 3.72 -7.44 -9.20
C ASN A 95 3.36 -6.41 -8.15
N ALA A 96 2.46 -5.53 -8.51
CA ALA A 96 2.00 -4.51 -7.59
C ALA A 96 0.83 -5.01 -6.75
N TYR A 97 1.04 -5.08 -5.47
CA TYR A 97 0.01 -5.52 -4.54
C TYR A 97 -0.46 -4.35 -3.70
N TYR A 98 -1.72 -4.40 -3.27
CA TYR A 98 -2.29 -3.38 -2.39
C TYR A 98 -2.19 -1.99 -2.99
N ASP A 99 -2.69 -1.82 -4.21
CA ASP A 99 -2.70 -0.50 -4.90
C ASP A 99 -1.28 -0.03 -5.23
N GLY A 100 -0.34 -0.96 -5.21
CA GLY A 100 1.04 -0.61 -5.49
C GLY A 100 1.82 -0.33 -4.24
N VAL A 101 1.18 -0.54 -3.10
CA VAL A 101 1.84 -0.37 -1.81
C VAL A 101 3.01 -1.34 -1.68
N PHE A 102 2.82 -2.53 -2.21
CA PHE A 102 3.83 -3.55 -2.12
C PHE A 102 4.26 -3.98 -3.52
N CYS A 103 5.54 -3.95 -3.78
CA CYS A 103 6.07 -4.33 -5.08
C CYS A 103 6.76 -5.68 -4.97
N GLY A 104 6.20 -6.68 -5.62
CA GLY A 104 6.77 -8.01 -5.58
C GLY A 104 6.48 -8.71 -4.27
N MET A 1 4.53 -23.84 0.46
CA MET A 1 3.29 -24.47 0.97
C MET A 1 2.09 -24.08 0.11
N ASN A 2 2.21 -22.95 -0.57
CA ASN A 2 1.12 -22.46 -1.40
C ASN A 2 1.50 -22.44 -2.87
N MET A 3 2.63 -23.08 -3.20
CA MET A 3 3.13 -23.13 -4.57
C MET A 3 3.29 -21.72 -5.13
N ASP A 4 3.00 -21.55 -6.43
CA ASP A 4 3.01 -20.23 -7.09
C ASP A 4 4.41 -19.69 -7.33
N SER A 5 4.55 -18.95 -8.40
CA SER A 5 5.77 -18.27 -8.73
C SER A 5 5.41 -16.88 -9.23
N MET A 6 4.56 -16.19 -8.46
CA MET A 6 4.05 -14.86 -8.81
C MET A 6 3.14 -14.97 -10.03
N ASP A 7 2.42 -16.08 -10.11
CA ASP A 7 1.54 -16.36 -11.24
C ASP A 7 0.19 -15.71 -11.04
N LEU A 8 0.08 -14.97 -9.94
CA LEU A 8 -1.14 -14.28 -9.54
C LEU A 8 -2.20 -15.28 -9.06
N LEU A 9 -2.58 -15.16 -7.81
CA LEU A 9 -3.53 -16.07 -7.21
C LEU A 9 -4.93 -15.56 -7.42
N GLY A 10 -5.40 -15.74 -8.63
CA GLY A 10 -6.76 -15.38 -8.99
C GLY A 10 -7.77 -16.34 -8.38
N ILE A 11 -7.62 -16.57 -7.09
CA ILE A 11 -8.47 -17.45 -6.34
C ILE A 11 -9.32 -16.64 -5.40
N ASP A 12 -10.34 -17.26 -4.83
CA ASP A 12 -11.15 -16.63 -3.79
C ASP A 12 -10.24 -16.19 -2.68
N PRO A 13 -10.60 -15.10 -1.98
CA PRO A 13 -9.76 -14.47 -0.95
C PRO A 13 -9.43 -15.37 0.26
N LYS A 14 -8.66 -16.41 0.00
CA LYS A 14 -8.18 -17.31 1.03
C LYS A 14 -6.92 -16.76 1.70
N HIS A 15 -6.13 -16.01 0.95
CA HIS A 15 -4.86 -15.48 1.44
C HIS A 15 -5.03 -14.06 1.98
N VAL A 16 -6.16 -13.45 1.69
CA VAL A 16 -6.44 -12.09 2.13
C VAL A 16 -6.39 -11.97 3.66
N CYS A 17 -6.08 -10.78 4.15
CA CYS A 17 -6.00 -10.48 5.57
C CYS A 17 -7.33 -10.77 6.27
N ILE A 18 -7.27 -10.93 7.58
CA ILE A 18 -8.44 -11.17 8.39
C ILE A 18 -9.28 -9.91 8.49
N ASN A 19 -10.55 -10.09 8.77
CA ASN A 19 -11.47 -8.96 8.87
C ASN A 19 -11.14 -8.14 10.11
N THR A 20 -10.55 -6.98 9.89
CA THR A 20 -10.15 -6.12 10.97
C THR A 20 -11.10 -4.93 11.11
N ARG A 21 -11.17 -4.40 12.31
CA ARG A 21 -11.97 -3.21 12.59
C ARG A 21 -11.08 -2.07 13.05
N ASP A 22 -9.85 -2.43 13.40
CA ASP A 22 -8.88 -1.45 13.89
C ASP A 22 -8.26 -0.69 12.73
N ILE A 23 -7.94 -1.42 11.68
CA ILE A 23 -7.32 -0.84 10.51
C ILE A 23 -8.36 -0.10 9.66
N PRO A 24 -8.03 1.14 9.25
CA PRO A 24 -8.92 1.97 8.42
C PRO A 24 -9.09 1.40 7.01
N ALA A 25 -9.90 2.06 6.22
CA ALA A 25 -10.12 1.66 4.85
C ALA A 25 -8.94 2.09 4.00
N ASN A 26 -8.67 1.34 2.93
CA ASN A 26 -7.56 1.62 2.03
C ASN A 26 -6.23 1.42 2.74
N ALA A 27 -6.11 0.28 3.40
CA ALA A 27 -4.89 -0.06 4.10
C ALA A 27 -4.75 -1.57 4.20
N GLY A 28 -3.53 -2.06 4.12
CA GLY A 28 -3.28 -3.47 4.21
C GLY A 28 -2.89 -3.89 5.61
N CYS A 29 -3.54 -4.92 6.11
CA CYS A 29 -3.28 -5.41 7.45
C CYS A 29 -2.47 -6.70 7.43
N PHE A 30 -1.28 -6.66 8.00
CA PHE A 30 -0.47 -7.86 8.11
C PHE A 30 -0.36 -8.25 9.57
N ARG A 31 -0.95 -9.38 9.92
CA ARG A 31 -0.94 -9.85 11.27
C ARG A 31 -0.11 -11.12 11.38
N TYR A 32 1.00 -11.00 12.06
CA TYR A 32 1.93 -12.10 12.22
C TYR A 32 1.45 -13.05 13.31
N ASP A 33 1.73 -14.33 13.11
CA ASP A 33 1.36 -15.37 14.08
C ASP A 33 2.02 -15.10 15.42
N ASN A 34 3.17 -14.42 15.37
CA ASN A 34 3.94 -14.09 16.56
C ASN A 34 3.21 -13.02 17.42
N GLY A 35 2.18 -12.42 16.85
CA GLY A 35 1.42 -11.42 17.57
C GLY A 35 1.73 -10.01 17.14
N ASN A 36 2.68 -9.89 16.22
CA ASN A 36 3.07 -8.59 15.69
C ASN A 36 2.12 -8.14 14.58
N GLU A 37 1.76 -6.87 14.60
CA GLU A 37 0.90 -6.32 13.57
C GLU A 37 1.60 -5.21 12.82
N GLU A 38 1.61 -5.30 11.52
CA GLU A 38 2.17 -4.27 10.67
C GLU A 38 1.13 -3.88 9.65
N TRP A 39 0.95 -2.59 9.48
CA TRP A 39 -0.08 -2.11 8.58
C TRP A 39 0.52 -1.17 7.54
N ARG A 40 0.08 -1.31 6.31
CA ARG A 40 0.53 -0.44 5.23
C ARG A 40 -0.63 0.34 4.67
N CYS A 41 -0.56 1.65 4.80
CA CYS A 41 -1.61 2.52 4.30
C CYS A 41 -1.39 2.76 2.81
N LEU A 42 -2.47 2.96 2.08
CA LEU A 42 -2.39 3.19 0.65
C LEU A 42 -1.89 4.59 0.34
N LEU A 43 -1.36 4.77 -0.85
CA LEU A 43 -0.81 6.05 -1.25
C LEU A 43 -1.91 7.06 -1.52
N GLY A 44 -1.67 8.28 -1.10
CA GLY A 44 -2.65 9.33 -1.26
C GLY A 44 -3.46 9.51 -0.01
N TYR A 45 -3.31 8.58 0.91
CA TYR A 45 -4.00 8.63 2.17
C TYR A 45 -3.07 9.04 3.29
N LYS A 46 -3.55 9.94 4.12
CA LYS A 46 -2.78 10.47 5.22
C LYS A 46 -3.34 9.97 6.54
N LYS A 47 -2.47 9.84 7.52
CA LYS A 47 -2.87 9.38 8.84
C LYS A 47 -3.57 10.47 9.62
N ASN A 48 -4.85 10.30 9.81
CA ASN A 48 -5.64 11.26 10.56
C ASN A 48 -6.58 10.52 11.48
N ASN A 49 -6.43 10.76 12.78
CA ASN A 49 -7.25 10.11 13.80
C ASN A 49 -7.04 8.60 13.76
N ASN A 50 -5.80 8.22 13.45
CA ASN A 50 -5.39 6.80 13.38
C ASN A 50 -6.04 6.09 12.20
N THR A 51 -6.64 6.84 11.30
CA THR A 51 -7.26 6.28 10.12
C THR A 51 -6.73 6.94 8.85
N CYS A 52 -6.74 6.19 7.77
CA CYS A 52 -6.26 6.68 6.50
C CYS A 52 -7.33 7.48 5.79
N ILE A 53 -7.10 8.78 5.63
CA ILE A 53 -8.02 9.64 4.93
C ILE A 53 -7.38 10.10 3.63
N GLU A 54 -8.18 10.36 2.62
CA GLU A 54 -7.64 10.83 1.37
C GLU A 54 -7.22 12.29 1.50
N ASP A 55 -5.96 12.56 1.28
CA ASP A 55 -5.42 13.90 1.42
C ASP A 55 -5.36 14.59 0.05
N SER A 56 -5.83 15.84 -0.02
CA SER A 56 -5.83 16.59 -1.27
C SER A 56 -4.42 17.09 -1.62
N ASN A 57 -3.54 17.08 -0.63
CA ASN A 57 -2.14 17.46 -0.82
C ASN A 57 -1.26 16.42 -0.15
N PRO A 58 -1.16 15.24 -0.76
CA PRO A 58 -0.44 14.12 -0.19
C PRO A 58 1.07 14.27 -0.27
N THR A 59 1.69 14.53 0.86
CA THR A 59 3.13 14.51 0.94
C THR A 59 3.54 13.07 1.20
N CYS A 60 3.16 12.22 0.24
CA CYS A 60 3.26 10.77 0.32
C CYS A 60 2.20 10.22 1.29
N GLY A 61 1.42 11.14 1.90
CA GLY A 61 0.36 10.76 2.86
C GLY A 61 0.93 10.14 4.15
N ASN A 62 1.99 9.41 3.99
CA ASN A 62 2.68 8.74 5.06
C ASN A 62 4.16 8.97 4.85
N ASN A 63 4.96 8.88 5.90
CA ASN A 63 6.40 9.12 5.82
C ASN A 63 7.06 8.42 4.60
N ASN A 64 6.56 7.25 4.25
CA ASN A 64 7.10 6.53 3.09
C ASN A 64 6.02 6.26 2.06
N GLY A 65 5.00 7.10 2.06
CA GLY A 65 3.92 6.97 1.09
C GLY A 65 3.01 5.80 1.36
N GLY A 66 3.28 5.08 2.43
CA GLY A 66 2.48 3.93 2.76
C GLY A 66 3.05 2.67 2.16
N CYS A 67 3.98 2.86 1.24
CA CYS A 67 4.66 1.78 0.56
C CYS A 67 5.41 0.92 1.57
N ASP A 68 5.69 -0.33 1.19
CA ASP A 68 6.45 -1.24 2.05
C ASP A 68 7.74 -0.59 2.54
N PRO A 69 8.21 -1.00 3.74
CA PRO A 69 9.41 -0.44 4.39
C PRO A 69 10.60 -0.24 3.43
N THR A 70 10.81 -1.16 2.51
CA THR A 70 11.97 -1.06 1.62
C THR A 70 11.65 -0.27 0.34
N ALA A 71 10.38 0.06 0.14
CA ALA A 71 9.97 0.85 -1.02
C ALA A 71 10.33 2.33 -0.83
N GLY A 72 10.39 3.08 -1.93
CA GLY A 72 10.76 4.48 -1.85
C GLY A 72 9.71 5.42 -2.41
N CYS A 73 9.04 6.17 -1.55
CA CYS A 73 7.99 7.08 -2.02
C CYS A 73 8.62 8.37 -2.56
N GLN A 74 7.97 8.96 -3.55
CA GLN A 74 8.43 10.21 -4.12
C GLN A 74 7.24 11.09 -4.50
N THR A 75 7.30 12.35 -4.13
CA THR A 75 6.28 13.30 -4.46
C THR A 75 6.67 14.08 -5.71
N ALA A 76 5.77 14.16 -6.67
CA ALA A 76 6.06 14.88 -7.89
C ALA A 76 4.88 15.71 -8.33
N GLU A 77 5.18 16.86 -8.91
CA GLU A 77 4.14 17.76 -9.39
C GLU A 77 3.96 17.59 -10.89
N ASN A 78 5.06 17.41 -11.61
CA ASN A 78 5.03 17.27 -13.06
C ASN A 78 5.02 15.82 -13.49
N ARG A 79 5.38 14.94 -12.59
CA ARG A 79 5.37 13.52 -12.87
C ARG A 79 4.09 12.90 -12.31
N GLU A 80 3.06 13.74 -12.24
CA GLU A 80 1.75 13.40 -11.68
C GLU A 80 0.94 12.49 -12.63
N ASN A 81 1.63 11.83 -13.56
CA ASN A 81 1.00 10.95 -14.54
C ASN A 81 0.52 9.64 -13.90
N SER A 82 1.35 9.07 -13.05
CA SER A 82 1.01 7.81 -12.40
C SER A 82 0.17 8.08 -11.17
N LYS A 83 0.38 9.24 -10.59
CA LYS A 83 -0.29 9.69 -9.38
C LYS A 83 0.50 10.88 -8.86
N LYS A 84 0.01 11.53 -7.82
CA LYS A 84 0.75 12.59 -7.19
C LYS A 84 1.97 11.99 -6.49
N ILE A 85 1.84 10.72 -6.11
CA ILE A 85 2.91 10.01 -5.46
C ILE A 85 3.44 8.92 -6.36
N ILE A 86 4.73 8.97 -6.58
CA ILE A 86 5.38 7.97 -7.39
C ILE A 86 6.25 7.11 -6.48
N CYS A 87 5.83 5.89 -6.25
CA CYS A 87 6.58 5.04 -5.38
C CYS A 87 7.56 4.20 -6.16
N THR A 88 8.71 3.99 -5.57
CA THR A 88 9.76 3.25 -6.19
C THR A 88 9.60 1.77 -5.94
N CYS A 89 9.38 1.03 -7.01
CA CYS A 89 9.24 -0.40 -6.93
C CYS A 89 10.55 -1.04 -6.56
N LYS A 90 10.48 -2.27 -6.14
CA LYS A 90 11.65 -3.00 -5.74
C LYS A 90 12.28 -3.69 -6.94
N GLU A 91 13.26 -4.56 -6.70
CA GLU A 91 13.98 -5.26 -7.78
C GLU A 91 13.00 -5.88 -8.78
N PRO A 92 13.45 -6.06 -10.06
CA PRO A 92 12.62 -6.50 -11.20
C PRO A 92 11.57 -7.55 -10.86
N THR A 93 10.40 -7.08 -10.49
CA THR A 93 9.26 -7.92 -10.18
C THR A 93 7.97 -7.16 -10.47
N PRO A 94 7.41 -7.34 -11.68
CA PRO A 94 6.19 -6.64 -12.12
C PRO A 94 4.91 -7.22 -11.49
N ASN A 95 4.95 -7.41 -10.19
CA ASN A 95 3.80 -7.92 -9.48
C ASN A 95 3.39 -6.95 -8.39
N ALA A 96 2.40 -6.15 -8.71
CA ALA A 96 1.93 -5.15 -7.78
C ALA A 96 0.84 -5.70 -6.90
N TYR A 97 1.18 -5.94 -5.65
CA TYR A 97 0.22 -6.43 -4.69
C TYR A 97 -0.26 -5.26 -3.83
N TYR A 98 -1.44 -5.39 -3.24
CA TYR A 98 -2.02 -4.34 -2.40
C TYR A 98 -2.10 -3.01 -3.15
N ASP A 99 -2.55 -3.07 -4.39
CA ASP A 99 -2.76 -1.90 -5.24
C ASP A 99 -1.43 -1.20 -5.58
N GLY A 100 -0.34 -1.90 -5.42
CA GLY A 100 0.95 -1.34 -5.75
C GLY A 100 1.79 -1.03 -4.55
N VAL A 101 1.20 -1.17 -3.37
CA VAL A 101 1.93 -0.92 -2.13
C VAL A 101 3.08 -1.93 -1.97
N PHE A 102 2.89 -3.12 -2.49
CA PHE A 102 3.89 -4.16 -2.41
C PHE A 102 4.34 -4.56 -3.81
N CYS A 103 5.65 -4.56 -4.02
CA CYS A 103 6.23 -4.85 -5.32
C CYS A 103 6.93 -6.22 -5.30
N GLY A 104 6.37 -7.16 -6.04
CA GLY A 104 6.94 -8.49 -6.13
C GLY A 104 6.56 -9.36 -4.94
N MET A 1 9.97 -2.01 -14.02
CA MET A 1 9.78 -0.99 -12.94
C MET A 1 8.68 -0.01 -13.32
N ASN A 2 8.00 -0.29 -14.42
CA ASN A 2 6.93 0.57 -14.92
C ASN A 2 6.18 -0.10 -16.06
N MET A 3 6.93 -0.59 -17.04
CA MET A 3 6.32 -1.22 -18.20
C MET A 3 6.49 -2.73 -18.16
N ASP A 4 5.53 -3.39 -17.54
CA ASP A 4 5.53 -4.85 -17.46
C ASP A 4 4.21 -5.38 -17.97
N SER A 5 3.12 -4.76 -17.52
CA SER A 5 1.76 -5.08 -17.96
C SER A 5 1.37 -6.51 -17.55
N MET A 6 2.05 -7.02 -16.55
CA MET A 6 1.79 -8.36 -16.05
C MET A 6 1.83 -8.33 -14.53
N ASP A 7 1.63 -7.13 -14.00
CA ASP A 7 1.73 -6.88 -12.57
C ASP A 7 0.50 -7.36 -11.84
N LEU A 8 -0.48 -7.79 -12.59
CA LEU A 8 -1.72 -8.30 -12.03
C LEU A 8 -1.71 -9.81 -12.02
N LEU A 9 -1.61 -10.37 -10.82
CA LEU A 9 -1.63 -11.81 -10.66
C LEU A 9 -3.06 -12.34 -10.66
N GLY A 10 -3.94 -11.67 -9.92
CA GLY A 10 -5.35 -12.06 -9.86
C GLY A 10 -5.55 -13.49 -9.42
N ILE A 11 -4.63 -13.97 -8.62
CA ILE A 11 -4.68 -15.33 -8.13
C ILE A 11 -5.64 -15.46 -6.97
N ASP A 12 -5.99 -16.69 -6.63
CA ASP A 12 -6.88 -16.97 -5.49
C ASP A 12 -6.31 -16.33 -4.22
N PRO A 13 -7.19 -15.92 -3.30
CA PRO A 13 -6.81 -15.21 -2.05
C PRO A 13 -5.87 -16.00 -1.13
N LYS A 14 -4.62 -16.11 -1.54
CA LYS A 14 -3.60 -16.78 -0.76
C LYS A 14 -3.00 -15.85 0.29
N HIS A 15 -2.98 -14.55 0.00
CA HIS A 15 -2.37 -13.60 0.92
C HIS A 15 -3.38 -12.58 1.44
N VAL A 16 -4.65 -12.89 1.28
CA VAL A 16 -5.71 -12.02 1.78
C VAL A 16 -5.71 -12.01 3.31
N CYS A 17 -5.87 -10.84 3.89
CA CYS A 17 -5.88 -10.73 5.33
C CYS A 17 -7.27 -11.00 5.88
N ILE A 18 -7.34 -11.29 7.17
CA ILE A 18 -8.60 -11.49 7.85
C ILE A 18 -9.29 -10.14 8.00
N ASN A 19 -10.60 -10.15 8.13
CA ASN A 19 -11.33 -8.90 8.32
C ASN A 19 -10.82 -8.21 9.57
N THR A 20 -10.11 -7.12 9.38
CA THR A 20 -9.52 -6.39 10.46
C THR A 20 -10.34 -5.16 10.82
N ARG A 21 -10.41 -4.88 12.10
CA ARG A 21 -11.17 -3.75 12.61
C ARG A 21 -10.23 -2.63 13.02
N ASP A 22 -9.02 -3.01 13.39
CA ASP A 22 -8.02 -2.04 13.83
C ASP A 22 -7.33 -1.35 12.66
N ILE A 23 -6.91 -2.14 11.67
CA ILE A 23 -6.27 -1.58 10.50
C ILE A 23 -7.27 -0.75 9.71
N PRO A 24 -6.93 0.51 9.41
CA PRO A 24 -7.81 1.41 8.68
C PRO A 24 -8.04 0.94 7.25
N ALA A 25 -9.21 1.23 6.71
CA ALA A 25 -9.54 0.87 5.35
C ALA A 25 -8.55 1.52 4.39
N ASN A 26 -8.29 0.83 3.28
CA ASN A 26 -7.32 1.32 2.28
C ASN A 26 -5.91 1.21 2.81
N ALA A 27 -5.63 0.10 3.47
CA ALA A 27 -4.31 -0.18 4.01
C ALA A 27 -4.01 -1.67 3.93
N GLY A 28 -2.74 -1.99 3.70
CA GLY A 28 -2.32 -3.35 3.63
C GLY A 28 -2.24 -4.00 4.99
N CYS A 29 -3.13 -4.94 5.23
CA CYS A 29 -3.22 -5.63 6.49
C CYS A 29 -2.28 -6.85 6.54
N PHE A 30 -1.17 -6.72 7.26
CA PHE A 30 -0.22 -7.82 7.40
C PHE A 30 -0.15 -8.32 8.84
N ARG A 31 -0.55 -9.55 9.06
CA ARG A 31 -0.49 -10.15 10.38
C ARG A 31 0.66 -11.15 10.44
N TYR A 32 1.54 -10.95 11.39
CA TYR A 32 2.69 -11.81 11.56
C TYR A 32 2.33 -12.98 12.44
N ASP A 33 3.00 -14.11 12.25
CA ASP A 33 2.72 -15.33 13.00
C ASP A 33 3.03 -15.15 14.49
N ASN A 34 3.91 -14.21 14.79
CA ASN A 34 4.30 -13.93 16.16
C ASN A 34 3.21 -13.14 16.91
N GLY A 35 2.19 -12.71 16.19
CA GLY A 35 1.10 -11.98 16.80
C GLY A 35 1.15 -10.51 16.47
N ASN A 36 2.27 -10.06 15.95
CA ASN A 36 2.43 -8.68 15.54
C ASN A 36 1.63 -8.41 14.27
N GLU A 37 1.21 -7.18 14.09
CA GLU A 37 0.46 -6.82 12.91
C GLU A 37 0.75 -5.38 12.50
N GLU A 38 0.98 -5.19 11.22
CA GLU A 38 1.28 -3.88 10.67
C GLU A 38 0.40 -3.59 9.47
N TRP A 39 0.31 -2.34 9.10
CA TRP A 39 -0.49 -1.94 7.98
C TRP A 39 0.20 -0.86 7.16
N ARG A 40 0.00 -0.90 5.87
CA ARG A 40 0.53 0.11 4.98
C ARG A 40 -0.58 0.80 4.25
N CYS A 41 -0.76 2.05 4.55
CA CYS A 41 -1.80 2.84 3.92
C CYS A 41 -1.47 3.12 2.46
N LEU A 42 -2.48 3.09 1.63
CA LEU A 42 -2.31 3.32 0.21
C LEU A 42 -1.84 4.75 -0.09
N LEU A 43 -1.23 4.91 -1.25
CA LEU A 43 -0.68 6.20 -1.66
C LEU A 43 -1.77 7.26 -1.77
N GLY A 44 -1.44 8.46 -1.34
CA GLY A 44 -2.39 9.56 -1.41
C GLY A 44 -3.20 9.69 -0.14
N TYR A 45 -3.05 8.73 0.74
CA TYR A 45 -3.77 8.74 1.99
C TYR A 45 -2.91 9.26 3.13
N LYS A 46 -3.49 10.13 3.93
CA LYS A 46 -2.80 10.76 5.03
C LYS A 46 -3.36 10.28 6.38
N LYS A 47 -2.52 10.28 7.39
CA LYS A 47 -2.90 9.82 8.72
C LYS A 47 -3.71 10.88 9.49
N ASN A 48 -4.95 10.55 9.77
CA ASN A 48 -5.85 11.42 10.53
C ASN A 48 -6.66 10.61 11.51
N ASN A 49 -6.45 10.85 12.80
CA ASN A 49 -7.18 10.14 13.87
C ASN A 49 -6.95 8.64 13.79
N ASN A 50 -5.70 8.24 13.51
CA ASN A 50 -5.28 6.82 13.40
C ASN A 50 -5.78 6.16 12.11
N THR A 51 -6.62 6.87 11.37
CA THR A 51 -7.13 6.37 10.11
C THR A 51 -6.52 7.10 8.93
N CYS A 52 -6.29 6.39 7.85
CA CYS A 52 -5.72 6.99 6.66
C CYS A 52 -6.82 7.46 5.71
N ILE A 53 -6.90 8.77 5.54
CA ILE A 53 -7.91 9.38 4.69
C ILE A 53 -7.33 9.87 3.38
N GLU A 54 -8.16 10.01 2.36
CA GLU A 54 -7.72 10.52 1.07
C GLU A 54 -7.53 12.02 1.20
N ASP A 55 -6.31 12.50 0.96
CA ASP A 55 -5.99 13.91 1.17
C ASP A 55 -5.75 14.65 -0.15
N SER A 56 -6.35 15.83 -0.27
CA SER A 56 -6.23 16.65 -1.48
C SER A 56 -4.81 17.24 -1.63
N ASN A 57 -4.07 17.27 -0.52
CA ASN A 57 -2.69 17.76 -0.54
C ASN A 57 -1.77 16.64 -0.10
N PRO A 58 -1.49 15.71 -1.00
CA PRO A 58 -0.71 14.54 -0.69
C PRO A 58 0.80 14.76 -0.76
N THR A 59 1.40 15.09 0.37
CA THR A 59 2.83 15.18 0.47
C THR A 59 3.38 13.80 0.82
N CYS A 60 2.91 12.83 0.05
CA CYS A 60 3.15 11.40 0.23
C CYS A 60 2.23 10.87 1.35
N GLY A 61 1.46 11.77 1.97
CA GLY A 61 0.50 11.41 3.03
C GLY A 61 1.13 10.81 4.31
N ASN A 62 2.20 10.07 4.13
CA ASN A 62 2.91 9.41 5.20
C ASN A 62 4.39 9.58 4.96
N ASN A 63 5.18 9.48 6.03
CA ASN A 63 6.65 9.59 5.97
C ASN A 63 7.21 8.82 4.76
N ASN A 64 6.64 7.66 4.47
CA ASN A 64 7.09 6.86 3.34
C ASN A 64 5.96 6.64 2.33
N GLY A 65 5.01 7.56 2.31
CA GLY A 65 3.90 7.50 1.37
C GLY A 65 2.86 6.46 1.72
N GLY A 66 3.22 5.58 2.63
CA GLY A 66 2.32 4.52 3.01
C GLY A 66 2.83 3.22 2.48
N CYS A 67 3.80 3.30 1.59
CA CYS A 67 4.44 2.13 1.02
C CYS A 67 5.18 1.37 2.10
N ASP A 68 5.40 0.07 1.88
CA ASP A 68 6.19 -0.74 2.80
C ASP A 68 7.52 -0.06 3.08
N PRO A 69 8.06 -0.20 4.31
CA PRO A 69 9.36 0.35 4.71
C PRO A 69 10.47 0.16 3.66
N THR A 70 10.41 -0.94 2.92
CA THR A 70 11.44 -1.22 1.93
C THR A 70 11.17 -0.53 0.59
N ALA A 71 9.98 0.04 0.45
CA ALA A 71 9.63 0.78 -0.77
C ALA A 71 10.05 2.24 -0.63
N GLY A 72 10.16 2.93 -1.75
CA GLY A 72 10.65 4.30 -1.72
C GLY A 72 9.59 5.34 -2.06
N CYS A 73 9.28 6.21 -1.12
CA CYS A 73 8.34 7.30 -1.36
C CYS A 73 9.01 8.40 -2.20
N GLN A 74 8.36 8.79 -3.28
CA GLN A 74 8.87 9.86 -4.11
C GLN A 74 7.74 10.84 -4.42
N THR A 75 7.96 12.08 -4.11
CA THR A 75 6.97 13.09 -4.38
C THR A 75 7.47 14.06 -5.42
N ALA A 76 6.92 13.96 -6.61
CA ALA A 76 7.31 14.82 -7.68
C ALA A 76 6.09 15.44 -8.32
N GLU A 77 6.02 16.74 -8.29
CA GLU A 77 4.90 17.46 -8.86
C GLU A 77 5.04 17.55 -10.37
N ASN A 78 6.05 16.88 -10.88
CA ASN A 78 6.29 16.78 -12.31
C ASN A 78 5.43 15.67 -12.90
N ARG A 79 5.14 14.67 -12.07
CA ARG A 79 4.37 13.51 -12.49
C ARG A 79 3.03 13.46 -11.75
N GLU A 80 1.96 13.44 -12.51
CA GLU A 80 0.62 13.35 -11.93
C GLU A 80 -0.32 12.63 -12.91
N ASN A 81 0.28 11.89 -13.84
CA ASN A 81 -0.49 11.19 -14.86
C ASN A 81 -1.19 9.95 -14.30
N SER A 82 -0.46 9.20 -13.49
CA SER A 82 -1.00 7.96 -12.94
C SER A 82 -1.22 8.09 -11.43
N LYS A 83 -0.50 9.00 -10.80
CA LYS A 83 -0.58 9.21 -9.37
C LYS A 83 0.20 10.46 -9.01
N LYS A 84 -0.26 11.17 -7.99
CA LYS A 84 0.45 12.33 -7.50
C LYS A 84 1.66 11.89 -6.70
N ILE A 85 1.58 10.66 -6.19
CA ILE A 85 2.66 10.07 -5.42
C ILE A 85 3.30 8.95 -6.21
N ILE A 86 4.58 9.03 -6.36
CA ILE A 86 5.32 8.03 -7.09
C ILE A 86 6.08 7.16 -6.12
N CYS A 87 5.69 5.92 -5.98
CA CYS A 87 6.40 5.05 -5.08
C CYS A 87 7.32 4.13 -5.87
N THR A 88 8.48 3.86 -5.32
CA THR A 88 9.47 3.04 -5.97
C THR A 88 9.22 1.55 -5.71
N CYS A 89 8.91 0.84 -6.77
CA CYS A 89 8.67 -0.59 -6.73
C CYS A 89 9.95 -1.35 -6.31
N LYS A 90 9.78 -2.60 -5.96
CA LYS A 90 10.87 -3.44 -5.47
C LYS A 90 11.59 -4.10 -6.65
N GLU A 91 12.53 -4.99 -6.34
CA GLU A 91 13.28 -5.74 -7.35
C GLU A 91 12.34 -6.38 -8.37
N PRO A 92 12.85 -6.74 -9.58
CA PRO A 92 12.05 -7.29 -10.70
C PRO A 92 11.01 -8.30 -10.28
N THR A 93 9.84 -7.81 -9.98
CA THR A 93 8.74 -8.63 -9.60
C THR A 93 7.45 -8.04 -10.14
N PRO A 94 6.96 -8.58 -11.27
CA PRO A 94 5.71 -8.11 -11.89
C PRO A 94 4.48 -8.49 -11.06
N ASN A 95 4.50 -8.14 -9.80
CA ASN A 95 3.41 -8.40 -8.88
C ASN A 95 3.16 -7.18 -8.02
N ALA A 96 2.20 -6.38 -8.42
CA ALA A 96 1.87 -5.17 -7.70
C ALA A 96 0.78 -5.44 -6.70
N TYR A 97 1.14 -5.51 -5.45
CA TYR A 97 0.18 -5.80 -4.40
C TYR A 97 -0.26 -4.51 -3.75
N TYR A 98 -1.51 -4.50 -3.29
CA TYR A 98 -2.06 -3.38 -2.54
C TYR A 98 -1.94 -2.06 -3.32
N ASP A 99 -2.14 -2.15 -4.64
CA ASP A 99 -2.12 -0.97 -5.54
C ASP A 99 -0.71 -0.36 -5.65
N GLY A 100 0.30 -1.17 -5.44
CA GLY A 100 1.67 -0.69 -5.60
C GLY A 100 2.37 -0.43 -4.29
N VAL A 101 1.68 -0.73 -3.20
CA VAL A 101 2.25 -0.55 -1.86
C VAL A 101 3.33 -1.61 -1.58
N PHE A 102 3.25 -2.72 -2.29
CA PHE A 102 4.16 -3.81 -2.11
C PHE A 102 4.39 -4.54 -3.42
N CYS A 103 5.64 -4.75 -3.77
CA CYS A 103 6.00 -5.42 -5.00
C CYS A 103 6.63 -6.77 -4.70
N GLY A 104 6.06 -7.82 -5.29
CA GLY A 104 6.61 -9.17 -5.10
C GLY A 104 6.41 -9.70 -3.70
N MET A 1 -21.61 -23.09 -18.58
CA MET A 1 -21.68 -21.72 -18.00
C MET A 1 -20.31 -21.22 -17.58
N ASN A 2 -19.64 -20.55 -18.50
CA ASN A 2 -18.31 -20.03 -18.24
C ASN A 2 -18.41 -18.63 -17.64
N MET A 3 -17.81 -18.46 -16.49
CA MET A 3 -17.85 -17.19 -15.79
C MET A 3 -16.45 -16.64 -15.61
N ASP A 4 -16.35 -15.34 -15.38
CA ASP A 4 -15.06 -14.70 -15.21
C ASP A 4 -15.06 -13.80 -13.98
N SER A 5 -13.92 -13.69 -13.34
CA SER A 5 -13.77 -12.87 -12.15
C SER A 5 -12.32 -12.40 -12.03
N MET A 6 -11.68 -12.22 -13.18
CA MET A 6 -10.28 -11.78 -13.25
C MET A 6 -9.35 -12.82 -12.66
N ASP A 7 -9.06 -12.66 -11.40
CA ASP A 7 -8.17 -13.58 -10.68
C ASP A 7 -8.68 -13.80 -9.28
N LEU A 8 -9.93 -13.43 -9.04
CA LEU A 8 -10.53 -13.57 -7.73
C LEU A 8 -10.84 -15.03 -7.43
N LEU A 9 -10.46 -15.47 -6.24
CA LEU A 9 -10.71 -16.83 -5.83
C LEU A 9 -11.97 -16.88 -4.97
N GLY A 10 -12.30 -15.74 -4.35
CA GLY A 10 -13.51 -15.62 -3.55
C GLY A 10 -13.46 -16.46 -2.29
N ILE A 11 -12.28 -16.88 -1.92
CA ILE A 11 -12.10 -17.74 -0.77
C ILE A 11 -11.78 -16.92 0.47
N ASP A 12 -11.89 -17.58 1.62
CA ASP A 12 -11.53 -16.97 2.88
C ASP A 12 -10.06 -16.57 2.85
N PRO A 13 -9.70 -15.50 3.57
CA PRO A 13 -8.32 -14.97 3.61
C PRO A 13 -7.29 -15.97 4.16
N LYS A 14 -6.99 -16.99 3.35
CA LYS A 14 -6.00 -17.98 3.72
C LYS A 14 -4.59 -17.46 3.44
N HIS A 15 -4.47 -16.62 2.41
CA HIS A 15 -3.18 -16.03 2.06
C HIS A 15 -3.23 -14.51 2.16
N VAL A 16 -4.42 -13.95 2.07
CA VAL A 16 -4.61 -12.53 2.15
C VAL A 16 -4.98 -12.15 3.57
N CYS A 17 -4.72 -10.92 3.96
CA CYS A 17 -5.05 -10.46 5.30
C CYS A 17 -6.54 -10.63 5.57
N ILE A 18 -6.87 -10.93 6.82
CA ILE A 18 -8.24 -11.12 7.23
C ILE A 18 -8.96 -9.78 7.25
N ASN A 19 -10.27 -9.80 7.10
CA ASN A 19 -11.02 -8.57 7.17
C ASN A 19 -10.89 -7.98 8.57
N THR A 20 -10.15 -6.91 8.67
CA THR A 20 -9.88 -6.28 9.94
C THR A 20 -10.78 -5.06 10.13
N ARG A 21 -11.43 -5.01 11.28
CA ARG A 21 -12.30 -3.90 11.61
C ARG A 21 -11.54 -2.84 12.38
N ASP A 22 -10.35 -3.21 12.84
CA ASP A 22 -9.50 -2.30 13.59
C ASP A 22 -8.76 -1.37 12.63
N ILE A 23 -8.12 -1.97 11.63
CA ILE A 23 -7.43 -1.21 10.60
C ILE A 23 -8.46 -0.58 9.66
N PRO A 24 -8.31 0.73 9.38
CA PRO A 24 -9.22 1.47 8.50
C PRO A 24 -9.13 0.98 7.05
N ALA A 25 -10.11 1.38 6.25
CA ALA A 25 -10.13 1.03 4.83
C ALA A 25 -8.97 1.72 4.10
N ASN A 26 -8.54 1.12 3.00
CA ASN A 26 -7.40 1.62 2.21
C ASN A 26 -6.11 1.52 3.00
N ALA A 27 -5.92 0.39 3.65
CA ALA A 27 -4.71 0.14 4.41
C ALA A 27 -4.40 -1.35 4.40
N GLY A 28 -3.13 -1.67 4.30
CA GLY A 28 -2.71 -3.04 4.29
C GLY A 28 -2.36 -3.54 5.67
N CYS A 29 -2.98 -4.64 6.06
CA CYS A 29 -2.73 -5.24 7.36
C CYS A 29 -1.86 -6.48 7.22
N PHE A 30 -0.68 -6.44 7.81
CA PHE A 30 0.21 -7.59 7.76
C PHE A 30 0.33 -8.21 9.15
N ARG A 31 -0.15 -9.44 9.28
CA ARG A 31 -0.15 -10.12 10.55
C ARG A 31 0.94 -11.18 10.61
N TYR A 32 1.83 -11.03 11.57
CA TYR A 32 2.91 -11.97 11.77
C TYR A 32 2.60 -12.88 12.94
N ASP A 33 2.97 -14.14 12.82
CA ASP A 33 2.68 -15.14 13.88
C ASP A 33 3.48 -14.84 15.14
N ASN A 34 4.59 -14.14 14.99
CA ASN A 34 5.44 -13.78 16.13
C ASN A 34 4.74 -12.71 17.00
N GLY A 35 3.68 -12.13 16.47
CA GLY A 35 2.97 -11.09 17.19
C GLY A 35 3.28 -9.72 16.65
N ASN A 36 4.36 -9.62 15.90
CA ASN A 36 4.77 -8.36 15.28
C ASN A 36 3.67 -7.81 14.40
N GLU A 37 3.52 -6.52 14.43
CA GLU A 37 2.50 -5.85 13.68
C GLU A 37 3.11 -4.96 12.61
N GLU A 38 2.42 -4.84 11.49
CA GLU A 38 2.86 -3.98 10.41
C GLU A 38 1.66 -3.58 9.59
N TRP A 39 1.49 -2.31 9.38
CA TRP A 39 0.38 -1.81 8.62
C TRP A 39 0.87 -0.78 7.61
N ARG A 40 0.29 -0.77 6.45
CA ARG A 40 0.66 0.20 5.44
C ARG A 40 -0.56 0.91 4.91
N CYS A 41 -0.67 2.19 5.18
CA CYS A 41 -1.78 2.98 4.68
C CYS A 41 -1.49 3.36 3.24
N LEU A 42 -2.49 3.22 2.39
CA LEU A 42 -2.32 3.50 0.96
C LEU A 42 -1.94 4.94 0.73
N LEU A 43 -1.05 5.14 -0.22
CA LEU A 43 -0.58 6.46 -0.57
C LEU A 43 -1.71 7.29 -1.13
N GLY A 44 -1.77 8.52 -0.70
CA GLY A 44 -2.85 9.40 -1.07
C GLY A 44 -3.82 9.53 0.06
N TYR A 45 -3.70 8.60 0.99
CA TYR A 45 -4.50 8.59 2.18
C TYR A 45 -3.65 8.95 3.38
N LYS A 46 -4.17 9.81 4.21
CA LYS A 46 -3.45 10.30 5.36
C LYS A 46 -4.10 9.79 6.65
N LYS A 47 -3.28 9.65 7.69
CA LYS A 47 -3.74 9.18 8.98
C LYS A 47 -4.47 10.27 9.75
N ASN A 48 -5.77 10.14 9.85
CA ASN A 48 -6.58 11.09 10.57
C ASN A 48 -7.55 10.35 11.44
N ASN A 49 -7.45 10.57 12.74
CA ASN A 49 -8.37 9.95 13.71
C ASN A 49 -8.22 8.41 13.67
N ASN A 50 -6.98 7.95 13.46
CA ASN A 50 -6.67 6.50 13.38
C ASN A 50 -7.39 5.88 12.17
N THR A 51 -7.68 6.71 11.18
CA THR A 51 -8.34 6.28 9.98
C THR A 51 -7.59 6.80 8.77
N CYS A 52 -7.65 6.08 7.67
CA CYS A 52 -7.01 6.51 6.44
C CYS A 52 -8.01 7.24 5.57
N ILE A 53 -7.80 8.53 5.43
CA ILE A 53 -8.70 9.36 4.63
C ILE A 53 -7.95 9.88 3.42
N GLU A 54 -8.65 10.06 2.31
CA GLU A 54 -8.02 10.60 1.13
C GLU A 54 -7.63 12.05 1.38
N ASP A 55 -6.36 12.32 1.28
CA ASP A 55 -5.85 13.65 1.55
C ASP A 55 -5.44 14.33 0.27
N SER A 56 -5.86 15.58 0.10
CA SER A 56 -5.56 16.34 -1.10
C SER A 56 -4.14 16.93 -1.03
N ASN A 57 -3.43 16.58 0.03
CA ASN A 57 -2.05 17.01 0.22
C ASN A 57 -1.11 15.82 0.00
N PRO A 58 -0.64 15.65 -1.24
CA PRO A 58 0.22 14.52 -1.61
C PRO A 58 1.63 14.60 -1.01
N THR A 59 1.73 14.36 0.27
CA THR A 59 3.01 14.29 0.96
C THR A 59 3.42 12.83 1.10
N CYS A 60 2.97 12.02 0.13
CA CYS A 60 3.18 10.57 0.09
C CYS A 60 2.20 9.86 1.04
N GLY A 61 1.37 10.65 1.73
CA GLY A 61 0.36 10.13 2.68
C GLY A 61 0.98 9.51 3.93
N ASN A 62 2.11 8.87 3.74
CA ASN A 62 2.85 8.25 4.81
C ASN A 62 4.33 8.53 4.59
N ASN A 63 5.10 8.49 5.66
CA ASN A 63 6.56 8.74 5.60
C ASN A 63 7.23 7.98 4.46
N ASN A 64 6.77 6.76 4.21
CA ASN A 64 7.35 5.93 3.16
C ASN A 64 6.39 5.80 1.98
N GLY A 65 5.52 6.80 1.82
CA GLY A 65 4.54 6.82 0.73
C GLY A 65 3.57 5.67 0.79
N GLY A 66 3.41 5.12 1.98
CA GLY A 66 2.50 4.00 2.18
C GLY A 66 3.08 2.71 1.65
N CYS A 67 4.12 2.85 0.87
CA CYS A 67 4.80 1.76 0.24
C CYS A 67 5.61 0.92 1.23
N ASP A 68 5.89 -0.32 0.82
CA ASP A 68 6.69 -1.27 1.59
C ASP A 68 7.99 -0.63 2.09
N PRO A 69 8.44 -1.03 3.29
CA PRO A 69 9.66 -0.52 3.95
C PRO A 69 10.85 -0.34 2.99
N THR A 70 11.09 -1.31 2.13
CA THR A 70 12.22 -1.26 1.22
C THR A 70 11.89 -0.55 -0.10
N ALA A 71 10.64 -0.13 -0.24
CA ALA A 71 10.23 0.65 -1.40
C ALA A 71 10.57 2.13 -1.16
N GLY A 72 10.64 2.91 -2.22
CA GLY A 72 11.06 4.29 -2.08
C GLY A 72 9.95 5.30 -2.38
N CYS A 73 9.73 6.23 -1.47
CA CYS A 73 8.75 7.29 -1.69
C CYS A 73 9.42 8.48 -2.41
N GLN A 74 8.75 9.02 -3.41
CA GLN A 74 9.27 10.15 -4.15
C GLN A 74 8.14 11.13 -4.49
N THR A 75 8.32 12.38 -4.14
CA THR A 75 7.32 13.38 -4.41
C THR A 75 7.74 14.28 -5.58
N ALA A 76 6.82 14.52 -6.49
CA ALA A 76 7.09 15.36 -7.63
C ALA A 76 5.91 16.28 -7.91
N GLU A 77 6.18 17.40 -8.55
CA GLU A 77 5.12 18.36 -8.86
C GLU A 77 4.63 18.23 -10.30
N ASN A 78 5.57 18.08 -11.23
CA ASN A 78 5.22 17.94 -12.64
C ASN A 78 5.20 16.49 -13.07
N ARG A 79 6.05 15.69 -12.45
CA ARG A 79 6.12 14.27 -12.75
C ARG A 79 4.90 13.56 -12.16
N GLU A 80 3.89 13.41 -12.97
CA GLU A 80 2.64 12.82 -12.54
C GLU A 80 2.28 11.64 -13.41
N ASN A 81 3.29 11.10 -14.07
CA ASN A 81 3.09 10.00 -14.99
C ASN A 81 2.45 8.79 -14.30
N SER A 82 2.89 8.50 -13.09
CA SER A 82 2.35 7.38 -12.34
C SER A 82 1.16 7.81 -11.46
N LYS A 83 1.15 9.09 -11.08
CA LYS A 83 0.10 9.64 -10.22
C LYS A 83 0.42 11.09 -9.83
N LYS A 84 1.39 11.19 -8.96
CA LYS A 84 1.86 12.44 -8.37
C LYS A 84 2.86 12.04 -7.33
N ILE A 85 2.57 10.92 -6.70
CA ILE A 85 3.48 10.29 -5.79
C ILE A 85 4.16 9.16 -6.53
N ILE A 86 5.44 9.31 -6.76
CA ILE A 86 6.19 8.31 -7.45
C ILE A 86 6.79 7.36 -6.44
N CYS A 87 6.34 6.15 -6.43
CA CYS A 87 6.89 5.21 -5.50
C CYS A 87 7.75 4.21 -6.21
N THR A 88 8.91 3.97 -5.67
CA THR A 88 9.84 3.08 -6.26
C THR A 88 9.58 1.66 -5.83
N CYS A 89 9.07 0.88 -6.77
CA CYS A 89 8.79 -0.52 -6.56
C CYS A 89 10.09 -1.27 -6.22
N LYS A 90 9.96 -2.45 -5.71
CA LYS A 90 11.08 -3.24 -5.28
C LYS A 90 11.64 -4.01 -6.49
N GLU A 91 12.56 -4.93 -6.23
CA GLU A 91 13.18 -5.74 -7.29
C GLU A 91 12.10 -6.33 -8.21
N PRO A 92 12.48 -6.67 -9.47
CA PRO A 92 11.56 -7.17 -10.50
C PRO A 92 10.51 -8.13 -9.99
N THR A 93 9.37 -7.56 -9.68
CA THR A 93 8.25 -8.30 -9.18
C THR A 93 6.97 -7.73 -9.77
N PRO A 94 6.48 -8.34 -10.85
CA PRO A 94 5.28 -7.87 -11.57
C PRO A 94 3.96 -8.11 -10.81
N ASN A 95 4.03 -8.19 -9.50
CA ASN A 95 2.83 -8.39 -8.70
C ASN A 95 2.69 -7.29 -7.69
N ALA A 96 1.86 -6.32 -8.01
CA ALA A 96 1.59 -5.20 -7.15
C ALA A 96 0.41 -5.50 -6.25
N TYR A 97 0.70 -5.77 -5.00
CA TYR A 97 -0.33 -6.06 -4.02
C TYR A 97 -0.67 -4.82 -3.24
N TYR A 98 -1.84 -4.82 -2.61
CA TYR A 98 -2.29 -3.72 -1.77
C TYR A 98 -2.24 -2.38 -2.51
N ASP A 99 -2.79 -2.38 -3.74
CA ASP A 99 -2.87 -1.17 -4.57
C ASP A 99 -1.50 -0.65 -5.02
N GLY A 100 -0.49 -1.51 -4.95
CA GLY A 100 0.84 -1.10 -5.37
C GLY A 100 1.72 -0.75 -4.20
N VAL A 101 1.21 -1.00 -3.02
CA VAL A 101 1.95 -0.75 -1.79
C VAL A 101 3.05 -1.81 -1.60
N PHE A 102 2.81 -2.99 -2.13
CA PHE A 102 3.71 -4.09 -1.95
C PHE A 102 4.04 -4.72 -3.29
N CYS A 103 5.31 -4.85 -3.54
CA CYS A 103 5.82 -5.46 -4.74
C CYS A 103 6.39 -6.83 -4.40
N GLY A 104 5.84 -7.88 -4.98
CA GLY A 104 6.34 -9.21 -4.71
C GLY A 104 5.24 -10.24 -4.61
#